data_4YZ5
#
_entry.id   4YZ5
#
_cell.length_a   73.470
_cell.length_b   136.570
_cell.length_c   150.070
_cell.angle_alpha   90.000
_cell.angle_beta   90.000
_cell.angle_gamma   90.000
#
_symmetry.space_group_name_H-M   'P 21 21 21'
#
loop_
_entity.id
_entity.type
_entity.pdbx_description
1 polymer 'Putative neuraminidase'
2 branched 'N-acetyl-alpha-neuraminic acid-(2-3)-beta-D-galactopyranose-(1-4)-alpha-D-glucopyranose'
3 non-polymer '2-DEOXY-2,3-DEHYDRO-N-ACETYL-NEURAMINIC ACID'
4 non-polymer 'SULFATE ION'
5 water water
#
_entity_poly.entity_id   1
_entity_poly.type   'polypeptide(L)'
_entity_poly.pdbx_seq_one_letter_code
;MAHHHHHHSSGLEVLFQGPNTPVLEKNNVTLTGGGENVTKELKDKFTSGDFTVVIKYNQSSEKGLQALFGISNSKPGQQN
SYVDVFLRDNGELGMEARDTSSNKNNLVSRPASVWGKYKQEAVTNTVAVVADSVKKTYSLYANGTKVVEKKVDNFLNIKD
IKGIDYYMLGGVKRAGKTAFGFNGTLENIKFFNSALDEETVKKMTTNAVTGHLIYTANDTTGSNYFRIPVLYTFSNGRVF
SSIDARYGGTHDFLNKINIATSYSDDNGKTWTKPKLTLAFDDFAPVPLEWPREVGGRDLQISGGATYIDSVIVEKKNKQV
LMFADVMPAGVSFREATRKDSGYKQIDGNYYLKLRKQGDTDYNYTIRENGTVYDDRTNRPTEFSVDKNFGIKQNGNYLTV
EQYSVSFENNKKTEYRNGTKVHMNIFYKDALFKVVPTNYIAYISSNDHGESWSAPTLLPPIMGLNRNAPYLGPGRGIIES
STGRILIPSYTGKESAFIYSDDNGASWKVKVVPLPSSWSAEAQFVELSPGVIQAYMRTNNGKIAYLTSKDAGTTWSAPEY
LKFVSNPSYGTQLSIINYSQLIDGKKAVILSTPNSTNGRKHGQIWIGLINDDNTIDWRYHHDVDYSNYGYSYSTLTELPN
HEIGLMFEKFDSWSRNELHMKNVVPYITFKIEDLKKN
;
_entity_poly.pdbx_strand_id   A,B
#
# COMPACT_ATOMS: atom_id res chain seq x y z
N THR A 21 28.99 19.36 58.48
CA THR A 21 28.60 20.72 57.95
C THR A 21 29.74 21.55 57.31
N PRO A 22 29.38 22.46 56.38
CA PRO A 22 30.43 23.26 55.71
C PRO A 22 31.25 24.19 56.62
N VAL A 23 32.56 24.17 56.43
CA VAL A 23 33.43 25.24 56.95
C VAL A 23 33.26 26.57 56.21
N LEU A 24 32.81 26.51 54.95
CA LEU A 24 32.50 27.70 54.17
C LEU A 24 31.40 27.35 53.18
N GLU A 25 30.46 28.26 52.99
CA GLU A 25 29.46 28.16 51.94
C GLU A 25 29.20 29.53 51.32
N LYS A 26 29.38 29.61 50.01
CA LYS A 26 29.12 30.84 49.25
C LYS A 26 28.11 30.55 48.15
N ASN A 27 27.49 31.60 47.61
CA ASN A 27 26.41 31.50 46.64
C ASN A 27 26.48 32.56 45.58
N ASN A 28 25.86 32.27 44.44
CA ASN A 28 25.78 33.19 43.30
C ASN A 28 26.99 34.12 43.17
N VAL A 29 28.11 33.47 42.87
CA VAL A 29 29.38 34.13 42.65
C VAL A 29 29.58 34.10 41.15
N THR A 30 29.28 35.21 40.48
CA THR A 30 29.50 35.33 39.05
C THR A 30 30.91 35.82 38.76
N LEU A 31 31.55 35.22 37.76
CA LEU A 31 32.96 35.46 37.51
C LEU A 31 33.19 35.42 36.04
N THR A 32 34.20 36.16 35.61
CA THR A 32 34.64 36.13 34.24
C THR A 32 36.16 36.21 34.20
N GLY A 33 36.77 35.15 34.71
CA GLY A 33 38.22 34.99 34.71
C GLY A 33 38.95 35.51 35.94
N GLY A 34 38.32 36.39 36.72
CA GLY A 34 39.04 37.15 37.75
C GLY A 34 39.18 36.47 39.11
N GLY A 35 38.23 35.59 39.42
CA GLY A 35 38.25 34.86 40.68
C GLY A 35 37.80 35.68 41.86
N GLU A 36 37.82 35.07 43.04
CA GLU A 36 37.47 35.74 44.27
C GLU A 36 38.28 35.13 45.42
N ASN A 37 39.01 35.98 46.15
CA ASN A 37 39.79 35.54 47.30
C ASN A 37 38.88 35.16 48.49
N VAL A 38 39.10 33.97 49.04
CA VAL A 38 38.45 33.51 50.27
C VAL A 38 39.51 33.01 51.28
N THR A 39 40.71 33.58 51.24
CA THR A 39 41.81 33.10 52.08
C THR A 39 41.49 33.29 53.56
N LYS A 40 40.96 34.45 53.89
CA LYS A 40 40.58 34.78 55.25
C LYS A 40 39.55 33.76 55.79
N GLU A 41 38.60 33.36 54.94
CA GLU A 41 37.53 32.42 55.31
C GLU A 41 37.98 30.97 55.54
N LEU A 42 38.96 30.51 54.77
CA LEU A 42 39.41 29.10 54.79
C LEU A 42 40.78 28.81 55.41
N LYS A 43 41.67 29.80 55.48
CA LYS A 43 43.00 29.60 56.07
C LYS A 43 42.69 29.14 57.52
N ASP A 44 43.31 28.08 58.05
CA ASP A 44 43.02 27.68 59.46
C ASP A 44 41.74 26.82 59.65
N LYS A 45 40.97 26.52 58.59
CA LYS A 45 39.81 25.61 58.71
C LYS A 45 40.18 24.13 58.50
N PHE A 46 41.24 23.84 57.76
CA PHE A 46 41.53 22.46 57.34
C PHE A 46 42.49 21.74 58.30
N THR A 47 41.91 21.20 59.38
CA THR A 47 42.69 20.64 60.48
C THR A 47 43.49 19.37 60.06
N SER A 48 42.84 18.30 59.58
CA SER A 48 43.56 17.08 59.15
C SER A 48 44.33 17.25 57.83
N GLY A 49 43.78 18.06 56.93
CA GLY A 49 44.29 18.17 55.57
C GLY A 49 43.30 17.63 54.55
N ASP A 50 42.49 16.64 54.96
CA ASP A 50 41.43 16.11 54.09
C ASP A 50 40.36 17.14 53.79
N PHE A 51 39.64 16.93 52.69
CA PHE A 51 38.64 17.87 52.23
C PHE A 51 37.65 17.27 51.27
N THR A 52 36.46 17.87 51.27
CA THR A 52 35.44 17.62 50.28
C THR A 52 34.97 18.99 49.83
N VAL A 53 34.77 19.16 48.53
CA VAL A 53 34.24 20.39 47.97
C VAL A 53 33.14 20.01 47.00
N VAL A 54 31.97 20.63 47.15
CA VAL A 54 30.83 20.39 46.27
C VAL A 54 30.50 21.71 45.60
N ILE A 55 30.41 21.67 44.26
CA ILE A 55 30.23 22.86 43.44
C ILE A 55 29.06 22.72 42.48
N LYS A 56 28.07 23.59 42.65
CA LYS A 56 26.97 23.72 41.71
C LYS A 56 27.31 24.95 40.90
N TYR A 57 27.53 24.76 39.60
CA TYR A 57 28.01 25.83 38.74
C TYR A 57 27.34 25.75 37.38
N ASN A 58 27.44 26.83 36.62
CA ASN A 58 27.17 26.77 35.19
C ASN A 58 28.17 27.69 34.48
N GLN A 59 28.66 27.26 33.33
CA GLN A 59 29.65 28.05 32.60
C GLN A 59 29.00 29.00 31.60
N SER A 60 29.55 30.21 31.50
CA SER A 60 29.16 31.18 30.47
C SER A 60 30.06 31.08 29.24
N SER A 61 31.27 30.55 29.44
CA SER A 61 32.18 30.22 28.36
C SER A 61 32.86 28.93 28.73
N GLU A 62 32.86 27.99 27.80
CA GLU A 62 33.54 26.71 28.01
C GLU A 62 35.02 26.71 27.64
N LYS A 63 35.52 27.75 26.96
CA LYS A 63 36.87 27.72 26.39
C LYS A 63 37.97 27.70 27.44
N GLY A 64 39.05 27.00 27.12
CA GLY A 64 40.22 26.96 27.98
C GLY A 64 40.07 26.02 29.17
N LEU A 65 41.13 25.94 29.96
CA LEU A 65 41.12 25.16 31.17
C LEU A 65 40.67 26.07 32.30
N GLN A 66 39.64 25.65 33.04
CA GLN A 66 39.04 26.49 34.11
C GLN A 66 38.93 25.77 35.46
N ALA A 67 39.48 26.38 36.49
CA ALA A 67 39.42 25.88 37.87
C ALA A 67 38.18 26.41 38.58
N LEU A 68 37.42 25.52 39.23
CA LEU A 68 36.24 25.95 40.00
C LEU A 68 36.66 26.58 41.32
N PHE A 69 37.75 26.08 41.89
CA PHE A 69 38.41 26.69 43.04
C PHE A 69 39.90 26.28 43.03
N GLY A 70 40.69 26.95 43.85
CA GLY A 70 42.11 26.67 43.93
C GLY A 70 42.65 26.99 45.32
N ILE A 71 43.48 26.08 45.82
CA ILE A 71 44.14 26.25 47.11
C ILE A 71 45.63 26.11 46.84
N SER A 72 46.39 27.19 47.05
CA SER A 72 47.74 27.27 46.56
C SER A 72 48.71 27.96 47.50
N ASN A 73 49.99 27.75 47.21
CA ASN A 73 51.08 28.60 47.62
C ASN A 73 51.24 29.63 46.51
N SER A 74 50.86 30.88 46.78
CA SER A 74 50.85 31.96 45.78
C SER A 74 52.20 32.63 45.57
N LYS A 75 53.20 32.30 46.40
CA LYS A 75 54.48 33.00 46.38
C LYS A 75 55.27 32.64 45.14
N PRO A 76 56.20 33.53 44.72
CA PRO A 76 57.10 33.23 43.59
C PRO A 76 57.91 31.94 43.77
N GLY A 77 58.09 31.18 42.68
CA GLY A 77 58.77 29.89 42.74
C GLY A 77 57.91 28.70 43.18
N GLN A 78 56.72 28.96 43.73
CA GLN A 78 55.84 27.91 44.26
C GLN A 78 54.60 27.65 43.39
N GLN A 79 54.70 27.94 42.10
CA GLN A 79 53.58 27.79 41.16
C GLN A 79 53.09 26.35 40.92
N ASN A 80 53.91 25.35 41.26
CA ASN A 80 53.48 23.95 41.20
C ASN A 80 53.06 23.40 42.55
N SER A 81 52.58 24.27 43.44
CA SER A 81 52.11 23.88 44.76
C SER A 81 50.66 24.30 44.92
N TYR A 82 49.73 23.44 44.51
CA TYR A 82 48.31 23.72 44.64
C TYR A 82 47.40 22.51 44.51
N VAL A 83 46.14 22.73 44.94
CA VAL A 83 45.02 21.82 44.73
C VAL A 83 43.97 22.57 43.90
N ASP A 84 43.32 21.90 42.96
CA ASP A 84 42.20 22.49 42.24
C ASP A 84 41.30 21.42 41.69
N VAL A 85 40.10 21.83 41.32
CA VAL A 85 39.22 21.03 40.51
C VAL A 85 39.02 21.82 39.23
N PHE A 86 39.19 21.17 38.08
CA PHE A 86 39.14 21.85 36.78
C PHE A 86 38.13 21.28 35.80
N LEU A 87 37.76 22.10 34.82
CA LEU A 87 36.90 21.72 33.71
C LEU A 87 37.63 22.06 32.42
N ARG A 88 37.54 21.14 31.47
CA ARG A 88 38.07 21.37 30.13
C ARG A 88 36.91 21.71 29.22
N ASP A 89 37.21 22.19 28.02
CA ASP A 89 36.21 22.54 27.00
C ASP A 89 35.59 21.37 26.22
N ASN A 90 35.98 20.14 26.56
CA ASN A 90 35.36 18.91 26.04
C ASN A 90 34.52 18.20 27.10
N GLY A 91 34.29 18.84 28.25
CA GLY A 91 33.43 18.30 29.29
C GLY A 91 34.15 17.45 30.32
N GLU A 92 35.48 17.36 30.23
CA GLU A 92 36.25 16.59 31.21
C GLU A 92 36.25 17.32 32.55
N LEU A 93 36.03 16.57 33.62
CA LEU A 93 36.18 17.03 34.98
C LEU A 93 37.44 16.39 35.54
N GLY A 94 38.29 17.18 36.18
CA GLY A 94 39.46 16.64 36.84
C GLY A 94 39.85 17.40 38.09
N MET A 95 40.93 16.94 38.72
CA MET A 95 41.52 17.63 39.85
C MET A 95 43.04 17.45 39.81
N GLU A 96 43.77 18.46 40.26
CA GLU A 96 45.21 18.33 40.48
C GLU A 96 45.50 18.53 41.97
N ALA A 97 46.61 17.91 42.40
CA ALA A 97 47.16 18.09 43.73
C ALA A 97 48.67 17.98 43.60
N ARG A 98 49.37 19.11 43.71
CA ARG A 98 50.78 19.22 43.35
C ARG A 98 51.56 19.92 44.47
N ASP A 99 52.82 19.48 44.66
CA ASP A 99 53.75 20.13 45.59
C ASP A 99 55.07 20.39 44.88
N THR A 100 55.52 21.64 44.87
CA THR A 100 56.71 22.02 44.14
C THR A 100 57.96 21.31 44.67
N SER A 101 58.23 21.47 45.98
CA SER A 101 59.50 21.05 46.58
C SER A 101 59.76 19.55 46.54
N SER A 102 58.71 18.74 46.70
CA SER A 102 58.82 17.28 46.55
C SER A 102 58.59 16.77 45.12
N ASN A 103 58.44 17.65 44.13
CA ASN A 103 58.06 17.29 42.75
C ASN A 103 56.96 16.20 42.66
N LYS A 104 55.91 16.35 43.48
CA LYS A 104 54.76 15.44 43.47
C LYS A 104 53.58 16.10 42.74
N ASN A 105 53.03 15.38 41.76
CA ASN A 105 52.06 15.91 40.81
C ASN A 105 50.98 14.87 40.56
N ASN A 106 49.84 15.02 41.25
CA ASN A 106 48.70 14.13 41.04
C ASN A 106 47.67 14.77 40.12
N LEU A 107 47.18 14.00 39.17
CA LEU A 107 46.08 14.39 38.30
C LEU A 107 45.12 13.22 38.20
N VAL A 108 43.89 13.42 38.63
CA VAL A 108 42.83 12.43 38.56
C VAL A 108 41.72 13.09 37.75
N SER A 109 41.11 12.36 36.81
CA SER A 109 40.06 12.94 35.96
C SER A 109 39.21 11.90 35.26
N ARG A 110 38.15 12.36 34.60
CA ARG A 110 37.41 11.53 33.66
C ARG A 110 36.79 12.38 32.57
N PRO A 111 37.00 11.99 31.30
CA PRO A 111 36.28 12.63 30.19
C PRO A 111 34.76 12.66 30.34
N ALA A 112 34.13 13.60 29.64
CA ALA A 112 32.69 13.57 29.40
C ALA A 112 31.87 13.52 30.69
N SER A 113 32.33 14.28 31.68
CA SER A 113 31.76 14.28 33.03
C SER A 113 30.65 15.30 33.20
N VAL A 114 30.67 16.39 32.44
CA VAL A 114 29.70 17.46 32.60
C VAL A 114 29.01 17.83 31.28
N TRP A 115 27.97 18.66 31.39
CA TRP A 115 27.24 19.23 30.27
C TRP A 115 27.64 20.68 30.15
N GLY A 116 27.56 21.22 28.94
CA GLY A 116 27.95 22.61 28.68
C GLY A 116 26.70 23.46 28.56
N LYS A 117 26.03 23.31 27.42
CA LYS A 117 24.77 23.98 27.17
C LYS A 117 23.68 23.00 26.73
N TYR A 118 22.45 23.48 26.85
CA TYR A 118 21.25 22.77 26.43
C TYR A 118 20.22 23.80 25.97
N LYS A 119 19.82 23.74 24.70
CA LYS A 119 18.82 24.65 24.16
C LYS A 119 19.06 26.14 24.47
N GLN A 120 20.26 26.60 24.15
CA GLN A 120 20.69 28.01 24.32
C GLN A 120 21.04 28.46 25.75
N GLU A 121 20.91 27.57 26.74
CA GLU A 121 21.14 27.95 28.15
C GLU A 121 22.37 27.25 28.66
N ALA A 122 23.16 27.93 29.48
CA ALA A 122 24.19 27.26 30.26
C ALA A 122 23.53 26.21 31.15
N VAL A 123 24.11 25.02 31.19
CA VAL A 123 23.60 23.93 32.01
C VAL A 123 24.22 23.95 33.40
N THR A 124 23.36 23.81 34.40
CA THR A 124 23.79 23.69 35.76
C THR A 124 24.24 22.25 35.99
N ASN A 125 25.48 22.11 36.45
CA ASN A 125 26.05 20.83 36.86
C ASN A 125 26.42 20.94 38.32
N THR A 126 26.52 19.80 38.98
CA THR A 126 27.00 19.74 40.35
C THR A 126 28.10 18.70 40.37
N VAL A 127 29.28 19.10 40.79
CA VAL A 127 30.44 18.23 40.80
C VAL A 127 31.02 18.25 42.21
N ALA A 128 31.90 17.30 42.51
CA ALA A 128 32.52 17.25 43.81
C ALA A 128 33.86 16.54 43.78
N VAL A 129 34.68 16.85 44.78
CA VAL A 129 35.97 16.18 44.96
C VAL A 129 36.06 15.75 46.42
N VAL A 130 36.67 14.58 46.63
CA VAL A 130 36.90 14.03 47.95
C VAL A 130 38.35 13.56 48.03
N ALA A 131 39.09 14.09 49.00
CA ALA A 131 40.47 13.67 49.26
C ALA A 131 40.50 12.98 50.62
N ASP A 132 40.91 11.72 50.62
CA ASP A 132 40.86 10.84 51.80
C ASP A 132 42.26 10.24 52.01
N SER A 133 43.01 10.81 52.95
CA SER A 133 44.40 10.40 53.23
C SER A 133 44.53 9.02 53.90
N VAL A 134 43.49 8.58 54.58
CA VAL A 134 43.42 7.21 55.09
C VAL A 134 43.43 6.22 53.93
N LYS A 135 42.56 6.42 52.94
CA LYS A 135 42.52 5.56 51.73
C LYS A 135 43.55 5.94 50.64
N LYS A 136 44.14 7.12 50.76
CA LYS A 136 45.01 7.72 49.74
C LYS A 136 44.33 7.80 48.37
N THR A 137 43.05 8.16 48.39
CA THR A 137 42.24 8.23 47.18
C THR A 137 41.73 9.65 46.94
N TYR A 138 41.66 10.02 45.66
CA TYR A 138 40.88 11.16 45.22
C TYR A 138 39.68 10.61 44.47
N SER A 139 38.50 11.15 44.78
CA SER A 139 37.25 10.79 44.10
C SER A 139 36.59 12.01 43.47
N LEU A 140 36.00 11.84 42.31
CA LEU A 140 35.29 12.91 41.60
C LEU A 140 33.89 12.47 41.28
N TYR A 141 32.94 13.38 41.48
CA TYR A 141 31.55 13.13 41.24
C TYR A 141 31.05 14.21 40.32
N ALA A 142 30.09 13.85 39.48
CA ALA A 142 29.41 14.79 38.58
C ALA A 142 27.99 14.31 38.38
N ASN A 143 27.02 15.14 38.77
CA ASN A 143 25.63 14.96 38.40
C ASN A 143 25.01 13.64 38.85
N GLY A 144 25.45 13.18 40.02
CA GLY A 144 24.94 11.97 40.66
C GLY A 144 25.82 10.75 40.53
N THR A 145 26.82 10.81 39.66
CA THR A 145 27.69 9.68 39.36
C THR A 145 29.08 9.91 39.93
N LYS A 146 29.68 8.89 40.53
CA LYS A 146 31.10 8.95 40.86
C LYS A 146 31.82 8.58 39.58
N VAL A 147 32.41 9.58 38.96
CA VAL A 147 33.05 9.42 37.67
C VAL A 147 34.44 8.80 37.80
N VAL A 148 35.10 8.94 38.95
CA VAL A 148 36.40 8.31 39.14
C VAL A 148 36.82 8.29 40.61
N GLU A 149 37.51 7.22 41.01
CA GLU A 149 38.14 7.09 42.32
C GLU A 149 39.50 6.47 42.09
N LYS A 150 40.55 7.12 42.54
CA LYS A 150 41.90 6.70 42.23
C LYS A 150 42.76 6.68 43.50
N LYS A 151 43.22 5.51 43.93
CA LYS A 151 44.25 5.40 44.97
C LYS A 151 45.57 5.83 44.35
N VAL A 152 46.30 6.73 45.02
CA VAL A 152 47.59 7.23 44.54
C VAL A 152 48.69 7.05 45.60
N ASP A 153 49.88 6.72 45.12
CA ASP A 153 51.05 6.47 45.97
C ASP A 153 51.61 7.75 46.56
N ASN A 154 51.67 8.82 45.74
CA ASN A 154 52.17 10.13 46.19
C ASN A 154 51.07 11.09 46.60
N PHE A 155 50.16 10.59 47.44
CA PHE A 155 48.98 11.33 47.86
C PHE A 155 49.35 12.63 48.55
N LEU A 156 48.63 13.70 48.20
CA LEU A 156 48.78 14.99 48.83
C LEU A 156 47.41 15.53 49.28
N ASN A 157 47.31 15.87 50.56
CA ASN A 157 46.19 16.69 51.05
C ASN A 157 46.66 18.15 51.17
N ILE A 158 45.81 19.02 51.73
CA ILE A 158 46.13 20.44 51.86
C ILE A 158 47.34 20.65 52.79
N LYS A 159 47.37 19.95 53.92
CA LYS A 159 48.49 20.05 54.85
C LYS A 159 49.81 19.50 54.31
N ASP A 160 49.76 18.60 53.33
CA ASP A 160 50.98 18.05 52.73
C ASP A 160 51.71 18.99 51.75
N ILE A 161 51.08 20.11 51.37
CA ILE A 161 51.67 21.00 50.38
C ILE A 161 52.24 22.17 51.15
N LYS A 162 53.51 22.46 50.87
CA LYS A 162 54.28 23.39 51.68
C LYS A 162 53.84 24.83 51.41
N GLY A 163 53.58 25.56 52.49
CA GLY A 163 53.32 27.00 52.43
C GLY A 163 52.03 27.41 51.73
N ILE A 164 50.96 26.65 51.93
CA ILE A 164 49.63 27.06 51.45
C ILE A 164 49.25 28.35 52.17
N ASP A 165 48.99 29.39 51.38
CA ASP A 165 48.64 30.72 51.91
C ASP A 165 47.52 31.43 51.15
N TYR A 166 46.88 30.75 50.19
CA TYR A 166 45.89 31.38 49.31
C TYR A 166 44.78 30.42 48.89
N TYR A 167 43.54 30.85 49.10
CA TYR A 167 42.33 30.06 48.81
C TYR A 167 41.41 30.92 47.95
N MET A 168 41.01 30.39 46.81
CA MET A 168 40.42 31.18 45.75
C MET A 168 39.24 30.46 45.12
N LEU A 169 38.18 31.20 44.82
CA LEU A 169 37.08 30.70 43.99
C LEU A 169 37.35 31.07 42.54
N GLY A 170 37.14 30.12 41.63
CA GLY A 170 37.26 30.37 40.22
C GLY A 170 38.66 30.63 39.66
N GLY A 171 39.68 30.13 40.35
CA GLY A 171 41.01 30.15 39.79
C GLY A 171 42.03 29.57 40.75
N VAL A 172 43.29 29.63 40.36
CA VAL A 172 44.41 29.24 41.20
C VAL A 172 45.43 30.37 41.16
N LYS A 173 45.82 30.89 42.32
CA LYS A 173 46.81 31.94 42.39
C LYS A 173 48.18 31.28 42.31
N ARG A 174 48.88 31.53 41.21
CA ARG A 174 50.22 30.98 40.96
C ARG A 174 51.16 32.14 40.73
N ALA A 175 52.20 32.22 41.56
CA ALA A 175 53.17 33.33 41.53
C ALA A 175 52.49 34.69 41.46
N GLY A 176 51.50 34.91 42.32
CA GLY A 176 50.76 36.16 42.37
C GLY A 176 49.80 36.48 41.21
N LYS A 177 49.58 35.54 40.29
CA LYS A 177 48.68 35.73 39.15
C LYS A 177 47.55 34.70 39.18
N THR A 178 46.43 35.05 38.57
CA THR A 178 45.27 34.19 38.53
C THR A 178 45.41 33.25 37.34
N ALA A 179 45.51 31.96 37.61
CA ALA A 179 45.57 30.95 36.58
C ALA A 179 44.24 30.19 36.51
N PHE A 180 43.94 29.68 35.31
CA PHE A 180 42.77 28.81 35.04
C PHE A 180 41.44 29.51 35.36
N GLY A 181 41.33 30.78 34.99
CA GLY A 181 40.16 31.58 35.40
C GLY A 181 38.83 31.03 34.92
N PHE A 182 37.88 30.88 35.86
CA PHE A 182 36.56 30.30 35.57
C PHE A 182 35.60 31.38 35.09
N ASN A 183 34.83 31.05 34.05
CA ASN A 183 33.83 31.93 33.44
C ASN A 183 32.42 31.36 33.62
N GLY A 184 31.66 31.98 34.50
CA GLY A 184 30.34 31.50 34.83
C GLY A 184 29.93 31.90 36.22
N THR A 185 28.95 31.17 36.75
CA THR A 185 28.42 31.40 38.07
C THR A 185 28.62 30.16 38.89
N LEU A 186 29.33 30.29 40.01
CA LEU A 186 29.28 29.30 41.07
C LEU A 186 27.98 29.55 41.86
N GLU A 187 26.99 28.70 41.64
CA GLU A 187 25.65 28.88 42.23
C GLU A 187 25.68 28.57 43.71
N ASN A 188 26.34 27.48 44.04
CA ASN A 188 26.63 27.14 45.41
C ASN A 188 27.95 26.40 45.47
N ILE A 189 28.74 26.69 46.50
CA ILE A 189 29.98 25.96 46.74
C ILE A 189 30.15 25.72 48.25
N LYS A 190 30.41 24.46 48.59
CA LYS A 190 30.54 24.02 49.97
C LYS A 190 31.91 23.40 50.14
N PHE A 191 32.63 23.88 51.14
CA PHE A 191 33.92 23.31 51.55
C PHE A 191 33.72 22.59 52.88
N PHE A 192 34.20 21.35 52.96
CA PHE A 192 34.20 20.57 54.19
C PHE A 192 35.63 20.19 54.46
N ASN A 193 36.01 20.14 55.74
CA ASN A 193 37.38 19.77 56.16
C ASN A 193 37.55 18.28 56.52
N SER A 194 36.71 17.44 55.91
CA SER A 194 36.82 15.98 56.01
C SER A 194 36.37 15.36 54.69
N ALA A 195 36.72 14.08 54.52
CA ALA A 195 36.28 13.30 53.37
C ALA A 195 34.87 12.77 53.63
N LEU A 196 33.89 13.29 52.92
CA LEU A 196 32.51 12.80 53.06
C LEU A 196 32.34 11.47 52.32
N ASP A 197 31.41 10.65 52.80
CA ASP A 197 31.21 9.30 52.30
C ASP A 197 30.49 9.33 50.95
N GLU A 198 30.68 8.25 50.20
CA GLU A 198 30.27 8.14 48.81
C GLU A 198 28.80 8.44 48.57
N GLU A 199 27.92 7.81 49.33
CA GLU A 199 26.47 7.96 49.09
C GLU A 199 25.97 9.36 49.38
N THR A 200 26.56 10.05 50.35
CA THR A 200 26.21 11.45 50.64
C THR A 200 26.54 12.35 49.45
N VAL A 201 27.75 12.20 48.90
CA VAL A 201 28.22 13.08 47.85
C VAL A 201 27.49 12.80 46.53
N LYS A 202 27.20 11.54 46.22
CA LYS A 202 26.33 11.21 45.09
C LYS A 202 25.00 11.94 45.19
N LYS A 203 24.40 11.89 46.38
CA LYS A 203 23.14 12.61 46.64
C LYS A 203 23.26 14.13 46.48
N MET A 204 24.31 14.72 47.03
CA MET A 204 24.56 16.16 46.90
C MET A 204 24.74 16.62 45.46
N THR A 205 25.33 15.78 44.61
CA THR A 205 25.55 16.14 43.19
C THR A 205 24.36 15.83 42.24
N THR A 206 23.36 15.10 42.75
CA THR A 206 22.14 14.77 42.00
C THR A 206 21.39 16.05 41.65
N ASN A 207 20.91 16.12 40.41
CA ASN A 207 20.24 17.33 39.88
C ASN A 207 19.44 16.99 38.62
N ALA A 208 18.99 17.97 37.87
CA ALA A 208 18.19 17.71 36.66
C ALA A 208 18.91 16.90 35.56
N VAL A 209 20.24 17.05 35.42
CA VAL A 209 21.00 16.24 34.44
C VAL A 209 20.85 14.73 34.74
N THR A 210 20.87 14.39 36.04
CA THR A 210 20.76 12.99 36.50
C THR A 210 19.53 12.27 35.94
N GLY A 211 18.42 12.96 35.81
CA GLY A 211 17.19 12.36 35.30
C GLY A 211 17.03 12.26 33.78
N HIS A 212 18.08 12.60 33.02
CA HIS A 212 18.05 12.35 31.57
C HIS A 212 18.57 10.95 31.17
N LEU A 213 18.86 10.10 32.13
CA LEU A 213 19.24 8.71 31.85
C LEU A 213 18.00 7.80 31.87
N ILE A 214 17.83 7.02 30.82
CA ILE A 214 16.84 5.94 30.78
C ILE A 214 17.48 4.64 31.33
N TYR A 215 18.70 4.38 30.87
CA TYR A 215 19.51 3.24 31.30
C TYR A 215 20.64 3.77 32.19
N THR A 216 20.80 3.16 33.36
CA THR A 216 21.81 3.59 34.32
C THR A 216 22.66 2.41 34.77
N ALA A 217 23.92 2.71 35.09
CA ALA A 217 24.89 1.72 35.56
C ALA A 217 24.29 0.90 36.69
N ASN A 218 24.34 -0.42 36.55
CA ASN A 218 23.88 -1.37 37.55
C ASN A 218 22.40 -1.16 37.90
N ASP A 219 21.58 -0.87 36.87
CA ASP A 219 20.14 -0.85 37.02
C ASP A 219 19.58 -2.30 36.88
N THR A 220 18.29 -2.44 36.54
CA THR A 220 17.65 -3.72 36.42
C THR A 220 18.36 -4.65 35.44
N THR A 221 19.09 -4.08 34.47
CA THR A 221 19.84 -4.90 33.51
C THR A 221 21.08 -5.60 34.09
N GLY A 222 21.59 -5.12 35.22
CA GLY A 222 22.87 -5.60 35.77
C GLY A 222 24.12 -5.09 35.08
N SER A 223 23.96 -4.33 33.98
CA SER A 223 25.10 -3.80 33.21
C SER A 223 25.57 -2.45 33.73
N ASN A 224 26.89 -2.28 33.84
CA ASN A 224 27.49 -1.00 34.15
C ASN A 224 27.60 -0.08 32.97
N TYR A 225 27.55 -0.64 31.76
CA TYR A 225 27.81 0.13 30.53
C TYR A 225 26.72 -0.09 29.50
N PHE A 226 26.55 0.91 28.65
CA PHE A 226 25.59 0.91 27.54
C PHE A 226 26.19 1.64 26.35
N ARG A 227 25.82 1.19 25.15
CA ARG A 227 26.13 1.87 23.90
C ARG A 227 25.00 1.62 22.89
N ILE A 228 25.06 2.30 21.74
CA ILE A 228 24.13 2.04 20.62
C ILE A 228 22.65 2.18 20.99
N PRO A 229 22.22 3.43 21.30
CA PRO A 229 20.80 3.69 21.61
C PRO A 229 19.92 3.67 20.37
N VAL A 230 18.66 3.24 20.56
CA VAL A 230 17.64 3.25 19.51
C VAL A 230 16.30 3.72 20.10
N LEU A 231 15.65 4.68 19.43
CA LEU A 231 14.34 5.19 19.80
C LEU A 231 13.37 4.97 18.63
N TYR A 232 12.12 4.64 18.96
CA TYR A 232 11.08 4.45 17.97
C TYR A 232 9.71 4.78 18.56
N THR A 233 8.83 5.41 17.77
CA THR A 233 7.49 5.74 18.25
C THR A 233 6.52 4.84 17.55
N PHE A 234 5.70 4.13 18.34
CA PHE A 234 4.70 3.23 17.81
C PHE A 234 3.40 3.97 17.55
N SER A 235 2.56 3.33 16.74
CA SER A 235 1.32 3.91 16.23
C SER A 235 0.34 4.24 17.36
N ASN A 236 0.33 3.41 18.42
CA ASN A 236 -0.49 3.66 19.60
C ASN A 236 -0.02 4.85 20.45
N GLY A 237 1.09 5.50 20.10
CA GLY A 237 1.62 6.61 20.88
C GLY A 237 2.68 6.24 21.92
N ARG A 238 2.97 4.96 22.08
CA ARG A 238 4.12 4.55 22.90
C ARG A 238 5.43 4.91 22.20
N VAL A 239 6.37 5.37 23.01
CA VAL A 239 7.75 5.63 22.61
C VAL A 239 8.56 4.50 23.21
N PHE A 240 9.40 3.90 22.39
CA PHE A 240 10.13 2.67 22.73
C PHE A 240 11.63 2.87 22.52
N SER A 241 12.45 2.42 23.49
CA SER A 241 13.91 2.40 23.34
C SER A 241 14.48 0.99 23.41
N SER A 242 15.49 0.72 22.60
CA SER A 242 16.37 -0.43 22.81
C SER A 242 17.81 0.07 22.92
N ILE A 243 18.68 -0.76 23.48
CA ILE A 243 20.07 -0.38 23.68
C ILE A 243 20.97 -1.60 23.92
N ASP A 244 22.26 -1.48 23.59
CA ASP A 244 23.22 -2.51 23.96
C ASP A 244 23.60 -2.36 25.45
N ALA A 245 23.24 -3.36 26.26
CA ALA A 245 23.76 -3.53 27.62
C ALA A 245 25.07 -4.28 27.51
N ARG A 246 26.17 -3.55 27.61
CA ARG A 246 27.50 -4.09 27.45
C ARG A 246 28.15 -4.26 28.82
N TYR A 247 28.37 -5.51 29.21
CA TYR A 247 28.73 -5.86 30.58
C TYR A 247 30.22 -5.79 30.84
N GLY A 248 31.04 -6.10 29.83
CA GLY A 248 32.50 -6.08 29.96
C GLY A 248 33.15 -4.80 29.43
N GLY A 249 32.76 -3.66 29.98
CA GLY A 249 33.12 -2.37 29.43
C GLY A 249 32.34 -2.13 28.16
N THR A 250 32.71 -1.08 27.43
CA THR A 250 32.06 -0.66 26.18
C THR A 250 32.66 -1.26 24.89
N HIS A 251 33.65 -2.15 25.00
CA HIS A 251 34.23 -2.79 23.80
C HIS A 251 33.15 -3.27 22.82
N ASP A 252 33.32 -2.97 21.54
CA ASP A 252 32.45 -3.57 20.50
C ASP A 252 32.66 -5.09 20.55
N PHE A 253 33.92 -5.49 20.72
CA PHE A 253 34.28 -6.87 20.83
C PHE A 253 35.65 -7.01 21.48
N LEU A 254 35.98 -8.18 21.99
CA LEU A 254 35.02 -9.22 22.36
C LEU A 254 34.32 -8.66 23.59
N ASN A 255 33.13 -9.16 23.88
CA ASN A 255 32.33 -8.64 25.01
C ASN A 255 31.13 -9.57 25.26
N LYS A 256 30.43 -9.32 26.36
CA LYS A 256 29.19 -9.96 26.68
C LYS A 256 28.14 -8.88 26.59
N ILE A 257 27.26 -8.98 25.59
CA ILE A 257 26.27 -7.96 25.32
C ILE A 257 24.85 -8.54 25.18
N ASN A 258 23.90 -7.94 25.91
CA ASN A 258 22.45 -8.16 25.76
C ASN A 258 21.81 -6.92 25.18
N ILE A 259 20.65 -7.10 24.54
CA ILE A 259 19.83 -5.98 24.15
C ILE A 259 18.79 -5.75 25.26
N ALA A 260 18.75 -4.51 25.78
CA ALA A 260 17.77 -4.08 26.80
C ALA A 260 16.74 -3.15 26.16
N THR A 261 15.55 -3.10 26.77
CA THR A 261 14.47 -2.22 26.30
C THR A 261 13.81 -1.50 27.47
N SER A 262 13.10 -0.42 27.12
CA SER A 262 12.46 0.44 28.08
C SER A 262 11.56 1.34 27.28
N TYR A 263 10.39 1.68 27.82
CA TYR A 263 9.39 2.44 27.06
C TYR A 263 8.70 3.47 27.93
N SER A 264 8.02 4.39 27.26
CA SER A 264 7.33 5.52 27.88
C SER A 264 5.93 5.62 27.29
N ASP A 265 4.94 5.64 28.17
CA ASP A 265 3.57 5.85 27.76
C ASP A 265 3.13 7.31 27.92
N ASP A 266 4.06 8.23 28.15
CA ASP A 266 3.69 9.62 28.34
C ASP A 266 4.60 10.61 27.60
N ASN A 267 4.73 10.43 26.29
CA ASN A 267 5.56 11.29 25.45
C ASN A 267 7.02 11.44 25.93
N GLY A 268 7.54 10.44 26.66
CA GLY A 268 8.91 10.45 27.12
C GLY A 268 9.22 10.99 28.51
N LYS A 269 8.21 11.41 29.28
CA LYS A 269 8.47 12.02 30.59
C LYS A 269 9.01 10.98 31.57
N THR A 270 8.39 9.80 31.54
CA THR A 270 8.80 8.70 32.42
C THR A 270 8.91 7.43 31.61
N TRP A 271 9.81 6.56 32.07
CA TRP A 271 10.23 5.37 31.35
C TRP A 271 10.17 4.16 32.25
N THR A 272 9.85 3.02 31.67
CA THR A 272 9.84 1.74 32.43
C THR A 272 11.24 1.34 32.83
N LYS A 273 11.36 0.64 33.97
CA LYS A 273 12.64 0.08 34.39
C LYS A 273 13.12 -0.90 33.29
N PRO A 274 14.42 -0.86 32.92
CA PRO A 274 14.77 -1.65 31.74
C PRO A 274 14.64 -3.16 31.90
N LYS A 275 14.17 -3.81 30.85
CA LYS A 275 14.11 -5.27 30.75
C LYS A 275 15.15 -5.78 29.75
N LEU A 276 15.65 -6.98 30.01
CA LEU A 276 16.42 -7.72 29.03
C LEU A 276 15.47 -8.34 27.99
N THR A 277 15.76 -8.11 26.73
CA THR A 277 14.90 -8.54 25.63
C THR A 277 15.59 -9.58 24.74
N LEU A 278 16.88 -9.42 24.47
CA LEU A 278 17.70 -10.44 23.80
C LEU A 278 18.95 -10.69 24.61
N ALA A 279 19.10 -11.92 25.10
CA ALA A 279 20.18 -12.24 26.01
C ALA A 279 20.50 -13.75 26.06
N PHE A 280 21.79 -14.03 26.23
CA PHE A 280 22.31 -15.37 26.46
C PHE A 280 22.76 -15.38 27.92
N ASP A 281 22.83 -16.57 28.52
CA ASP A 281 23.16 -16.71 29.95
C ASP A 281 24.39 -17.59 30.25
N ASP A 282 25.20 -17.83 29.22
CA ASP A 282 26.56 -18.40 29.41
C ASP A 282 27.42 -17.58 30.38
N PHE A 283 27.18 -16.25 30.41
CA PHE A 283 27.59 -15.38 31.50
C PHE A 283 26.33 -14.73 32.05
N ALA A 284 26.30 -14.48 33.37
CA ALA A 284 25.17 -13.80 34.03
C ALA A 284 25.18 -12.29 33.74
N PRO A 285 24.00 -11.64 33.86
CA PRO A 285 23.90 -10.18 33.72
C PRO A 285 24.24 -9.48 35.02
N VAL A 286 25.54 -9.25 35.22
CA VAL A 286 26.09 -8.76 36.50
C VAL A 286 27.07 -7.58 36.31
N PRO A 287 27.13 -6.67 37.29
CA PRO A 287 27.94 -5.49 37.14
C PRO A 287 29.42 -5.84 37.30
N LEU A 288 30.24 -5.37 36.36
CA LEU A 288 31.70 -5.54 36.43
C LEU A 288 32.38 -4.16 36.40
N GLU A 289 33.40 -3.97 37.25
CA GLU A 289 34.15 -2.72 37.30
C GLU A 289 35.31 -2.77 36.31
N TRP A 290 35.02 -2.36 35.07
CA TRP A 290 35.98 -2.55 34.00
C TRP A 290 37.10 -1.53 34.13
N PRO A 291 38.36 -2.01 34.10
CA PRO A 291 39.47 -1.08 34.37
C PRO A 291 39.67 -0.08 33.22
N ARG A 292 39.79 1.20 33.57
CA ARG A 292 39.98 2.30 32.61
C ARG A 292 41.45 2.66 32.40
N GLU A 293 42.34 2.16 33.26
CA GLU A 293 43.77 2.46 33.17
C GLU A 293 44.33 1.86 31.88
N VAL A 294 45.43 2.43 31.39
CA VAL A 294 45.98 2.03 30.10
C VAL A 294 46.31 0.55 30.11
N GLY A 295 46.89 0.09 31.22
CA GLY A 295 47.28 -1.31 31.38
C GLY A 295 46.20 -2.37 31.46
N GLY A 296 44.95 -1.97 31.74
CA GLY A 296 43.78 -2.89 31.79
C GLY A 296 42.63 -2.63 30.81
N ARG A 297 42.54 -1.44 30.21
CA ARG A 297 41.36 -1.09 29.39
C ARG A 297 41.20 -1.90 28.13
N ASP A 298 42.30 -2.48 27.65
CA ASP A 298 42.25 -3.38 26.48
C ASP A 298 41.68 -4.76 26.81
N LEU A 299 41.65 -5.14 28.10
CA LEU A 299 41.06 -6.41 28.49
C LEU A 299 39.64 -6.53 28.01
N GLN A 300 39.26 -7.78 27.73
CA GLN A 300 37.93 -8.13 27.23
C GLN A 300 37.38 -9.40 27.87
N ILE A 301 36.05 -9.51 27.85
CA ILE A 301 35.39 -10.79 28.06
C ILE A 301 35.47 -11.49 26.70
N SER A 302 36.14 -12.63 26.67
CA SER A 302 36.46 -13.37 25.45
C SER A 302 35.52 -14.55 25.15
N GLY A 303 34.89 -15.09 26.19
CA GLY A 303 34.22 -16.39 26.10
C GLY A 303 32.71 -16.41 25.96
N GLY A 304 32.09 -15.24 25.72
CA GLY A 304 30.65 -15.03 25.91
C GLY A 304 29.85 -14.68 24.65
N ALA A 305 28.67 -15.29 24.47
CA ALA A 305 27.81 -15.09 23.28
C ALA A 305 27.01 -13.80 23.38
N THR A 306 26.65 -13.22 22.25
CA THR A 306 26.33 -11.81 22.20
C THR A 306 25.25 -11.50 21.19
N TYR A 307 24.37 -10.59 21.57
CA TYR A 307 23.52 -9.83 20.65
C TYR A 307 24.05 -8.40 20.61
N ILE A 308 24.09 -7.78 19.44
CA ILE A 308 24.69 -6.43 19.25
C ILE A 308 24.00 -5.71 18.06
N ASP A 309 23.81 -4.39 18.20
CA ASP A 309 23.31 -3.47 17.13
C ASP A 309 21.88 -3.76 16.70
N SER A 310 20.93 -3.10 17.35
CA SER A 310 19.51 -3.42 17.18
C SER A 310 18.88 -2.51 16.12
N VAL A 311 17.86 -3.02 15.43
CA VAL A 311 17.05 -2.27 14.46
C VAL A 311 15.59 -2.55 14.76
N ILE A 312 14.78 -1.49 14.82
CA ILE A 312 13.35 -1.59 15.13
C ILE A 312 12.50 -1.15 13.92
N VAL A 313 11.41 -1.85 13.65
CA VAL A 313 10.41 -1.34 12.73
C VAL A 313 9.02 -1.85 13.15
N GLU A 314 8.01 -1.02 12.93
CA GLU A 314 6.60 -1.39 13.14
C GLU A 314 5.94 -1.66 11.80
N LYS A 315 5.37 -2.86 11.64
CA LYS A 315 4.62 -3.21 10.43
C LYS A 315 3.30 -2.44 10.32
N LYS A 316 2.68 -2.50 9.14
CA LYS A 316 1.37 -1.86 8.89
C LYS A 316 0.26 -2.41 9.76
N ASN A 317 0.32 -3.71 10.01
CA ASN A 317 -0.63 -4.38 10.89
C ASN A 317 -0.36 -4.16 12.39
N LYS A 318 0.56 -3.24 12.74
CA LYS A 318 0.94 -2.85 14.10
C LYS A 318 1.80 -3.87 14.87
N GLN A 319 2.18 -4.97 14.24
CA GLN A 319 3.18 -5.88 14.83
C GLN A 319 4.56 -5.19 14.75
N VAL A 320 5.39 -5.37 15.78
CA VAL A 320 6.71 -4.74 15.85
C VAL A 320 7.77 -5.78 15.61
N LEU A 321 8.76 -5.43 14.80
CA LEU A 321 9.97 -6.24 14.66
C LEU A 321 11.19 -5.60 15.29
N MET A 322 12.03 -6.44 15.90
CA MET A 322 13.39 -6.06 16.28
C MET A 322 14.40 -7.07 15.69
N PHE A 323 15.41 -6.54 14.98
CA PHE A 323 16.58 -7.31 14.49
C PHE A 323 17.83 -7.02 15.34
N ALA A 324 18.72 -8.00 15.42
CA ALA A 324 20.00 -7.80 16.07
C ALA A 324 21.01 -8.77 15.50
N ASP A 325 22.28 -8.39 15.52
CA ASP A 325 23.35 -9.28 15.13
C ASP A 325 23.52 -10.28 16.27
N VAL A 326 23.93 -11.50 15.92
CA VAL A 326 24.20 -12.57 16.87
C VAL A 326 25.64 -13.04 16.69
N MET A 327 26.42 -13.02 17.77
CA MET A 327 27.81 -13.47 17.76
C MET A 327 27.92 -14.64 18.70
N PRO A 328 28.39 -15.81 18.22
CA PRO A 328 28.76 -16.83 19.17
C PRO A 328 30.00 -16.43 19.95
N ALA A 329 30.19 -17.12 21.07
CA ALA A 329 31.30 -16.85 21.96
C ALA A 329 32.60 -17.00 21.22
N GLY A 330 33.49 -16.01 21.35
CA GLY A 330 34.75 -15.95 20.60
C GLY A 330 34.71 -15.27 19.25
N VAL A 331 33.52 -14.98 18.72
CA VAL A 331 33.34 -14.40 17.38
C VAL A 331 32.96 -12.92 17.45
N SER A 332 33.47 -12.13 16.51
CA SER A 332 33.12 -10.69 16.39
C SER A 332 33.11 -10.21 14.92
N PHE A 333 32.94 -8.90 14.71
CA PHE A 333 33.23 -8.28 13.40
C PHE A 333 34.61 -8.70 12.87
N ARG A 334 35.57 -8.89 13.79
CA ARG A 334 36.97 -9.16 13.46
C ARG A 334 37.28 -10.64 13.16
N GLU A 335 36.74 -11.58 13.94
CA GLU A 335 37.11 -13.02 13.83
C GLU A 335 36.28 -13.81 12.81
N ALA A 336 35.00 -13.45 12.73
CA ALA A 336 34.02 -14.14 11.89
C ALA A 336 34.54 -14.48 10.52
N THR A 337 34.51 -15.76 10.15
CA THR A 337 34.77 -16.17 8.77
C THR A 337 33.78 -15.48 7.84
N ARG A 338 34.32 -14.94 6.74
CA ARG A 338 33.52 -14.28 5.72
C ARG A 338 33.06 -15.22 4.60
N LYS A 339 33.56 -16.45 4.59
CA LYS A 339 33.39 -17.39 3.49
C LYS A 339 32.37 -18.51 3.78
N ASP A 340 31.59 -18.37 4.85
CA ASP A 340 30.62 -19.41 5.24
C ASP A 340 29.40 -18.78 5.91
N SER A 341 28.23 -19.09 5.38
CA SER A 341 26.99 -18.60 5.94
C SER A 341 26.65 -19.25 7.27
N GLY A 342 27.12 -20.47 7.50
CA GLY A 342 26.67 -21.29 8.64
C GLY A 342 25.46 -22.15 8.31
N TYR A 343 25.01 -22.11 7.04
CA TYR A 343 23.86 -22.86 6.52
C TYR A 343 24.27 -23.83 5.42
N LYS A 344 23.47 -24.87 5.25
CA LYS A 344 23.66 -25.87 4.20
C LYS A 344 22.34 -25.94 3.39
N GLN A 345 22.42 -26.22 2.09
CA GLN A 345 21.20 -26.41 1.29
C GLN A 345 20.95 -27.89 1.06
N ILE A 346 19.76 -28.35 1.42
CA ILE A 346 19.36 -29.78 1.31
C ILE A 346 17.97 -29.85 0.69
N ASP A 347 17.88 -30.40 -0.51
CA ASP A 347 16.62 -30.45 -1.27
C ASP A 347 15.90 -29.11 -1.28
N GLY A 348 16.61 -28.07 -1.69
CA GLY A 348 16.05 -26.71 -1.80
C GLY A 348 15.54 -26.02 -0.53
N ASN A 349 16.03 -26.46 0.63
CA ASN A 349 15.74 -25.83 1.91
C ASN A 349 17.07 -25.47 2.56
N TYR A 350 17.05 -24.40 3.36
CA TYR A 350 18.23 -23.97 4.09
C TYR A 350 18.12 -24.39 5.55
N TYR A 351 19.21 -24.99 6.07
CA TYR A 351 19.26 -25.50 7.43
C TYR A 351 20.59 -25.10 8.06
N LEU A 352 20.54 -24.68 9.31
CA LEU A 352 21.75 -24.28 10.04
C LEU A 352 22.65 -25.48 10.35
N LYS A 353 23.93 -25.36 10.03
CA LYS A 353 24.91 -26.44 10.25
C LYS A 353 25.38 -26.48 11.69
N LEU A 354 25.83 -27.65 12.09
CA LEU A 354 26.43 -27.82 13.41
C LEU A 354 27.62 -28.74 13.32
N ARG A 355 28.62 -28.48 14.15
CA ARG A 355 29.75 -29.37 14.26
C ARG A 355 29.75 -29.94 15.67
N LYS A 356 29.73 -31.27 15.77
CA LYS A 356 29.80 -31.96 17.05
C LYS A 356 31.23 -31.96 17.56
N GLN A 357 31.38 -31.89 18.88
CA GLN A 357 32.68 -31.96 19.53
C GLN A 357 33.49 -33.15 19.02
N GLY A 358 34.78 -32.92 18.76
CA GLY A 358 35.68 -33.98 18.28
C GLY A 358 35.68 -34.22 16.77
N ASP A 359 34.65 -33.75 16.08
CA ASP A 359 34.65 -33.70 14.61
C ASP A 359 35.43 -32.47 14.10
N THR A 360 35.90 -32.57 12.87
CA THR A 360 36.49 -31.46 12.16
C THR A 360 35.50 -30.88 11.16
N ASP A 361 34.67 -31.70 10.53
CA ASP A 361 33.64 -31.19 9.59
C ASP A 361 32.31 -30.87 10.31
N TYR A 362 31.38 -30.28 9.58
CA TYR A 362 30.05 -29.96 10.05
C TYR A 362 29.10 -31.03 9.51
N ASN A 363 28.86 -32.05 10.31
CA ASN A 363 28.13 -33.24 9.87
C ASN A 363 26.65 -33.26 10.17
N TYR A 364 26.15 -32.20 10.78
CA TYR A 364 24.81 -32.15 11.28
C TYR A 364 24.08 -30.89 10.84
N THR A 365 22.76 -31.02 10.66
CA THR A 365 21.89 -29.87 10.46
C THR A 365 20.74 -29.88 11.46
N ILE A 366 20.18 -28.69 11.71
CA ILE A 366 18.91 -28.52 12.42
C ILE A 366 17.82 -28.44 11.36
N ARG A 367 16.86 -29.35 11.41
CA ARG A 367 15.76 -29.38 10.43
C ARG A 367 14.42 -29.24 11.16
N GLU A 368 13.32 -29.72 10.56
CA GLU A 368 11.96 -29.61 11.15
C GLU A 368 11.91 -29.92 12.67
N ASN A 369 11.13 -29.11 13.39
CA ASN A 369 10.92 -29.24 14.85
C ASN A 369 12.19 -29.08 15.69
N GLY A 370 13.24 -28.51 15.08
CA GLY A 370 14.54 -28.43 15.69
C GLY A 370 15.29 -29.73 15.81
N THR A 371 14.87 -30.76 15.07
CA THR A 371 15.51 -32.08 15.14
C THR A 371 16.90 -32.00 14.52
N VAL A 372 17.90 -32.46 15.27
CA VAL A 372 19.26 -32.50 14.76
C VAL A 372 19.42 -33.80 13.95
N TYR A 373 19.85 -33.64 12.70
CA TYR A 373 20.07 -34.72 11.72
C TYR A 373 21.55 -34.93 11.52
N ASP A 374 21.97 -36.19 11.45
CA ASP A 374 23.27 -36.55 10.90
C ASP A 374 23.13 -36.51 9.38
N ASP A 375 23.81 -35.56 8.74
CA ASP A 375 23.75 -35.37 7.29
C ASP A 375 24.40 -36.52 6.49
N ARG A 376 25.31 -37.23 7.15
CA ARG A 376 26.00 -38.39 6.56
C ARG A 376 25.00 -39.52 6.27
N THR A 377 24.27 -39.93 7.31
CA THR A 377 23.24 -40.96 7.20
C THR A 377 21.86 -40.43 6.78
N ASN A 378 21.65 -39.12 6.83
CA ASN A 378 20.32 -38.52 6.58
C ASN A 378 19.20 -39.00 7.54
N ARG A 379 19.60 -39.32 8.78
CA ARG A 379 18.72 -39.83 9.81
C ARG A 379 18.59 -38.76 10.89
N PRO A 380 17.42 -38.68 11.55
CA PRO A 380 17.36 -37.87 12.77
C PRO A 380 18.20 -38.46 13.90
N THR A 381 18.79 -37.61 14.74
CA THR A 381 19.49 -38.04 15.95
C THR A 381 18.52 -37.89 17.14
N GLU A 382 18.99 -38.26 18.32
CA GLU A 382 18.26 -38.04 19.56
C GLU A 382 18.31 -36.56 20.01
N PHE A 383 19.19 -35.75 19.41
CA PHE A 383 19.35 -34.35 19.82
C PHE A 383 18.34 -33.43 19.14
N SER A 384 17.96 -32.36 19.84
CA SER A 384 17.17 -31.30 19.25
C SER A 384 17.57 -29.91 19.79
N VAL A 385 17.18 -28.89 19.03
CA VAL A 385 17.52 -27.50 19.33
C VAL A 385 16.24 -26.70 19.49
N ASP A 386 16.11 -26.07 20.66
CA ASP A 386 14.86 -25.37 20.99
C ASP A 386 14.81 -23.99 20.32
N LYS A 387 13.68 -23.32 20.47
CA LYS A 387 13.44 -21.99 19.89
C LYS A 387 14.44 -20.89 20.32
N ASN A 388 15.06 -21.04 21.49
CA ASN A 388 16.16 -20.21 21.95
C ASN A 388 17.57 -20.80 21.76
N PHE A 389 17.74 -21.70 20.79
CA PHE A 389 19.04 -22.32 20.44
C PHE A 389 19.64 -23.23 21.54
N GLY A 390 18.82 -23.63 22.52
CA GLY A 390 19.24 -24.53 23.57
C GLY A 390 19.21 -25.97 23.07
N ILE A 391 20.13 -26.79 23.58
CA ILE A 391 20.32 -28.17 23.12
C ILE A 391 19.66 -29.18 24.07
N LYS A 392 18.82 -30.03 23.48
CA LYS A 392 18.21 -31.15 24.18
C LYS A 392 18.76 -32.50 23.67
N GLN A 393 18.66 -33.50 24.54
CA GLN A 393 18.96 -34.88 24.21
C GLN A 393 17.84 -35.72 24.78
N ASN A 394 17.11 -36.41 23.91
CA ASN A 394 15.93 -37.16 24.30
C ASN A 394 14.89 -36.29 25.01
N GLY A 395 14.71 -35.07 24.50
CA GLY A 395 13.75 -34.14 25.08
C GLY A 395 14.09 -33.52 26.42
N ASN A 396 15.32 -33.72 26.92
CA ASN A 396 15.82 -33.11 28.15
C ASN A 396 17.01 -32.20 27.84
N TYR A 397 17.10 -31.07 28.54
CA TYR A 397 18.13 -30.07 28.29
C TYR A 397 19.50 -30.58 28.72
N LEU A 398 20.47 -30.43 27.84
CA LEU A 398 21.87 -30.52 28.23
C LEU A 398 22.22 -29.23 28.93
N THR A 399 23.11 -29.30 29.92
CA THR A 399 23.58 -28.14 30.65
C THR A 399 25.10 -27.94 30.54
N VAL A 400 25.49 -26.70 30.76
CA VAL A 400 26.89 -26.29 30.91
C VAL A 400 26.97 -25.38 32.12
N GLU A 401 28.15 -25.26 32.69
CA GLU A 401 28.38 -24.29 33.76
C GLU A 401 28.54 -22.86 33.21
N GLN A 402 27.88 -21.92 33.89
CA GLN A 402 27.96 -20.50 33.59
C GLN A 402 29.31 -19.96 34.06
N TYR A 403 29.79 -18.95 33.35
CA TYR A 403 31.04 -18.27 33.72
C TYR A 403 30.77 -16.97 34.48
N SER A 404 31.65 -16.67 35.43
CA SER A 404 31.81 -15.38 36.07
C SER A 404 33.19 -14.73 35.75
N VAL A 405 33.30 -13.43 35.99
CA VAL A 405 34.53 -12.69 35.78
C VAL A 405 35.02 -12.14 37.11
N SER A 406 36.32 -12.20 37.35
CA SER A 406 36.96 -11.72 38.57
C SER A 406 38.27 -10.96 38.24
N PHE A 407 38.57 -9.91 39.03
CA PHE A 407 39.76 -9.03 38.84
C PHE A 407 40.78 -9.07 40.01
N GLU A 408 41.85 -8.27 39.89
CA GLU A 408 42.79 -7.95 41.00
C GLU A 408 43.92 -7.01 40.60
N ASN A 410 45.78 -6.05 38.58
CA ASN A 410 44.96 -6.00 37.38
C ASN A 410 44.85 -7.37 36.67
N LYS A 411 44.44 -8.38 37.42
CA LYS A 411 44.37 -9.77 36.98
C LYS A 411 42.92 -10.25 36.69
N LYS A 412 42.51 -10.27 35.40
CA LYS A 412 41.18 -10.78 35.01
C LYS A 412 41.13 -12.30 34.82
N THR A 413 40.13 -12.96 35.42
CA THR A 413 39.87 -14.38 35.19
C THR A 413 38.40 -14.67 34.86
N GLU A 414 38.17 -15.42 33.79
CA GLU A 414 36.86 -15.98 33.45
C GLU A 414 36.78 -17.42 33.94
N TYR A 415 35.89 -17.70 34.90
CA TYR A 415 35.85 -19.00 35.59
C TYR A 415 34.43 -19.54 35.76
N ARG A 416 34.34 -20.86 35.83
CA ARG A 416 33.04 -21.54 35.97
C ARG A 416 32.52 -21.41 37.40
N ASN A 417 31.26 -20.98 37.54
CA ASN A 417 30.71 -20.53 38.83
C ASN A 417 29.73 -21.48 39.57
N GLY A 418 29.57 -22.71 39.07
CA GLY A 418 28.68 -23.68 39.72
C GLY A 418 27.21 -23.66 39.33
N THR A 419 26.77 -22.61 38.66
CA THR A 419 25.38 -22.51 38.19
C THR A 419 25.32 -23.19 36.84
N LYS A 420 24.24 -23.94 36.64
CA LYS A 420 23.96 -24.64 35.39
C LYS A 420 22.92 -23.88 34.58
N VAL A 421 23.21 -23.75 33.29
CA VAL A 421 22.30 -23.13 32.33
C VAL A 421 22.19 -24.09 31.15
N HIS A 422 21.17 -23.91 30.32
CA HIS A 422 21.02 -24.77 29.16
C HIS A 422 22.26 -24.67 28.27
N MET A 423 22.72 -25.80 27.78
CA MET A 423 23.71 -25.83 26.71
C MET A 423 23.08 -25.19 25.46
N ASN A 424 23.84 -24.36 24.74
CA ASN A 424 23.36 -23.57 23.61
C ASN A 424 24.37 -23.67 22.47
N ILE A 425 23.88 -23.72 21.23
CA ILE A 425 24.74 -23.84 20.08
C ILE A 425 25.62 -22.61 19.82
N PHE A 426 25.31 -21.49 20.44
CA PHE A 426 26.17 -20.32 20.37
C PHE A 426 27.23 -20.25 21.47
N TYR A 427 27.36 -21.29 22.29
CA TYR A 427 28.30 -21.23 23.44
C TYR A 427 29.64 -21.93 23.18
N LYS A 428 30.62 -21.50 23.97
CA LYS A 428 31.98 -22.00 24.00
C LYS A 428 32.05 -23.49 24.33
N ASP A 429 31.23 -23.94 25.28
CA ASP A 429 31.28 -25.31 25.78
C ASP A 429 30.18 -26.24 25.25
N ALA A 430 29.57 -25.88 24.12
CA ALA A 430 28.53 -26.72 23.47
C ALA A 430 29.06 -28.01 22.80
N LEU A 431 28.26 -29.06 22.90
CA LEU A 431 28.47 -30.32 22.20
C LEU A 431 28.25 -30.12 20.71
N PHE A 432 27.26 -29.31 20.33
CA PHE A 432 27.06 -28.94 18.92
C PHE A 432 27.20 -27.43 18.77
N LYS A 433 28.00 -26.99 17.80
CA LYS A 433 28.32 -25.58 17.63
C LYS A 433 28.04 -25.13 16.21
N VAL A 434 27.52 -23.91 16.10
CA VAL A 434 27.33 -23.27 14.82
C VAL A 434 28.69 -22.86 14.25
N VAL A 435 28.72 -22.55 12.96
CA VAL A 435 29.94 -21.97 12.32
C VAL A 435 30.28 -20.66 13.05
N PRO A 436 31.58 -20.41 13.34
CA PRO A 436 31.96 -19.16 14.01
C PRO A 436 31.96 -17.98 13.03
N THR A 437 30.74 -17.52 12.75
CA THR A 437 30.52 -16.34 11.98
C THR A 437 29.38 -15.55 12.64
N ASN A 438 29.03 -14.40 12.08
CA ASN A 438 27.93 -13.57 12.59
C ASN A 438 26.63 -13.94 11.93
N TYR A 439 25.54 -13.79 12.67
CA TYR A 439 24.19 -14.05 12.17
C TYR A 439 23.31 -12.84 12.47
N ILE A 440 22.15 -12.80 11.86
CA ILE A 440 21.13 -11.84 12.22
C ILE A 440 19.92 -12.61 12.73
N ALA A 441 19.32 -12.10 13.82
CA ALA A 441 18.10 -12.65 14.38
C ALA A 441 17.05 -11.58 14.48
N TYR A 442 15.78 -11.97 14.33
CA TYR A 442 14.69 -11.08 14.58
C TYR A 442 13.65 -11.72 15.47
N ILE A 443 12.95 -10.84 16.22
CA ILE A 443 11.90 -11.20 17.16
C ILE A 443 10.71 -10.28 16.89
N SER A 444 9.50 -10.74 17.19
CA SER A 444 8.30 -9.95 16.90
C SER A 444 7.46 -9.81 18.14
N SER A 445 6.74 -8.69 18.21
CA SER A 445 5.86 -8.37 19.33
C SER A 445 4.47 -7.96 18.81
N ASN A 446 3.44 -8.56 19.41
CA ASN A 446 2.08 -8.18 19.14
C ASN A 446 1.48 -7.21 20.15
N ASP A 447 2.19 -6.91 21.23
CA ASP A 447 1.73 -5.99 22.26
C ASP A 447 2.70 -4.80 22.45
N HIS A 448 3.07 -4.17 21.34
CA HIS A 448 3.96 -3.01 21.33
C HIS A 448 5.08 -3.09 22.36
N GLY A 449 5.76 -4.24 22.36
CA GLY A 449 7.00 -4.39 23.08
C GLY A 449 6.88 -4.88 24.49
N GLU A 450 5.68 -5.18 24.96
CA GLU A 450 5.52 -5.82 26.29
C GLU A 450 6.13 -7.20 26.30
N SER A 451 5.82 -7.97 25.26
CA SER A 451 6.33 -9.34 25.14
C SER A 451 6.84 -9.58 23.73
N TRP A 452 7.75 -10.54 23.57
CA TRP A 452 8.39 -10.82 22.28
C TRP A 452 8.42 -12.31 21.96
N SER A 453 8.25 -12.64 20.68
CA SER A 453 8.43 -14.01 20.20
C SER A 453 9.90 -14.48 20.41
N ALA A 454 10.14 -15.78 20.36
CA ALA A 454 11.50 -16.33 20.33
C ALA A 454 12.25 -15.86 19.09
N PRO A 455 13.59 -15.83 19.13
CA PRO A 455 14.34 -15.32 17.97
C PRO A 455 14.34 -16.26 16.78
N THR A 456 14.14 -15.70 15.59
CA THR A 456 14.26 -16.43 14.33
C THR A 456 15.59 -15.97 13.73
N LEU A 457 16.48 -16.90 13.39
CA LEU A 457 17.68 -16.57 12.61
C LEU A 457 17.33 -16.34 11.15
N LEU A 458 17.95 -15.32 10.58
CA LEU A 458 17.69 -14.94 9.20
C LEU A 458 18.32 -16.01 8.32
N PRO A 459 17.65 -16.34 7.18
CA PRO A 459 18.22 -17.30 6.23
C PRO A 459 19.41 -16.72 5.45
N PRO A 460 20.18 -17.59 4.75
CA PRO A 460 21.46 -17.18 4.13
C PRO A 460 21.26 -16.32 2.87
N ILE A 461 20.69 -15.14 3.09
CA ILE A 461 20.26 -14.26 2.01
C ILE A 461 21.40 -13.69 1.16
N MET A 462 22.60 -13.59 1.75
CA MET A 462 23.82 -13.20 1.01
C MET A 462 24.42 -14.33 0.16
N GLY A 463 23.93 -15.56 0.33
CA GLY A 463 24.48 -16.74 -0.29
C GLY A 463 25.05 -17.70 0.75
N LEU A 464 25.26 -18.95 0.32
CA LEU A 464 25.74 -19.98 1.22
C LEU A 464 27.17 -19.77 1.59
N ASN A 465 27.96 -19.20 0.70
CA ASN A 465 29.39 -19.03 0.93
C ASN A 465 29.78 -17.65 1.42
N ARG A 466 28.85 -16.98 2.09
CA ARG A 466 29.07 -15.63 2.67
C ARG A 466 28.40 -15.50 4.02
N ASN A 467 29.10 -14.89 4.95
CA ASN A 467 28.52 -14.50 6.23
C ASN A 467 27.42 -13.47 6.06
N ALA A 468 26.54 -13.40 7.05
CA ALA A 468 25.43 -12.47 7.01
C ALA A 468 25.98 -11.05 7.10
N PRO A 469 25.22 -10.07 6.62
CA PRO A 469 25.64 -8.71 6.86
C PRO A 469 25.51 -8.27 8.33
N TYR A 470 26.00 -7.05 8.57
CA TYR A 470 25.99 -6.42 9.87
C TYR A 470 24.95 -5.31 9.84
N LEU A 471 24.08 -5.28 10.86
CA LEU A 471 22.97 -4.33 10.88
C LEU A 471 23.43 -2.89 11.04
N GLY A 472 22.75 -1.99 10.35
CA GLY A 472 22.90 -0.55 10.60
C GLY A 472 21.94 -0.13 11.71
N PRO A 473 22.45 0.08 12.96
CA PRO A 473 21.58 0.40 14.10
C PRO A 473 20.62 1.58 13.94
N GLY A 474 19.41 1.42 14.49
CA GLY A 474 18.37 2.44 14.46
C GLY A 474 17.09 1.79 14.05
N ARG A 475 16.48 2.26 12.97
CA ARG A 475 15.17 1.79 12.52
C ARG A 475 15.19 1.33 11.10
N GLY A 476 14.20 0.52 10.75
CA GLY A 476 13.88 0.20 9.36
C GLY A 476 12.69 1.05 8.97
N ILE A 477 12.20 0.85 7.74
CA ILE A 477 11.03 1.58 7.28
C ILE A 477 10.09 0.73 6.44
N ILE A 478 8.83 1.17 6.37
CA ILE A 478 7.85 0.64 5.42
C ILE A 478 7.73 1.67 4.32
N GLU A 479 8.19 1.34 3.13
CA GLU A 479 8.00 2.24 1.99
C GLU A 479 6.52 2.25 1.65
N SER A 480 5.95 3.43 1.52
CA SER A 480 4.50 3.59 1.50
C SER A 480 3.82 3.13 0.23
N SER A 481 4.46 3.29 -0.92
CA SER A 481 3.82 2.91 -2.22
C SER A 481 3.73 1.40 -2.46
N THR A 482 4.68 0.64 -1.92
CA THR A 482 4.70 -0.83 -2.08
C THR A 482 4.40 -1.61 -0.82
N GLY A 483 4.43 -0.96 0.34
CA GLY A 483 4.45 -1.68 1.61
C GLY A 483 5.69 -2.52 1.86
N ARG A 484 6.77 -2.28 1.14
CA ARG A 484 8.00 -3.03 1.34
C ARG A 484 8.67 -2.69 2.69
N ILE A 485 9.10 -3.70 3.43
CA ILE A 485 9.87 -3.51 4.67
C ILE A 485 11.36 -3.49 4.31
N LEU A 486 12.08 -2.49 4.82
CA LEU A 486 13.49 -2.28 4.48
C LEU A 486 14.32 -2.19 5.73
N ILE A 487 15.31 -3.05 5.86
CA ILE A 487 16.21 -3.10 7.02
C ILE A 487 17.64 -2.84 6.52
N PRO A 488 18.32 -1.80 7.07
CA PRO A 488 19.64 -1.48 6.59
C PRO A 488 20.72 -2.36 7.21
N SER A 489 21.67 -2.80 6.37
CA SER A 489 22.87 -3.50 6.82
C SER A 489 24.06 -3.24 5.86
N TYR A 490 25.21 -3.79 6.23
CA TYR A 490 26.44 -3.60 5.48
C TYR A 490 27.40 -4.76 5.70
N THR A 491 28.29 -4.93 4.72
CA THR A 491 29.28 -6.01 4.72
C THR A 491 30.70 -5.56 5.02
N GLY A 492 30.98 -4.26 4.97
CA GLY A 492 32.34 -3.76 4.97
C GLY A 492 32.82 -3.32 3.58
N LYS A 493 32.26 -3.91 2.52
CA LYS A 493 32.47 -3.51 1.12
C LYS A 493 31.19 -3.04 0.39
N GLU A 494 30.02 -3.40 0.91
CA GLU A 494 28.76 -3.21 0.20
C GLU A 494 27.69 -2.79 1.17
N SER A 495 26.66 -2.14 0.66
CA SER A 495 25.44 -1.94 1.41
C SER A 495 24.60 -3.21 1.16
N ALA A 496 23.85 -3.61 2.19
CA ALA A 496 22.98 -4.77 2.11
C ALA A 496 21.61 -4.37 2.65
N PHE A 497 20.72 -4.06 1.70
CA PHE A 497 19.38 -3.64 2.03
C PHE A 497 18.44 -4.85 2.09
N ILE A 498 18.21 -5.31 3.30
CA ILE A 498 17.39 -6.47 3.57
C ILE A 498 15.94 -6.03 3.44
N TYR A 499 15.15 -6.77 2.68
CA TYR A 499 13.74 -6.37 2.45
C TYR A 499 12.76 -7.55 2.35
N SER A 500 11.49 -7.25 2.63
CA SER A 500 10.39 -8.20 2.51
C SER A 500 9.25 -7.57 1.75
N ASP A 501 8.74 -8.30 0.76
CA ASP A 501 7.57 -7.86 -0.04
C ASP A 501 6.30 -8.63 0.34
N ASP A 502 6.39 -9.44 1.39
CA ASP A 502 5.23 -10.22 1.85
C ASP A 502 4.96 -9.95 3.34
N ASN A 503 4.96 -8.67 3.71
N ASN A 503 4.99 -8.67 3.70
CA ASN A 503 4.71 -8.22 5.11
CA ASN A 503 4.73 -8.21 5.08
C ASN A 503 5.52 -8.95 6.18
C ASN A 503 5.51 -8.96 6.17
N GLY A 504 6.77 -9.29 5.86
CA GLY A 504 7.68 -9.90 6.82
C GLY A 504 7.74 -11.42 6.93
N ALA A 505 6.97 -12.13 6.11
CA ALA A 505 7.00 -13.59 6.11
C ALA A 505 8.32 -14.11 5.56
N SER A 506 8.87 -13.43 4.54
CA SER A 506 10.12 -13.85 3.89
C SER A 506 10.99 -12.64 3.56
N TRP A 507 12.30 -12.89 3.44
CA TRP A 507 13.30 -11.83 3.31
C TRP A 507 14.24 -12.07 2.13
N LYS A 508 14.60 -11.00 1.44
CA LYS A 508 15.60 -11.01 0.39
C LYS A 508 16.61 -9.90 0.68
N VAL A 509 17.58 -9.71 -0.20
CA VAL A 509 18.52 -8.62 -0.04
C VAL A 509 18.93 -7.99 -1.38
N LYS A 510 19.03 -6.66 -1.41
CA LYS A 510 19.75 -5.96 -2.50
C LYS A 510 21.13 -5.56 -2.03
N VAL A 511 22.15 -6.17 -2.62
CA VAL A 511 23.54 -5.87 -2.36
C VAL A 511 24.03 -4.83 -3.36
N VAL A 512 24.65 -3.77 -2.85
CA VAL A 512 25.06 -2.60 -3.64
C VAL A 512 26.54 -2.36 -3.34
N PRO A 513 27.43 -2.60 -4.33
CA PRO A 513 28.86 -2.39 -4.05
C PRO A 513 29.11 -0.91 -3.83
N LEU A 514 29.95 -0.60 -2.83
CA LEU A 514 30.24 0.79 -2.52
C LEU A 514 31.57 1.21 -3.14
N PRO A 515 31.81 2.52 -3.22
CA PRO A 515 33.09 3.02 -3.74
C PRO A 515 34.34 2.59 -2.97
N SER A 516 34.18 2.25 -1.70
CA SER A 516 35.32 1.79 -0.90
C SER A 516 34.84 0.94 0.27
N SER A 517 35.76 0.63 1.17
CA SER A 517 35.47 -0.20 2.34
C SER A 517 34.78 0.59 3.44
N TRP A 518 33.53 0.97 3.19
CA TRP A 518 32.72 1.75 4.13
C TRP A 518 32.14 0.82 5.19
N SER A 519 32.19 1.24 6.45
CA SER A 519 31.32 0.66 7.49
C SER A 519 29.97 1.30 7.30
N ALA A 520 29.23 0.82 6.29
CA ALA A 520 28.03 1.54 5.78
C ALA A 520 26.75 1.42 6.63
N GLU A 521 26.87 1.72 7.93
CA GLU A 521 25.72 1.89 8.83
C GLU A 521 24.82 2.94 8.21
N ALA A 522 23.61 2.53 7.87
CA ALA A 522 22.65 3.37 7.18
C ALA A 522 21.29 3.48 7.88
N GLN A 523 20.55 4.50 7.46
CA GLN A 523 19.14 4.70 7.76
C GLN A 523 18.44 5.20 6.51
N PHE A 524 17.14 4.94 6.41
CA PHE A 524 16.35 5.33 5.22
C PHE A 524 15.43 6.53 5.50
N VAL A 525 15.11 7.29 4.46
CA VAL A 525 13.96 8.18 4.47
C VAL A 525 13.20 8.01 3.17
N GLU A 526 11.90 8.30 3.20
CA GLU A 526 11.10 8.41 1.99
C GLU A 526 10.90 9.88 1.64
N LEU A 527 11.24 10.25 0.41
CA LEU A 527 11.04 11.63 -0.07
C LEU A 527 9.66 11.81 -0.69
N SER A 528 9.18 10.77 -1.35
CA SER A 528 7.90 10.75 -2.06
C SER A 528 7.56 9.28 -2.34
N PRO A 529 6.33 8.99 -2.80
CA PRO A 529 5.98 7.58 -3.03
C PRO A 529 6.90 6.87 -4.02
N GLY A 530 7.52 5.80 -3.54
CA GLY A 530 8.44 5.00 -4.34
C GLY A 530 9.87 5.51 -4.37
N VAL A 531 10.13 6.67 -3.75
CA VAL A 531 11.47 7.27 -3.75
C VAL A 531 12.07 7.23 -2.36
N ILE A 532 13.18 6.51 -2.19
CA ILE A 532 13.85 6.46 -0.88
C ILE A 532 15.34 6.80 -0.98
N GLN A 533 15.88 7.28 0.12
CA GLN A 533 17.31 7.58 0.22
C GLN A 533 17.89 6.82 1.40
N ALA A 534 19.10 6.33 1.23
CA ALA A 534 19.82 5.69 2.30
C ALA A 534 21.00 6.57 2.59
N TYR A 535 21.04 7.10 3.81
CA TYR A 535 22.14 7.96 4.27
C TYR A 535 23.05 7.10 5.11
N MET A 536 24.36 7.17 4.89
CA MET A 536 25.29 6.24 5.54
C MET A 536 26.67 6.77 5.87
N ARG A 537 27.31 6.07 6.81
CA ARG A 537 28.69 6.30 7.19
C ARG A 537 29.59 5.81 6.06
N THR A 538 30.75 6.46 5.90
CA THR A 538 31.75 6.08 4.91
C THR A 538 33.14 5.98 5.57
N ASN A 539 34.17 5.66 4.77
CA ASN A 539 35.59 5.71 5.21
C ASN A 539 36.36 6.94 4.64
N ASN A 540 35.62 7.91 4.09
CA ASN A 540 36.24 9.07 3.44
C ASN A 540 36.07 10.39 4.16
N GLY A 541 35.32 10.41 5.26
CA GLY A 541 35.12 11.61 6.10
C GLY A 541 33.73 12.25 6.00
N LYS A 542 32.95 11.83 5.00
CA LYS A 542 31.67 12.42 4.66
C LYS A 542 30.51 11.46 4.92
N ILE A 543 29.30 12.02 4.95
CA ILE A 543 28.08 11.22 4.93
C ILE A 543 27.66 11.04 3.47
N ALA A 544 27.44 9.78 3.07
CA ALA A 544 26.95 9.48 1.72
C ALA A 544 25.45 9.26 1.76
N TYR A 545 24.79 9.51 0.62
CA TYR A 545 23.40 9.13 0.44
C TYR A 545 23.15 8.63 -0.97
N LEU A 546 22.42 7.51 -1.04
CA LEU A 546 22.09 6.81 -2.27
C LEU A 546 20.61 6.90 -2.44
N THR A 547 20.15 7.12 -3.66
CA THR A 547 18.73 7.31 -3.96
C THR A 547 18.20 6.14 -4.82
N SER A 548 17.06 5.60 -4.41
CA SER A 548 16.25 4.67 -5.24
C SER A 548 14.91 5.31 -5.58
N LYS A 549 14.48 5.17 -6.84
CA LYS A 549 13.17 5.66 -7.28
C LYS A 549 12.23 4.51 -7.65
N ASP A 550 12.57 3.31 -7.20
CA ASP A 550 11.72 2.15 -7.38
C ASP A 550 11.65 1.36 -6.08
N ALA A 551 11.48 2.08 -4.97
CA ALA A 551 11.27 1.49 -3.64
C ALA A 551 12.40 0.54 -3.15
N GLY A 552 13.61 0.77 -3.63
CA GLY A 552 14.80 0.06 -3.14
C GLY A 552 15.38 -0.99 -4.06
N THR A 553 14.72 -1.25 -5.19
CA THR A 553 15.16 -2.28 -6.14
C THR A 553 16.50 -1.92 -6.83
N THR A 554 16.68 -0.66 -7.22
CA THR A 554 17.94 -0.18 -7.80
C THR A 554 18.30 1.16 -7.20
N TRP A 555 19.60 1.40 -7.09
CA TRP A 555 20.14 2.51 -6.33
C TRP A 555 21.07 3.32 -7.16
N SER A 556 20.96 4.64 -7.08
CA SER A 556 21.87 5.56 -7.74
C SER A 556 23.29 5.45 -7.19
N ALA A 557 24.21 6.14 -7.86
CA ALA A 557 25.58 6.31 -7.37
C ALA A 557 25.55 7.26 -6.18
N PRO A 558 26.46 7.06 -5.19
CA PRO A 558 26.46 7.89 -3.97
C PRO A 558 26.75 9.37 -4.20
N GLU A 559 25.99 10.23 -3.51
CA GLU A 559 26.27 11.65 -3.41
C GLU A 559 26.67 11.87 -1.96
N TYR A 560 27.24 13.05 -1.64
CA TYR A 560 27.72 13.33 -0.29
C TYR A 560 27.21 14.66 0.22
N LEU A 561 26.88 14.71 1.51
CA LEU A 561 26.46 15.96 2.12
C LEU A 561 27.66 16.89 2.18
N LYS A 562 27.45 18.14 1.81
CA LYS A 562 28.53 19.13 1.72
C LYS A 562 28.90 19.81 3.04
N PHE A 563 28.06 19.65 4.06
CA PHE A 563 28.13 20.43 5.30
C PHE A 563 28.50 19.60 6.54
N VAL A 564 28.80 18.30 6.39
CA VAL A 564 29.32 17.50 7.50
C VAL A 564 30.72 17.05 7.10
N SER A 565 31.65 17.17 8.05
CA SER A 565 33.03 16.78 7.84
C SER A 565 33.59 16.12 9.10
N ASN A 566 33.78 14.81 8.97
CA ASN A 566 34.07 13.93 10.06
C ASN A 566 35.38 13.21 9.82
N PRO A 567 35.90 12.51 10.85
CA PRO A 567 37.12 11.73 10.59
C PRO A 567 36.86 10.59 9.61
N SER A 568 37.93 10.14 8.93
CA SER A 568 37.87 9.05 7.95
C SER A 568 37.08 7.82 8.43
N TYR A 569 37.25 7.46 9.71
CA TYR A 569 36.53 6.30 10.28
C TYR A 569 35.01 6.46 10.35
N GLY A 570 34.51 7.68 10.54
CA GLY A 570 33.09 7.96 10.50
C GLY A 570 32.37 7.48 11.74
N THR A 571 31.09 7.80 11.78
CA THR A 571 30.23 7.43 12.89
C THR A 571 28.86 7.15 12.33
N GLN A 572 28.15 6.27 13.03
CA GLN A 572 26.72 6.02 12.78
C GLN A 572 25.95 7.36 12.80
N LEU A 573 24.86 7.42 12.03
CA LEU A 573 23.94 8.57 12.06
C LEU A 573 22.50 8.14 12.38
N SER A 574 21.62 9.12 12.63
CA SER A 574 20.17 8.89 12.63
C SER A 574 19.50 9.88 11.68
N ILE A 575 18.58 9.39 10.84
CA ILE A 575 17.76 10.27 10.05
C ILE A 575 16.35 9.70 10.01
N ILE A 576 15.35 10.56 10.20
CA ILE A 576 13.94 10.14 10.23
C ILE A 576 13.09 11.05 9.37
N ASN A 577 12.00 10.51 8.86
CA ASN A 577 10.92 11.34 8.33
C ASN A 577 10.18 12.01 9.49
N TYR A 578 9.66 13.20 9.25
CA TYR A 578 8.86 13.93 10.24
C TYR A 578 7.44 14.15 9.70
N SER A 579 6.44 14.01 10.56
CA SER A 579 5.04 13.94 10.12
C SER A 579 4.42 15.29 9.79
N GLN A 580 4.93 16.36 10.39
CA GLN A 580 4.33 17.68 10.24
C GLN A 580 5.13 18.54 9.28
N LEU A 581 4.43 19.44 8.59
CA LEU A 581 5.08 20.39 7.70
C LEU A 581 5.92 21.38 8.50
N ILE A 582 7.08 21.72 7.95
CA ILE A 582 7.93 22.80 8.47
C ILE A 582 8.10 23.79 7.32
N ASP A 583 7.80 25.08 7.56
CA ASP A 583 7.79 26.10 6.48
C ASP A 583 6.92 25.66 5.27
N GLY A 584 5.81 24.98 5.55
CA GLY A 584 4.91 24.49 4.52
C GLY A 584 5.41 23.31 3.70
N LYS A 585 6.50 22.68 4.14
CA LYS A 585 7.18 21.62 3.37
C LYS A 585 7.34 20.32 4.18
N LYS A 586 7.32 19.20 3.47
CA LYS A 586 7.61 17.90 4.05
C LYS A 586 9.07 17.91 4.53
N ALA A 587 9.35 17.29 5.67
CA ALA A 587 10.67 17.40 6.30
C ALA A 587 11.30 16.11 6.80
N VAL A 588 12.65 16.09 6.79
CA VAL A 588 13.44 15.05 7.43
C VAL A 588 14.36 15.70 8.46
N ILE A 589 14.77 14.90 9.46
CA ILE A 589 15.57 15.39 10.58
C ILE A 589 16.75 14.46 10.74
N LEU A 590 17.95 15.04 10.74
CA LEU A 590 19.21 14.27 10.76
C LEU A 590 19.99 14.56 12.06
N SER A 591 20.50 13.52 12.69
CA SER A 591 21.45 13.65 13.83
C SER A 591 22.80 13.01 13.50
N THR A 592 23.90 13.75 13.72
CA THR A 592 25.29 13.25 13.45
C THR A 592 26.32 14.07 14.20
N PRO A 593 27.45 13.45 14.61
CA PRO A 593 28.60 14.31 14.92
C PRO A 593 29.08 15.04 13.66
N ASN A 594 29.82 16.12 13.87
CA ASN A 594 30.33 16.96 12.77
C ASN A 594 31.60 17.66 13.18
N SER A 595 32.70 16.93 13.12
CA SER A 595 34.02 17.37 13.57
C SER A 595 35.05 16.42 13.00
N THR A 596 36.13 16.97 12.47
CA THR A 596 37.27 16.15 12.04
C THR A 596 38.22 15.84 13.20
N ASN A 597 37.97 16.40 14.38
CA ASN A 597 38.80 16.12 15.57
C ASN A 597 38.40 14.87 16.37
N GLY A 598 37.30 14.23 16.00
CA GLY A 598 36.80 13.08 16.76
C GLY A 598 35.30 12.93 16.66
N ARG A 599 34.76 12.07 17.50
CA ARG A 599 33.33 11.93 17.64
C ARG A 599 32.81 13.02 18.58
N LYS A 600 32.56 14.18 17.99
CA LYS A 600 32.28 15.42 18.69
C LYS A 600 31.33 16.28 17.87
N HIS A 601 30.82 17.33 18.53
CA HIS A 601 30.09 18.38 17.88
C HIS A 601 28.83 17.84 17.19
N GLY A 602 27.97 17.24 18.01
CA GLY A 602 26.70 16.75 17.55
C GLY A 602 25.84 17.85 17.02
N GLN A 603 25.15 17.56 15.92
CA GLN A 603 24.24 18.52 15.35
C GLN A 603 22.97 17.81 14.93
N ILE A 604 21.86 18.55 15.01
CA ILE A 604 20.60 18.12 14.46
C ILE A 604 20.32 19.03 13.28
N TRP A 605 20.07 18.46 12.11
CA TRP A 605 19.78 19.20 10.89
C TRP A 605 18.36 18.94 10.44
N ILE A 606 17.66 19.99 10.04
CA ILE A 606 16.34 19.87 9.41
C ILE A 606 16.49 20.08 7.92
N GLY A 607 15.98 19.13 7.15
CA GLY A 607 16.03 19.18 5.70
C GLY A 607 14.61 19.19 5.16
N LEU A 608 14.32 20.18 4.31
CA LEU A 608 12.99 20.32 3.73
C LEU A 608 13.03 19.82 2.30
N ILE A 609 12.06 18.98 1.99
CA ILE A 609 12.00 18.33 0.70
C ILE A 609 11.33 19.27 -0.30
N ASN A 610 11.98 19.43 -1.44
CA ASN A 610 11.48 20.24 -2.54
C ASN A 610 10.66 19.38 -3.49
N ASP A 611 9.89 20.03 -4.34
CA ASP A 611 9.04 19.35 -5.32
C ASP A 611 9.80 18.39 -6.23
N ASP A 612 11.04 18.75 -6.59
CA ASP A 612 11.92 17.88 -7.40
C ASP A 612 12.68 16.78 -6.61
N ASN A 613 12.33 16.61 -5.33
CA ASN A 613 12.97 15.65 -4.41
C ASN A 613 14.41 15.95 -3.97
N THR A 614 14.95 17.13 -4.30
CA THR A 614 16.18 17.60 -3.65
C THR A 614 15.77 18.10 -2.28
N ILE A 615 16.72 18.14 -1.35
CA ILE A 615 16.50 18.59 0.01
C ILE A 615 17.19 19.91 0.26
N ASP A 616 16.44 20.86 0.81
CA ASP A 616 16.96 22.14 1.32
C ASP A 616 17.33 22.00 2.81
N TRP A 617 18.62 21.87 3.10
CA TRP A 617 19.09 21.68 4.48
C TRP A 617 19.14 23.03 5.19
N ARG A 618 17.98 23.45 5.68
CA ARG A 618 17.73 24.86 6.03
C ARG A 618 18.19 25.24 7.45
N TYR A 619 18.11 24.31 8.40
CA TYR A 619 18.35 24.63 9.79
C TYR A 619 19.30 23.62 10.39
N HIS A 620 20.12 24.08 11.31
CA HIS A 620 20.88 23.18 12.15
C HIS A 620 20.95 23.70 13.56
N HIS A 621 21.15 22.76 14.49
CA HIS A 621 21.21 23.04 15.90
C HIS A 621 22.38 22.23 16.52
N ASP A 622 23.32 22.94 17.16
CA ASP A 622 24.39 22.30 17.91
C ASP A 622 23.89 21.85 19.27
N VAL A 623 24.07 20.56 19.56
CA VAL A 623 23.50 19.95 20.76
C VAL A 623 24.19 20.47 22.03
N ASP A 624 25.51 20.49 22.01
CA ASP A 624 26.29 21.09 23.09
C ASP A 624 27.47 21.82 22.42
N TYR A 625 28.49 22.22 23.18
CA TYR A 625 29.66 22.86 22.59
C TYR A 625 30.46 21.92 21.69
N SER A 626 31.25 22.52 20.81
CA SER A 626 31.78 21.79 19.67
C SER A 626 32.84 20.75 20.05
N ASN A 627 33.55 20.92 21.19
CA ASN A 627 34.53 19.94 21.62
C ASN A 627 33.98 18.86 22.57
N TYR A 628 32.69 18.91 22.85
CA TYR A 628 32.03 17.90 23.68
C TYR A 628 31.76 16.63 22.85
N GLY A 629 31.81 15.47 23.52
CA GLY A 629 31.67 14.16 22.86
C GLY A 629 30.26 13.94 22.34
N TYR A 630 30.18 13.30 21.18
CA TYR A 630 28.89 12.95 20.56
C TYR A 630 29.14 11.84 19.55
N SER A 631 28.69 10.63 19.89
CA SER A 631 28.94 9.47 19.04
C SER A 631 27.61 8.94 18.42
N TYR A 632 27.24 7.70 18.66
CA TYR A 632 26.03 7.13 18.08
C TYR A 632 24.79 7.84 18.66
N SER A 633 23.75 7.98 17.84
CA SER A 633 22.56 8.76 18.18
C SER A 633 21.31 8.17 17.55
N THR A 634 20.16 8.49 18.12
CA THR A 634 18.89 8.05 17.60
C THR A 634 17.81 9.10 17.85
N LEU A 635 17.04 9.38 16.79
CA LEU A 635 15.95 10.32 16.80
C LEU A 635 14.59 9.61 16.74
N THR A 636 13.60 10.17 17.43
CA THR A 636 12.20 9.83 17.17
C THR A 636 11.24 11.04 17.28
N GLU A 637 10.19 10.98 16.47
CA GLU A 637 9.11 11.93 16.61
C GLU A 637 8.21 11.47 17.75
N LEU A 638 8.02 12.32 18.74
CA LEU A 638 7.11 12.03 19.82
C LEU A 638 5.66 12.22 19.35
N PRO A 639 4.69 11.53 19.96
CA PRO A 639 3.25 11.74 19.64
C PRO A 639 2.78 13.20 19.61
N ASN A 640 3.30 14.01 20.55
CA ASN A 640 3.06 15.46 20.55
C ASN A 640 3.81 16.27 19.45
N HIS A 641 4.56 15.60 18.58
CA HIS A 641 5.34 16.22 17.48
C HIS A 641 6.59 16.97 17.92
N GLU A 642 7.00 16.82 19.17
CA GLU A 642 8.35 17.14 19.57
C GLU A 642 9.29 16.01 19.10
N ILE A 643 10.58 16.18 19.36
CA ILE A 643 11.62 15.25 18.90
C ILE A 643 12.36 14.72 20.09
N GLY A 644 12.50 13.41 20.15
CA GLY A 644 13.31 12.75 21.17
C GLY A 644 14.67 12.39 20.61
N LEU A 645 15.70 12.60 21.43
CA LEU A 645 17.06 12.29 21.08
C LEU A 645 17.71 11.53 22.22
N MET A 646 18.27 10.37 21.88
CA MET A 646 19.13 9.67 22.78
C MET A 646 20.44 9.52 22.05
N PHE A 647 21.54 9.68 22.78
CA PHE A 647 22.84 9.65 22.16
C PHE A 647 23.95 9.36 23.14
N GLU A 648 25.09 8.99 22.58
CA GLU A 648 26.27 8.68 23.34
C GLU A 648 26.96 10.01 23.52
N LYS A 649 26.88 10.57 24.74
CA LYS A 649 27.55 11.84 25.03
C LYS A 649 29.01 11.60 25.48
N PHE A 650 29.78 11.05 24.54
CA PHE A 650 31.21 10.81 24.72
C PHE A 650 31.73 10.41 23.34
N ASP A 651 33.06 10.29 23.24
CA ASP A 651 33.70 9.83 22.01
C ASP A 651 33.89 8.31 22.18
N SER A 652 33.04 7.54 21.51
CA SER A 652 33.06 6.06 21.57
C SER A 652 34.16 5.38 20.70
N TRP A 653 34.90 6.15 19.92
CA TRP A 653 36.06 5.68 19.15
C TRP A 653 37.37 5.77 19.94
N SER A 654 37.48 6.85 20.71
CA SER A 654 38.66 7.12 21.51
C SER A 654 38.97 6.04 22.54
N ARG A 655 40.22 5.63 22.58
CA ARG A 655 40.73 4.70 23.60
C ARG A 655 40.81 5.33 24.97
N ASN A 656 40.72 6.64 25.02
CA ASN A 656 40.71 7.37 26.28
C ASN A 656 39.33 7.46 26.99
N GLU A 657 38.26 7.14 26.28
CA GLU A 657 36.88 7.30 26.77
C GLU A 657 36.13 5.97 26.81
N LEU A 658 36.87 4.88 26.97
CA LEU A 658 36.31 3.55 27.19
C LEU A 658 35.76 3.40 28.59
N HIS A 659 34.80 2.48 28.73
CA HIS A 659 34.35 1.96 30.03
C HIS A 659 33.90 3.06 30.99
N MET A 660 33.09 3.99 30.47
CA MET A 660 32.51 5.08 31.30
C MET A 660 31.02 4.86 31.55
N LYS A 661 30.59 5.16 32.78
CA LYS A 661 29.20 4.96 33.19
C LYS A 661 28.32 6.19 32.99
N ASN A 662 27.04 5.95 32.72
CA ASN A 662 26.02 7.01 32.72
C ASN A 662 26.30 8.18 31.77
N VAL A 663 26.57 7.82 30.53
CA VAL A 663 27.00 8.75 29.52
C VAL A 663 26.10 8.68 28.28
N VAL A 664 24.88 8.14 28.40
CA VAL A 664 23.96 8.05 27.24
C VAL A 664 22.58 8.66 27.61
N PRO A 665 22.47 10.00 27.53
CA PRO A 665 21.23 10.69 27.90
C PRO A 665 20.15 10.72 26.82
N TYR A 666 18.93 11.05 27.28
CA TYR A 666 17.75 11.27 26.47
C TYR A 666 17.43 12.76 26.63
N ILE A 667 17.20 13.47 25.53
CA ILE A 667 16.75 14.88 25.54
C ILE A 667 15.72 15.10 24.44
N THR A 668 15.04 16.22 24.53
CA THR A 668 13.94 16.52 23.62
C THR A 668 14.04 17.92 23.11
N PHE A 669 13.45 18.14 21.95
CA PHE A 669 13.48 19.43 21.29
C PHE A 669 12.12 19.69 20.67
N LYS A 670 11.75 20.96 20.66
CA LYS A 670 10.67 21.45 19.82
C LYS A 670 11.30 21.81 18.51
N ILE A 671 10.51 21.87 17.45
CA ILE A 671 11.05 22.26 16.14
C ILE A 671 11.66 23.66 16.26
N GLU A 672 11.02 24.55 17.03
CA GLU A 672 11.49 25.91 17.20
C GLU A 672 12.86 25.98 17.89
N ASP A 673 13.14 25.02 18.79
CA ASP A 673 14.48 24.90 19.37
C ASP A 673 15.52 24.50 18.30
N LEU A 674 15.17 23.52 17.48
CA LEU A 674 16.06 23.05 16.40
C LEU A 674 16.33 24.06 15.29
N LYS A 675 15.46 25.06 15.14
CA LYS A 675 15.69 26.13 14.16
C LYS A 675 16.80 27.10 14.57
N LYS A 676 17.21 27.05 15.83
CA LYS A 676 18.22 27.96 16.35
C LYS A 676 19.57 27.28 16.35
N ASN A 677 20.49 27.96 15.64
CA ASN A 677 21.99 27.84 15.61
C ASN A 677 22.53 27.99 14.19
N ASN B 20 -55.48 -23.59 -38.69
CA ASN B 20 -54.09 -23.52 -39.27
C ASN B 20 -53.29 -24.79 -39.00
N THR B 21 -53.21 -25.71 -39.96
CA THR B 21 -52.40 -26.92 -39.75
C THR B 21 -51.31 -27.13 -40.81
N PRO B 22 -50.23 -27.85 -40.44
CA PRO B 22 -49.15 -28.06 -41.39
C PRO B 22 -49.53 -28.86 -42.64
N VAL B 23 -49.09 -28.38 -43.80
CA VAL B 23 -49.06 -29.19 -45.02
C VAL B 23 -47.98 -30.28 -44.98
N LEU B 24 -46.94 -30.07 -44.18
CA LEU B 24 -45.90 -31.07 -43.95
C LEU B 24 -45.31 -30.86 -42.57
N GLU B 25 -45.06 -31.96 -41.87
CA GLU B 25 -44.31 -31.93 -40.61
C GLU B 25 -43.37 -33.13 -40.55
N LYS B 26 -42.08 -32.84 -40.35
CA LYS B 26 -41.05 -33.86 -40.18
C LYS B 26 -40.32 -33.63 -38.85
N ASN B 27 -39.63 -34.68 -38.36
CA ASN B 27 -38.96 -34.69 -37.05
C ASN B 27 -37.63 -35.42 -37.08
N ASN B 28 -36.79 -35.12 -36.10
N ASN B 28 -36.75 -35.09 -36.15
CA ASN B 28 -35.45 -35.72 -35.93
CA ASN B 28 -35.53 -35.85 -35.93
C ASN B 28 -34.81 -36.11 -37.25
C ASN B 28 -34.75 -36.13 -37.23
N VAL B 29 -34.50 -35.08 -38.04
CA VAL B 29 -33.84 -35.22 -39.33
C VAL B 29 -32.42 -34.78 -39.08
N THR B 30 -31.53 -35.72 -38.90
CA THR B 30 -30.12 -35.43 -38.71
C THR B 30 -29.41 -35.36 -40.06
N LEU B 31 -28.52 -34.38 -40.20
CA LEU B 31 -27.93 -34.08 -41.48
C LEU B 31 -26.51 -33.65 -41.25
N THR B 32 -25.66 -33.90 -42.26
CA THR B 32 -24.29 -33.40 -42.28
C THR B 32 -23.98 -32.95 -43.71
N GLY B 33 -24.67 -31.90 -44.13
CA GLY B 33 -24.43 -31.28 -45.43
C GLY B 33 -25.24 -31.82 -46.58
N GLY B 34 -25.81 -33.01 -46.44
CA GLY B 34 -26.40 -33.73 -47.58
C GLY B 34 -27.84 -33.37 -47.94
N GLY B 35 -28.60 -32.93 -46.94
CA GLY B 35 -29.99 -32.54 -47.15
C GLY B 35 -30.94 -33.73 -47.27
N GLU B 36 -32.22 -33.44 -47.48
CA GLU B 36 -33.22 -34.47 -47.67
C GLU B 36 -34.32 -33.94 -48.59
N ASN B 37 -34.57 -34.67 -49.69
CA ASN B 37 -35.61 -34.28 -50.65
C ASN B 37 -37.00 -34.49 -50.06
N VAL B 38 -37.83 -33.45 -50.12
CA VAL B 38 -39.25 -33.55 -49.77
C VAL B 38 -40.13 -33.01 -50.90
N THR B 39 -39.67 -33.14 -52.15
CA THR B 39 -40.38 -32.56 -53.28
C THR B 39 -41.76 -33.18 -53.43
N LYS B 40 -41.81 -34.49 -53.32
CA LYS B 40 -43.08 -35.21 -53.48
C LYS B 40 -44.08 -34.74 -52.42
N GLU B 41 -43.60 -34.48 -51.20
CA GLU B 41 -44.46 -34.07 -50.08
C GLU B 41 -45.04 -32.65 -50.22
N LEU B 42 -44.27 -31.73 -50.78
CA LEU B 42 -44.64 -30.30 -50.86
C LEU B 42 -45.07 -29.75 -52.23
N LYS B 43 -44.66 -30.39 -53.31
CA LYS B 43 -44.97 -29.91 -54.66
C LYS B 43 -46.36 -29.35 -54.94
N ASP B 44 -47.41 -30.09 -54.63
CA ASP B 44 -48.76 -29.57 -54.92
C ASP B 44 -49.45 -28.88 -53.73
N LYS B 45 -48.68 -28.45 -52.72
CA LYS B 45 -49.29 -27.92 -51.49
C LYS B 45 -49.48 -26.40 -51.43
N PHE B 46 -48.67 -25.61 -52.13
CA PHE B 46 -48.67 -24.14 -51.93
C PHE B 46 -49.59 -23.39 -52.90
N THR B 47 -50.87 -23.32 -52.54
CA THR B 47 -51.90 -22.78 -53.43
C THR B 47 -51.70 -21.31 -53.75
N SER B 48 -51.75 -20.43 -52.75
CA SER B 48 -51.60 -18.98 -52.99
C SER B 48 -50.17 -18.58 -53.36
N GLY B 49 -49.20 -19.28 -52.79
CA GLY B 49 -47.80 -18.91 -52.90
C GLY B 49 -47.23 -18.50 -51.55
N ASP B 50 -48.08 -17.94 -50.68
CA ASP B 50 -47.65 -17.58 -49.32
C ASP B 50 -47.28 -18.79 -48.50
N PHE B 51 -46.45 -18.56 -47.48
CA PHE B 51 -45.94 -19.65 -46.66
C PHE B 51 -45.45 -19.17 -45.29
N THR B 52 -45.51 -20.11 -44.36
CA THR B 52 -44.88 -19.98 -43.06
C THR B 52 -44.12 -21.27 -42.84
N VAL B 53 -42.89 -21.17 -42.32
CA VAL B 53 -42.11 -22.34 -41.97
C VAL B 53 -41.55 -22.11 -40.56
N VAL B 54 -41.73 -23.10 -39.69
CA VAL B 54 -41.23 -23.03 -38.31
C VAL B 54 -40.26 -24.18 -38.11
N ILE B 55 -39.05 -23.86 -37.65
CA ILE B 55 -37.95 -24.81 -37.56
C ILE B 55 -37.33 -24.82 -36.16
N LYS B 56 -37.41 -25.98 -35.50
CA LYS B 56 -36.73 -26.22 -34.23
C LYS B 56 -35.53 -27.04 -34.62
N TYR B 57 -34.34 -26.48 -34.41
CA TYR B 57 -33.11 -27.12 -34.87
C TYR B 57 -32.01 -26.92 -33.84
N ASN B 58 -30.94 -27.69 -33.98
CA ASN B 58 -29.68 -27.39 -33.30
C ASN B 58 -28.54 -27.75 -34.25
N GLN B 59 -27.50 -26.92 -34.28
CA GLN B 59 -26.37 -27.15 -35.19
C GLN B 59 -25.27 -27.99 -34.52
N SER B 60 -24.69 -28.90 -35.30
CA SER B 60 -23.53 -29.67 -34.89
C SER B 60 -22.24 -28.99 -35.35
N SER B 61 -22.34 -28.18 -36.38
CA SER B 61 -21.25 -27.32 -36.83
C SER B 61 -21.86 -25.99 -37.24
N GLU B 62 -21.30 -24.89 -36.73
CA GLU B 62 -21.75 -23.55 -37.10
C GLU B 62 -21.12 -22.99 -38.38
N LYS B 63 -20.06 -23.61 -38.89
CA LYS B 63 -19.27 -23.01 -39.96
C LYS B 63 -20.03 -22.90 -41.28
N GLY B 64 -19.74 -21.83 -42.02
CA GLY B 64 -20.31 -21.62 -43.34
C GLY B 64 -21.73 -21.12 -43.31
N LEU B 65 -22.28 -20.90 -44.50
CA LEU B 65 -23.65 -20.48 -44.65
C LEU B 65 -24.49 -21.74 -44.78
N GLN B 66 -25.51 -21.86 -43.94
CA GLN B 66 -26.34 -23.08 -43.90
C GLN B 66 -27.85 -22.77 -44.01
N ALA B 67 -28.51 -23.40 -44.99
CA ALA B 67 -29.96 -23.28 -45.20
C ALA B 67 -30.71 -24.34 -44.39
N LEU B 68 -31.74 -23.93 -43.64
CA LEU B 68 -32.57 -24.89 -42.88
C LEU B 68 -33.50 -25.66 -43.81
N PHE B 69 -33.97 -24.97 -44.85
CA PHE B 69 -34.71 -25.60 -45.96
C PHE B 69 -34.52 -24.74 -47.23
N GLY B 70 -34.91 -25.30 -48.38
CA GLY B 70 -34.78 -24.60 -49.65
C GLY B 70 -35.85 -25.05 -50.62
N ILE B 71 -36.45 -24.07 -51.31
CA ILE B 71 -37.46 -24.32 -52.33
C ILE B 71 -36.95 -23.64 -53.59
N SER B 72 -36.66 -24.43 -54.63
CA SER B 72 -35.90 -23.94 -55.77
C SER B 72 -36.35 -24.50 -57.10
N ASN B 73 -35.89 -23.81 -58.14
CA ASN B 73 -35.77 -24.35 -59.47
C ASN B 73 -34.37 -24.96 -59.55
N SER B 74 -34.31 -26.30 -59.60
CA SER B 74 -33.05 -27.04 -59.58
C SER B 74 -32.35 -27.16 -60.95
N LYS B 75 -33.02 -26.73 -62.02
CA LYS B 75 -32.53 -26.96 -63.38
C LYS B 75 -31.32 -26.07 -63.67
N PRO B 76 -30.47 -26.48 -64.64
CA PRO B 76 -29.31 -25.66 -65.06
C PRO B 76 -29.74 -24.26 -65.54
N GLY B 77 -28.93 -23.25 -65.20
CA GLY B 77 -29.26 -21.86 -65.50
C GLY B 77 -30.21 -21.15 -64.54
N GLN B 78 -30.89 -21.89 -63.66
CA GLN B 78 -31.89 -21.35 -62.74
C GLN B 78 -31.42 -21.32 -61.28
N GLN B 79 -30.10 -21.24 -61.08
CA GLN B 79 -29.51 -21.25 -59.72
C GLN B 79 -29.85 -20.04 -58.85
N ASN B 80 -30.31 -18.94 -59.44
CA ASN B 80 -30.78 -17.77 -58.69
C ASN B 80 -32.30 -17.73 -58.53
N SER B 81 -32.94 -18.90 -58.56
CA SER B 81 -34.39 -19.00 -58.42
C SER B 81 -34.71 -19.90 -57.24
N TYR B 82 -34.79 -19.30 -56.04
CA TYR B 82 -35.10 -20.05 -54.85
C TYR B 82 -35.58 -19.21 -53.67
N VAL B 83 -36.14 -19.92 -52.69
CA VAL B 83 -36.46 -19.41 -51.35
C VAL B 83 -35.67 -20.24 -50.33
N ASP B 84 -35.14 -19.60 -49.30
CA ASP B 84 -34.52 -20.33 -48.19
C ASP B 84 -34.55 -19.51 -46.93
N VAL B 85 -34.31 -20.18 -45.82
CA VAL B 85 -33.99 -19.54 -44.57
C VAL B 85 -32.58 -20.03 -44.20
N PHE B 86 -31.69 -19.10 -43.87
CA PHE B 86 -30.30 -19.44 -43.62
C PHE B 86 -29.79 -19.01 -42.24
N LEU B 87 -28.70 -19.65 -41.83
CA LEU B 87 -27.94 -19.30 -40.63
C LEU B 87 -26.49 -19.05 -41.02
N ARG B 88 -25.92 -17.98 -40.46
CA ARG B 88 -24.49 -17.70 -40.60
C ARG B 88 -23.78 -18.14 -39.33
N ASP B 89 -22.44 -18.21 -39.39
CA ASP B 89 -21.60 -18.62 -38.25
C ASP B 89 -21.39 -17.56 -37.15
N ASN B 90 -22.01 -16.40 -37.33
CA ASN B 90 -22.04 -15.33 -36.32
C ASN B 90 -23.42 -15.19 -35.69
N GLY B 91 -24.32 -16.13 -35.96
CA GLY B 91 -25.63 -16.16 -35.31
C GLY B 91 -26.70 -15.42 -36.07
N GLU B 92 -26.38 -14.89 -37.25
CA GLU B 92 -27.38 -14.19 -38.05
C GLU B 92 -28.38 -15.17 -38.62
N LEU B 93 -29.65 -14.82 -38.52
CA LEU B 93 -30.75 -15.54 -39.18
C LEU B 93 -31.22 -14.69 -40.34
N GLY B 94 -31.39 -15.29 -41.50
CA GLY B 94 -31.93 -14.57 -42.64
C GLY B 94 -32.76 -15.44 -43.56
N MET B 95 -33.25 -14.83 -44.63
CA MET B 95 -33.96 -15.54 -45.67
C MET B 95 -33.69 -14.88 -47.01
N GLU B 96 -33.64 -15.67 -48.07
CA GLU B 96 -33.60 -15.14 -49.43
C GLU B 96 -34.85 -15.56 -50.19
N ALA B 97 -35.20 -14.76 -51.17
CA ALA B 97 -36.27 -15.07 -52.13
C ALA B 97 -35.87 -14.44 -53.45
N ARG B 98 -35.49 -15.28 -54.40
CA ARG B 98 -34.83 -14.83 -55.62
C ARG B 98 -35.49 -15.47 -56.85
N ASP B 99 -35.53 -14.72 -57.95
CA ASP B 99 -35.99 -15.24 -59.24
C ASP B 99 -34.98 -14.87 -60.32
N THR B 100 -34.48 -15.87 -61.05
CA THR B 100 -33.44 -15.66 -62.04
C THR B 100 -33.89 -14.73 -63.17
N SER B 101 -34.99 -15.09 -63.84
CA SER B 101 -35.43 -14.44 -65.09
C SER B 101 -35.80 -12.96 -64.93
N SER B 102 -36.42 -12.61 -63.80
CA SER B 102 -36.73 -11.20 -63.50
C SER B 102 -35.62 -10.46 -62.74
N ASN B 103 -34.46 -11.09 -62.54
CA ASN B 103 -33.40 -10.55 -61.70
C ASN B 103 -33.88 -9.87 -60.39
N LYS B 104 -34.80 -10.54 -59.69
CA LYS B 104 -35.32 -10.09 -58.38
C LYS B 104 -34.66 -10.90 -57.25
N ASN B 105 -34.09 -10.19 -56.29
CA ASN B 105 -33.25 -10.78 -55.25
C ASN B 105 -33.56 -10.12 -53.92
N ASN B 106 -34.39 -10.77 -53.12
CA ASN B 106 -34.70 -10.29 -51.77
C ASN B 106 -33.86 -11.00 -50.71
N LEU B 107 -33.33 -10.22 -49.78
CA LEU B 107 -32.62 -10.73 -48.62
C LEU B 107 -33.10 -9.94 -47.42
N VAL B 108 -33.69 -10.63 -46.46
CA VAL B 108 -34.15 -10.04 -45.21
C VAL B 108 -33.44 -10.81 -44.11
N SER B 109 -32.91 -10.12 -43.09
CA SER B 109 -32.16 -10.78 -42.02
C SER B 109 -32.01 -9.93 -40.77
N ARG B 110 -31.49 -10.56 -39.70
CA ARG B 110 -31.02 -9.79 -38.57
C ARG B 110 -29.87 -10.49 -37.89
N PRO B 111 -28.77 -9.75 -37.62
CA PRO B 111 -27.69 -10.31 -36.81
C PRO B 111 -28.13 -10.87 -35.45
N ALA B 112 -27.32 -11.76 -34.91
CA ALA B 112 -27.37 -12.12 -33.49
C ALA B 112 -28.75 -12.66 -33.09
N SER B 113 -29.33 -13.46 -33.98
CA SER B 113 -30.70 -13.95 -33.85
C SER B 113 -30.77 -15.30 -33.11
N VAL B 114 -29.71 -16.10 -33.20
CA VAL B 114 -29.70 -17.42 -32.61
C VAL B 114 -28.50 -17.65 -31.70
N TRP B 115 -28.56 -18.75 -30.96
CA TRP B 115 -27.49 -19.22 -30.09
C TRP B 115 -26.82 -20.39 -30.79
N GLY B 116 -25.56 -20.63 -30.49
CA GLY B 116 -24.80 -21.72 -31.11
C GLY B 116 -24.68 -22.86 -30.12
N LYS B 117 -23.80 -22.65 -29.13
CA LYS B 117 -23.61 -23.61 -28.05
C LYS B 117 -23.72 -22.95 -26.67
N TYR B 118 -23.93 -23.81 -25.68
CA TYR B 118 -24.02 -23.44 -24.28
C TYR B 118 -23.48 -24.58 -23.45
N LYS B 119 -22.41 -24.33 -22.70
CA LYS B 119 -21.82 -25.34 -21.82
C LYS B 119 -21.60 -26.70 -22.51
N GLN B 120 -20.90 -26.66 -23.62
CA GLN B 120 -20.52 -27.86 -24.41
C GLN B 120 -21.63 -28.53 -25.23
N GLU B 121 -22.86 -28.01 -25.20
CA GLU B 121 -23.99 -28.62 -25.93
C GLU B 121 -24.42 -27.72 -27.08
N ALA B 122 -24.81 -28.29 -28.21
CA ALA B 122 -25.55 -27.55 -29.23
C ALA B 122 -26.84 -27.02 -28.62
N VAL B 123 -27.14 -25.75 -28.88
CA VAL B 123 -28.34 -25.10 -28.37
C VAL B 123 -29.49 -25.27 -29.35
N THR B 124 -30.63 -25.69 -28.82
CA THR B 124 -31.86 -25.77 -29.58
C THR B 124 -32.44 -24.37 -29.72
N ASN B 125 -32.66 -23.95 -30.96
CA ASN B 125 -33.31 -22.70 -31.28
C ASN B 125 -34.58 -23.03 -32.06
N THR B 126 -35.53 -22.11 -32.08
CA THR B 126 -36.71 -22.24 -32.91
C THR B 126 -36.82 -20.94 -33.65
N VAL B 127 -36.85 -21.04 -34.96
CA VAL B 127 -36.91 -19.87 -35.83
C VAL B 127 -38.09 -20.04 -36.80
N ALA B 128 -38.48 -18.96 -37.46
CA ALA B 128 -39.60 -19.03 -38.40
C ALA B 128 -39.52 -17.95 -39.45
N VAL B 129 -40.18 -18.19 -40.57
CA VAL B 129 -40.30 -17.22 -41.64
C VAL B 129 -41.77 -17.13 -42.03
N VAL B 130 -42.20 -15.92 -42.37
CA VAL B 130 -43.56 -15.66 -42.84
C VAL B 130 -43.49 -14.77 -44.08
N ALA B 131 -44.08 -15.25 -45.17
CA ALA B 131 -44.15 -14.49 -46.43
C ALA B 131 -45.60 -14.17 -46.69
N ASP B 132 -45.92 -12.88 -46.74
CA ASP B 132 -47.31 -12.37 -46.82
C ASP B 132 -47.41 -11.43 -48.02
N SER B 133 -47.95 -11.94 -49.12
CA SER B 133 -48.06 -11.17 -50.38
C SER B 133 -49.08 -10.02 -50.35
N VAL B 134 -50.07 -10.10 -49.47
CA VAL B 134 -50.97 -8.98 -49.20
C VAL B 134 -50.19 -7.79 -48.64
N LYS B 135 -49.40 -8.03 -47.59
CA LYS B 135 -48.56 -6.98 -46.99
C LYS B 135 -47.22 -6.74 -47.71
N LYS B 136 -46.84 -7.67 -48.60
CA LYS B 136 -45.52 -7.69 -49.26
C LYS B 136 -44.37 -7.66 -48.26
N THR B 137 -44.54 -8.39 -47.17
CA THR B 137 -43.56 -8.45 -46.09
C THR B 137 -43.00 -9.85 -45.90
N TYR B 138 -41.72 -9.90 -45.55
CA TYR B 138 -41.11 -11.09 -45.00
C TYR B 138 -40.81 -10.81 -43.54
N SER B 139 -41.17 -11.76 -42.68
CA SER B 139 -40.90 -11.66 -41.25
C SER B 139 -40.09 -12.85 -40.76
N LEU B 140 -39.18 -12.59 -39.81
CA LEU B 140 -38.35 -13.63 -39.23
C LEU B 140 -38.48 -13.60 -37.73
N TYR B 141 -38.57 -14.79 -37.14
CA TYR B 141 -38.71 -14.95 -35.72
C TYR B 141 -37.60 -15.87 -35.27
N ALA B 142 -37.13 -15.66 -34.04
CA ALA B 142 -36.15 -16.52 -33.39
C ALA B 142 -36.42 -16.48 -31.90
N ASN B 143 -36.71 -17.64 -31.33
CA ASN B 143 -36.72 -17.84 -29.88
C ASN B 143 -37.67 -16.93 -29.10
N GLY B 144 -38.82 -16.65 -29.74
CA GLY B 144 -39.89 -15.86 -29.16
C GLY B 144 -39.98 -14.42 -29.64
N THR B 145 -38.95 -13.95 -30.34
CA THR B 145 -38.86 -12.57 -30.77
C THR B 145 -39.02 -12.49 -32.29
N LYS B 146 -39.78 -11.51 -32.77
CA LYS B 146 -39.77 -11.18 -34.18
C LYS B 146 -38.56 -10.30 -34.39
N VAL B 147 -37.54 -10.89 -34.99
CA VAL B 147 -36.26 -10.21 -35.16
C VAL B 147 -36.29 -9.24 -36.33
N VAL B 148 -37.19 -9.43 -37.30
CA VAL B 148 -37.29 -8.48 -38.40
C VAL B 148 -38.58 -8.68 -39.21
N GLU B 149 -39.13 -7.57 -39.68
CA GLU B 149 -40.26 -7.54 -40.62
C GLU B 149 -39.97 -6.47 -41.65
N LYS B 150 -39.97 -6.85 -42.93
CA LYS B 150 -39.51 -5.96 -43.99
C LYS B 150 -40.52 -5.97 -45.15
N LYS B 151 -41.17 -4.84 -45.41
CA LYS B 151 -41.98 -4.68 -46.62
C LYS B 151 -41.02 -4.48 -47.77
N VAL B 152 -41.25 -5.21 -48.86
CA VAL B 152 -40.37 -5.20 -50.02
C VAL B 152 -41.16 -4.92 -51.30
N ASP B 153 -40.57 -4.11 -52.18
CA ASP B 153 -41.21 -3.70 -53.43
C ASP B 153 -41.23 -4.84 -54.45
N ASN B 154 -40.14 -5.59 -54.54
CA ASN B 154 -40.04 -6.72 -55.46
C ASN B 154 -40.34 -8.08 -54.80
N PHE B 155 -41.45 -8.12 -54.07
CA PHE B 155 -41.86 -9.27 -53.29
C PHE B 155 -42.02 -10.51 -54.16
N LEU B 156 -41.51 -11.62 -53.67
CA LEU B 156 -41.64 -12.92 -54.30
C LEU B 156 -42.19 -13.95 -53.30
N ASN B 157 -43.28 -14.61 -53.67
CA ASN B 157 -43.69 -15.84 -52.99
C ASN B 157 -43.25 -17.07 -53.83
N ILE B 158 -43.66 -18.27 -53.42
CA ILE B 158 -43.28 -19.49 -54.10
C ILE B 158 -43.82 -19.54 -55.53
N LYS B 159 -45.08 -19.16 -55.72
CA LYS B 159 -45.67 -19.11 -57.05
C LYS B 159 -45.08 -18.04 -57.98
N ASP B 160 -44.46 -17.00 -57.42
CA ASP B 160 -43.84 -15.94 -58.24
C ASP B 160 -42.49 -16.34 -58.87
N ILE B 161 -41.92 -17.46 -58.45
CA ILE B 161 -40.59 -17.86 -58.93
C ILE B 161 -40.82 -18.93 -59.98
N LYS B 162 -40.20 -18.72 -61.13
CA LYS B 162 -40.51 -19.50 -62.31
C LYS B 162 -39.90 -20.91 -62.20
N GLY B 163 -40.72 -21.92 -62.45
CA GLY B 163 -40.26 -23.30 -62.54
C GLY B 163 -39.75 -23.93 -61.26
N ILE B 164 -40.39 -23.63 -60.13
CA ILE B 164 -40.09 -24.32 -58.86
C ILE B 164 -40.44 -25.80 -59.03
N ASP B 165 -39.44 -26.66 -58.84
CA ASP B 165 -39.58 -28.11 -59.00
C ASP B 165 -38.88 -28.94 -57.93
N TYR B 166 -38.33 -28.29 -56.88
CA TYR B 166 -37.52 -28.98 -55.88
C TYR B 166 -37.67 -28.35 -54.49
N TYR B 167 -37.98 -29.20 -53.49
CA TYR B 167 -38.19 -28.80 -52.10
C TYR B 167 -37.32 -29.67 -51.22
N MET B 168 -36.51 -29.05 -50.38
CA MET B 168 -35.41 -29.71 -49.72
C MET B 168 -35.29 -29.27 -48.27
N LEU B 169 -34.99 -30.20 -47.37
CA LEU B 169 -34.60 -29.90 -46.00
C LEU B 169 -33.09 -29.81 -45.92
N GLY B 170 -32.59 -28.80 -45.23
CA GLY B 170 -31.17 -28.66 -44.98
C GLY B 170 -30.29 -28.29 -46.17
N GLY B 171 -30.88 -27.66 -47.19
CA GLY B 171 -30.09 -27.13 -48.27
C GLY B 171 -30.95 -26.49 -49.33
N VAL B 172 -30.31 -26.06 -50.41
CA VAL B 172 -30.98 -25.55 -51.61
C VAL B 172 -30.38 -26.26 -52.82
N LYS B 173 -31.22 -26.87 -53.64
CA LYS B 173 -30.76 -27.52 -54.86
C LYS B 173 -30.61 -26.46 -55.94
N ARG B 174 -29.37 -26.19 -56.34
CA ARG B 174 -29.02 -25.20 -57.36
C ARG B 174 -28.25 -25.90 -58.47
N ALA B 175 -28.77 -25.84 -59.69
CA ALA B 175 -28.20 -26.53 -60.85
C ALA B 175 -27.85 -28.00 -60.53
N GLY B 176 -28.78 -28.71 -59.91
CA GLY B 176 -28.58 -30.12 -59.54
C GLY B 176 -27.61 -30.44 -58.41
N LYS B 177 -27.11 -29.44 -57.70
CA LYS B 177 -26.18 -29.63 -56.57
C LYS B 177 -26.75 -29.05 -55.29
N THR B 178 -26.31 -29.60 -54.16
CA THR B 178 -26.78 -29.17 -52.86
C THR B 178 -25.95 -28.00 -52.40
N ALA B 179 -26.58 -26.84 -52.26
CA ALA B 179 -25.94 -25.63 -51.78
C ALA B 179 -26.37 -25.35 -50.34
N PHE B 180 -25.48 -24.70 -49.59
CA PHE B 180 -25.73 -24.22 -48.21
C PHE B 180 -26.09 -25.36 -47.26
N GLY B 181 -25.37 -26.48 -47.35
CA GLY B 181 -25.72 -27.68 -46.59
C GLY B 181 -25.73 -27.49 -45.07
N PHE B 182 -26.82 -27.89 -44.42
CA PHE B 182 -27.02 -27.72 -42.98
C PHE B 182 -26.44 -28.90 -42.21
N ASN B 183 -25.75 -28.58 -41.11
CA ASN B 183 -25.11 -29.55 -40.24
C ASN B 183 -25.75 -29.52 -38.87
N GLY B 184 -26.52 -30.56 -38.57
CA GLY B 184 -27.24 -30.62 -37.32
C GLY B 184 -28.49 -31.45 -37.44
N THR B 185 -29.41 -31.22 -36.52
CA THR B 185 -30.67 -31.92 -36.45
C THR B 185 -31.78 -30.92 -36.55
N LEU B 186 -32.62 -31.09 -37.56
CA LEU B 186 -33.92 -30.45 -37.59
C LEU B 186 -34.83 -31.28 -36.67
N GLU B 187 -35.10 -30.76 -35.48
CA GLU B 187 -35.86 -31.50 -34.46
C GLU B 187 -37.33 -31.56 -34.82
N ASN B 188 -37.84 -30.42 -35.26
CA ASN B 188 -39.18 -30.35 -35.84
C ASN B 188 -39.21 -29.26 -36.89
N ILE B 189 -39.89 -29.51 -38.00
CA ILE B 189 -40.09 -28.52 -39.05
C ILE B 189 -41.53 -28.59 -39.58
N LYS B 190 -42.18 -27.44 -39.62
CA LYS B 190 -43.58 -27.34 -40.02
C LYS B 190 -43.66 -26.36 -41.17
N PHE B 191 -44.29 -26.80 -42.25
CA PHE B 191 -44.59 -25.96 -43.42
C PHE B 191 -46.07 -25.70 -43.46
N PHE B 192 -46.44 -24.43 -43.61
CA PHE B 192 -47.84 -24.01 -43.77
C PHE B 192 -47.90 -23.25 -45.08
N ASN B 193 -49.02 -23.39 -45.78
CA ASN B 193 -49.25 -22.72 -47.07
C ASN B 193 -50.01 -21.40 -46.96
N SER B 194 -49.90 -20.75 -45.80
CA SER B 194 -50.41 -19.39 -45.59
C SER B 194 -49.47 -18.65 -44.64
N ALA B 195 -49.63 -17.33 -44.59
CA ALA B 195 -48.91 -16.48 -43.65
C ALA B 195 -49.62 -16.52 -42.29
N LEU B 196 -49.00 -17.14 -41.29
CA LEU B 196 -49.56 -17.17 -39.94
C LEU B 196 -49.33 -15.83 -39.24
N ASP B 197 -50.22 -15.51 -38.31
CA ASP B 197 -50.22 -14.21 -37.65
C ASP B 197 -49.10 -14.14 -36.61
N GLU B 198 -48.71 -12.90 -36.31
CA GLU B 198 -47.55 -12.60 -35.50
C GLU B 198 -47.53 -13.28 -34.14
N GLU B 199 -48.61 -13.17 -33.38
CA GLU B 199 -48.64 -13.72 -32.03
C GLU B 199 -48.56 -15.23 -31.98
N THR B 200 -49.14 -15.90 -32.98
CA THR B 200 -49.02 -17.38 -33.06
C THR B 200 -47.57 -17.81 -33.25
N VAL B 201 -46.87 -17.16 -34.18
CA VAL B 201 -45.52 -17.55 -34.54
C VAL B 201 -44.55 -17.23 -33.40
N LYS B 202 -44.72 -16.09 -32.73
CA LYS B 202 -43.94 -15.79 -31.52
C LYS B 202 -44.09 -16.90 -30.49
N LYS B 203 -45.33 -17.34 -30.26
CA LYS B 203 -45.61 -18.49 -29.37
C LYS B 203 -44.90 -19.76 -29.80
N MET B 204 -45.03 -20.10 -31.08
CA MET B 204 -44.41 -21.32 -31.63
C MET B 204 -42.89 -21.34 -31.50
N THR B 205 -42.25 -20.18 -31.57
CA THR B 205 -40.77 -20.09 -31.47
C THR B 205 -40.23 -19.95 -30.03
N THR B 206 -41.13 -19.72 -29.07
CA THR B 206 -40.79 -19.64 -27.65
C THR B 206 -40.20 -20.95 -27.18
N ASN B 207 -39.13 -20.88 -26.38
CA ASN B 207 -38.39 -22.07 -25.91
C ASN B 207 -37.49 -21.69 -24.73
N ALA B 208 -36.56 -22.56 -24.34
CA ALA B 208 -35.68 -22.27 -23.18
C ALA B 208 -34.77 -21.02 -23.32
N VAL B 209 -34.34 -20.70 -24.54
CA VAL B 209 -33.54 -19.48 -24.79
C VAL B 209 -34.33 -18.23 -24.36
N THR B 210 -35.64 -18.22 -24.65
CA THR B 210 -36.54 -17.09 -24.35
C THR B 210 -36.52 -16.67 -22.88
N GLY B 211 -36.40 -17.64 -21.98
CA GLY B 211 -36.35 -17.35 -20.55
C GLY B 211 -35.01 -16.93 -19.95
N HIS B 212 -33.99 -16.70 -20.78
CA HIS B 212 -32.73 -16.12 -20.29
C HIS B 212 -32.70 -14.58 -20.29
N LEU B 213 -33.81 -13.95 -20.62
CA LEU B 213 -33.92 -12.50 -20.55
C LEU B 213 -34.46 -12.05 -19.20
N ILE B 214 -33.77 -11.11 -18.55
CA ILE B 214 -34.27 -10.42 -17.37
C ILE B 214 -35.05 -9.18 -17.81
N TYR B 215 -34.48 -8.43 -18.76
CA TYR B 215 -35.10 -7.26 -19.35
C TYR B 215 -35.53 -7.61 -20.77
N THR B 216 -36.76 -7.28 -21.12
CA THR B 216 -37.30 -7.60 -22.42
C THR B 216 -37.92 -6.37 -23.06
N ALA B 217 -37.86 -6.33 -24.37
CA ALA B 217 -38.41 -5.24 -25.16
C ALA B 217 -39.85 -4.96 -24.70
N ASN B 218 -40.13 -3.70 -24.40
CA ASN B 218 -41.46 -3.21 -24.05
C ASN B 218 -42.02 -3.94 -22.84
N ASP B 219 -41.15 -4.22 -21.88
CA ASP B 219 -41.56 -4.72 -20.57
C ASP B 219 -42.00 -3.53 -19.66
N THR B 220 -41.97 -3.73 -18.34
CA THR B 220 -42.40 -2.71 -17.39
C THR B 220 -41.65 -1.39 -17.56
N THR B 221 -40.43 -1.44 -18.07
CA THR B 221 -39.66 -0.22 -18.32
C THR B 221 -40.18 0.65 -19.47
N GLY B 222 -40.99 0.10 -20.37
CA GLY B 222 -41.38 0.79 -21.59
C GLY B 222 -40.32 0.89 -22.69
N SER B 223 -39.09 0.41 -22.42
CA SER B 223 -37.98 0.48 -23.38
C SER B 223 -37.95 -0.74 -24.30
N ASN B 224 -37.73 -0.50 -25.60
CA ASN B 224 -37.46 -1.57 -26.55
C ASN B 224 -36.05 -2.10 -26.55
N TYR B 225 -35.12 -1.31 -25.99
CA TYR B 225 -33.69 -1.62 -26.07
C TYR B 225 -33.03 -1.49 -24.73
N PHE B 226 -31.95 -2.25 -24.57
CA PHE B 226 -31.13 -2.27 -23.37
C PHE B 226 -29.67 -2.46 -23.76
N ARG B 227 -28.79 -1.90 -22.95
CA ARG B 227 -27.34 -2.10 -23.04
C ARG B 227 -26.72 -1.97 -21.66
N ILE B 228 -25.43 -2.29 -21.55
CA ILE B 228 -24.67 -2.06 -20.31
C ILE B 228 -25.29 -2.76 -19.07
N PRO B 229 -25.28 -4.10 -19.05
CA PRO B 229 -25.73 -4.86 -17.91
C PRO B 229 -24.77 -4.82 -16.73
N VAL B 230 -25.33 -4.88 -15.51
CA VAL B 230 -24.55 -4.95 -14.27
C VAL B 230 -25.23 -5.93 -13.29
N LEU B 231 -24.41 -6.84 -12.73
CA LEU B 231 -24.85 -7.81 -11.75
C LEU B 231 -24.04 -7.62 -10.47
N TYR B 232 -24.70 -7.78 -9.33
CA TYR B 232 -24.05 -7.68 -8.01
C TYR B 232 -24.78 -8.56 -6.98
N THR B 233 -24.04 -9.23 -6.11
CA THR B 233 -24.65 -10.08 -5.08
C THR B 233 -24.48 -9.40 -3.74
N PHE B 234 -25.61 -9.21 -3.04
CA PHE B 234 -25.59 -8.54 -1.76
C PHE B 234 -25.36 -9.55 -0.67
N SER B 235 -24.97 -9.02 0.49
CA SER B 235 -24.60 -9.81 1.67
C SER B 235 -25.75 -10.67 2.19
N ASN B 236 -26.99 -10.18 2.07
CA ASN B 236 -28.17 -10.97 2.42
C ASN B 236 -28.50 -12.13 1.46
N GLY B 237 -27.75 -12.28 0.37
CA GLY B 237 -28.00 -13.34 -0.59
C GLY B 237 -28.88 -12.93 -1.76
N ARG B 238 -29.38 -11.70 -1.77
CA ARG B 238 -30.02 -11.18 -2.98
C ARG B 238 -28.99 -10.91 -4.10
N VAL B 239 -29.41 -11.24 -5.32
CA VAL B 239 -28.67 -10.97 -6.55
C VAL B 239 -29.42 -9.83 -7.18
N PHE B 240 -28.67 -8.80 -7.58
CA PHE B 240 -29.23 -7.54 -8.08
C PHE B 240 -28.66 -7.19 -9.45
N SER B 241 -29.54 -6.77 -10.38
CA SER B 241 -29.13 -6.26 -11.69
C SER B 241 -29.54 -4.80 -11.93
N SER B 242 -28.67 -4.04 -12.57
CA SER B 242 -29.04 -2.76 -13.15
C SER B 242 -28.68 -2.79 -14.64
N ILE B 243 -29.28 -1.89 -15.40
CA ILE B 243 -29.07 -1.84 -16.84
C ILE B 243 -29.49 -0.51 -17.43
N ASP B 244 -28.87 -0.13 -18.55
CA ASP B 244 -29.37 1.00 -19.32
C ASP B 244 -30.64 0.59 -20.13
N ALA B 245 -31.77 1.21 -19.79
CA ALA B 245 -32.98 1.19 -20.62
C ALA B 245 -32.84 2.32 -21.62
N ARG B 246 -32.47 1.96 -22.84
CA ARG B 246 -32.22 2.92 -23.93
C ARG B 246 -33.41 2.95 -24.90
N TYR B 247 -34.12 4.07 -24.90
CA TYR B 247 -35.46 4.14 -25.54
C TYR B 247 -35.37 4.46 -27.01
N GLY B 248 -34.37 5.24 -27.42
CA GLY B 248 -34.19 5.66 -28.80
C GLY B 248 -33.17 4.84 -29.57
N GLY B 249 -33.38 3.54 -29.61
CA GLY B 249 -32.38 2.60 -30.09
C GLY B 249 -31.30 2.46 -29.06
N THR B 250 -30.22 1.78 -29.45
CA THR B 250 -29.05 1.49 -28.59
C THR B 250 -27.93 2.55 -28.66
N HIS B 251 -28.11 3.66 -29.40
CA HIS B 251 -27.08 4.74 -29.43
C HIS B 251 -26.56 5.07 -28.03
N ASP B 252 -25.25 5.15 -27.89
CA ASP B 252 -24.65 5.69 -26.66
C ASP B 252 -25.15 7.14 -26.51
N PHE B 253 -25.17 7.87 -27.64
CA PHE B 253 -25.64 9.22 -27.67
C PHE B 253 -25.98 9.64 -29.08
N LEU B 254 -26.76 10.70 -29.25
CA LEU B 254 -27.63 11.22 -28.21
C LEU B 254 -28.73 10.20 -28.04
N ASN B 255 -29.41 10.21 -26.91
CA ASN B 255 -30.45 9.21 -26.62
C ASN B 255 -31.22 9.63 -25.37
N LYS B 256 -32.29 8.90 -25.10
CA LYS B 256 -33.05 9.01 -23.88
C LYS B 256 -32.81 7.71 -23.15
N ILE B 257 -32.13 7.79 -22.01
CA ILE B 257 -31.76 6.61 -21.25
C ILE B 257 -32.11 6.76 -19.75
N ASN B 258 -32.78 5.72 -19.21
CA ASN B 258 -33.01 5.52 -17.77
C ASN B 258 -32.20 4.32 -17.30
N ILE B 259 -31.92 4.28 -16.01
CA ILE B 259 -31.35 3.09 -15.41
C ILE B 259 -32.51 2.27 -14.83
N ALA B 260 -32.60 1.00 -15.23
CA ALA B 260 -33.60 0.04 -14.70
C ALA B 260 -32.93 -0.95 -13.77
N THR B 261 -33.70 -1.52 -12.85
CA THR B 261 -33.22 -2.55 -11.94
C THR B 261 -34.21 -3.72 -11.84
N SER B 262 -33.68 -4.84 -11.34
CA SER B 262 -34.43 -6.09 -11.22
C SER B 262 -33.57 -6.99 -10.36
N TYR B 263 -34.18 -7.80 -9.52
CA TYR B 263 -33.45 -8.63 -8.56
C TYR B 263 -34.06 -10.02 -8.44
N SER B 264 -33.29 -10.92 -7.84
CA SER B 264 -33.65 -12.31 -7.65
C SER B 264 -33.36 -12.70 -6.20
N ASP B 265 -34.39 -13.23 -5.52
CA ASP B 265 -34.22 -13.76 -4.18
C ASP B 265 -33.99 -15.27 -4.17
N ASP B 266 -33.71 -15.89 -5.31
CA ASP B 266 -33.52 -17.32 -5.35
C ASP B 266 -32.34 -17.73 -6.22
N ASN B 267 -31.16 -17.20 -5.91
CA ASN B 267 -29.94 -17.54 -6.66
C ASN B 267 -30.05 -17.34 -8.19
N GLY B 268 -30.93 -16.46 -8.64
CA GLY B 268 -31.07 -16.15 -10.06
C GLY B 268 -32.12 -16.87 -10.87
N LYS B 269 -32.90 -17.77 -10.25
CA LYS B 269 -33.86 -18.58 -11.02
C LYS B 269 -35.00 -17.71 -11.55
N THR B 270 -35.50 -16.81 -10.69
CA THR B 270 -36.58 -15.89 -11.05
C THR B 270 -36.21 -14.49 -10.61
N TRP B 271 -36.74 -13.53 -11.37
CA TRP B 271 -36.35 -12.13 -11.27
C TRP B 271 -37.56 -11.24 -11.22
N THR B 272 -37.45 -10.15 -10.46
CA THR B 272 -38.56 -9.19 -10.36
C THR B 272 -38.77 -8.48 -11.68
N LYS B 273 -40.02 -8.09 -11.95
CA LYS B 273 -40.33 -7.28 -13.14
C LYS B 273 -39.54 -5.94 -13.01
N PRO B 274 -38.91 -5.50 -14.10
CA PRO B 274 -38.00 -4.36 -13.90
C PRO B 274 -38.66 -3.07 -13.47
N LYS B 275 -37.99 -2.34 -12.58
CA LYS B 275 -38.37 -1.00 -12.14
C LYS B 275 -37.39 0.05 -12.68
N LEU B 276 -37.92 1.25 -12.92
CA LEU B 276 -37.10 2.41 -13.20
C LEU B 276 -36.53 2.94 -11.89
N THR B 277 -35.22 3.14 -11.86
CA THR B 277 -34.51 3.52 -10.65
C THR B 277 -33.90 4.90 -10.79
N LEU B 278 -33.33 5.21 -11.95
CA LEU B 278 -32.87 6.59 -12.27
C LEU B 278 -33.46 7.00 -13.60
N ALA B 279 -34.29 8.04 -13.56
CA ALA B 279 -35.00 8.47 -14.75
C ALA B 279 -35.44 9.93 -14.70
N PHE B 280 -35.43 10.58 -15.86
CA PHE B 280 -35.97 11.89 -16.10
C PHE B 280 -37.25 11.67 -16.91
N ASP B 281 -38.19 12.62 -16.86
CA ASP B 281 -39.49 12.50 -17.56
C ASP B 281 -39.78 13.63 -18.58
N ASP B 282 -38.73 14.35 -19.00
CA ASP B 282 -38.83 15.25 -20.18
C ASP B 282 -39.29 14.52 -21.45
N PHE B 283 -38.94 13.23 -21.55
CA PHE B 283 -39.57 12.27 -22.45
C PHE B 283 -40.14 11.15 -21.60
N ALA B 284 -41.28 10.58 -22.00
CA ALA B 284 -41.90 9.46 -21.28
C ALA B 284 -41.15 8.16 -21.55
N PRO B 285 -41.27 7.16 -20.65
CA PRO B 285 -40.72 5.82 -20.87
C PRO B 285 -41.64 4.96 -21.74
N VAL B 286 -41.48 5.11 -23.06
CA VAL B 286 -42.38 4.51 -24.05
C VAL B 286 -41.64 3.79 -25.17
N PRO B 287 -42.25 2.73 -25.70
CA PRO B 287 -41.57 1.93 -26.73
C PRO B 287 -41.54 2.68 -28.06
N LEU B 288 -40.35 2.75 -28.69
CA LEU B 288 -40.18 3.33 -30.03
C LEU B 288 -39.58 2.28 -30.96
N GLU B 289 -40.11 2.21 -32.18
CA GLU B 289 -39.59 1.29 -33.21
C GLU B 289 -38.44 1.96 -33.97
N TRP B 290 -37.22 1.81 -33.46
CA TRP B 290 -36.10 2.54 -34.00
C TRP B 290 -35.68 1.92 -35.34
N PRO B 291 -35.54 2.76 -36.39
CA PRO B 291 -35.26 2.21 -37.72
C PRO B 291 -33.84 1.63 -37.80
N ARG B 292 -33.73 0.42 -38.32
CA ARG B 292 -32.45 -0.27 -38.48
C ARG B 292 -31.84 -0.09 -39.87
N GLU B 293 -32.61 0.44 -40.83
CA GLU B 293 -32.13 0.62 -42.20
C GLU B 293 -31.03 1.68 -42.21
N VAL B 294 -30.18 1.62 -43.23
CA VAL B 294 -28.99 2.48 -43.27
C VAL B 294 -29.41 3.95 -43.23
N GLY B 295 -30.49 4.26 -43.96
CA GLY B 295 -31.03 5.62 -44.05
C GLY B 295 -31.68 6.23 -42.82
N GLY B 296 -32.04 5.40 -41.83
CA GLY B 296 -32.59 5.85 -40.53
C GLY B 296 -31.84 5.49 -39.23
N ARG B 297 -30.92 4.53 -39.27
CA ARG B 297 -30.28 4.05 -38.05
C ARG B 297 -29.39 5.06 -37.35
N ASP B 298 -28.91 6.06 -38.08
CA ASP B 298 -28.12 7.13 -37.50
C ASP B 298 -28.98 8.15 -36.73
N LEU B 299 -30.30 8.17 -36.99
CA LEU B 299 -31.18 9.05 -36.25
C LEU B 299 -31.06 8.84 -34.74
N GLN B 300 -31.28 9.93 -34.01
CA GLN B 300 -31.21 9.96 -32.57
C GLN B 300 -32.31 10.78 -31.94
N ILE B 301 -32.59 10.47 -30.67
CA ILE B 301 -33.34 11.38 -29.80
C ILE B 301 -32.29 12.39 -29.32
N SER B 302 -32.50 13.65 -29.65
CA SER B 302 -31.54 14.72 -29.42
C SER B 302 -31.84 15.57 -28.20
N GLY B 303 -33.11 15.61 -27.79
CA GLY B 303 -33.57 16.63 -26.84
C GLY B 303 -33.74 16.20 -25.40
N GLY B 304 -33.26 15.00 -25.05
CA GLY B 304 -33.68 14.32 -23.80
C GLY B 304 -32.55 14.08 -22.79
N ALA B 305 -32.82 14.32 -21.51
CA ALA B 305 -31.82 14.15 -20.42
C ALA B 305 -31.67 12.68 -20.03
N THR B 306 -30.51 12.32 -19.52
CA THR B 306 -30.08 10.93 -19.53
C THR B 306 -29.26 10.56 -18.31
N TYR B 307 -29.50 9.34 -17.82
CA TYR B 307 -28.58 8.62 -16.94
C TYR B 307 -27.99 7.49 -17.77
N ILE B 308 -26.70 7.23 -17.61
CA ILE B 308 -25.98 6.23 -18.42
C ILE B 308 -24.80 5.64 -17.62
N ASP B 309 -24.55 4.33 -17.78
CA ASP B 309 -23.38 3.60 -17.23
C ASP B 309 -23.37 3.53 -15.71
N SER B 310 -23.94 2.46 -15.15
CA SER B 310 -24.16 2.36 -13.72
C SER B 310 -23.02 1.57 -13.05
N VAL B 311 -22.75 1.90 -11.79
CA VAL B 311 -21.78 1.19 -10.95
C VAL B 311 -22.44 0.91 -9.63
N ILE B 312 -22.32 -0.32 -9.13
CA ILE B 312 -22.92 -0.74 -7.86
C ILE B 312 -21.85 -1.13 -6.85
N VAL B 313 -22.02 -0.73 -5.60
CA VAL B 313 -21.20 -1.28 -4.52
C VAL B 313 -22.02 -1.36 -3.22
N GLU B 314 -21.75 -2.39 -2.41
CA GLU B 314 -22.36 -2.53 -1.08
C GLU B 314 -21.34 -2.15 -0.03
N LYS B 315 -21.70 -1.20 0.83
CA LYS B 315 -20.83 -0.80 1.95
C LYS B 315 -20.74 -1.87 3.03
N LYS B 316 -19.79 -1.71 3.96
CA LYS B 316 -19.60 -2.63 5.11
C LYS B 316 -20.84 -2.71 6.00
N ASN B 317 -21.51 -1.56 6.16
CA ASN B 317 -22.72 -1.48 6.96
C ASN B 317 -23.98 -1.98 6.23
N LYS B 318 -23.80 -2.63 5.07
CA LYS B 318 -24.88 -3.18 4.24
C LYS B 318 -25.75 -2.17 3.47
N GLN B 319 -25.44 -0.88 3.55
CA GLN B 319 -26.07 0.10 2.67
C GLN B 319 -25.50 -0.06 1.24
N VAL B 320 -26.34 0.10 0.22
CA VAL B 320 -25.94 -0.10 -1.17
C VAL B 320 -25.84 1.26 -1.84
N LEU B 321 -24.77 1.45 -2.63
CA LEU B 321 -24.65 2.61 -3.51
C LEU B 321 -24.77 2.24 -4.97
N MET B 322 -25.44 3.11 -5.72
CA MET B 322 -25.40 3.10 -7.18
C MET B 322 -24.98 4.48 -7.72
N PHE B 323 -23.95 4.49 -8.57
CA PHE B 323 -23.49 5.68 -9.33
C PHE B 323 -23.93 5.60 -10.78
N ALA B 324 -24.12 6.75 -11.40
CA ALA B 324 -24.41 6.81 -12.83
C ALA B 324 -23.99 8.16 -13.37
N ASP B 325 -23.62 8.19 -14.65
CA ASP B 325 -23.33 9.43 -15.33
C ASP B 325 -24.67 10.12 -15.58
N VAL B 326 -24.65 11.45 -15.57
CA VAL B 326 -25.83 12.29 -15.85
C VAL B 326 -25.50 13.20 -17.03
N MET B 327 -26.34 13.15 -18.06
CA MET B 327 -26.19 14.01 -19.24
C MET B 327 -27.40 14.89 -19.36
N PRO B 328 -27.22 16.22 -19.42
CA PRO B 328 -28.36 17.04 -19.74
C PRO B 328 -28.71 16.88 -21.19
N ALA B 329 -29.94 17.29 -21.51
CA ALA B 329 -30.47 17.17 -22.87
C ALA B 329 -29.56 17.88 -23.83
N GLY B 330 -29.19 17.21 -24.93
CA GLY B 330 -28.22 17.74 -25.90
C GLY B 330 -26.74 17.43 -25.65
N VAL B 331 -26.41 16.92 -24.46
CA VAL B 331 -25.01 16.67 -24.05
C VAL B 331 -24.70 15.18 -24.09
N SER B 332 -23.46 14.84 -24.47
CA SER B 332 -22.95 13.44 -24.43
C SER B 332 -21.44 13.36 -24.13
N PHE B 333 -20.87 12.16 -24.21
CA PHE B 333 -19.40 12.02 -24.24
C PHE B 333 -18.76 12.95 -25.28
N ARG B 334 -19.46 13.20 -26.40
CA ARG B 334 -18.97 13.98 -27.53
C ARG B 334 -19.11 15.50 -27.38
N GLU B 335 -20.25 16.00 -26.88
CA GLU B 335 -20.52 17.47 -26.85
C GLU B 335 -20.01 18.19 -25.60
N ALA B 336 -20.09 17.49 -24.48
CA ALA B 336 -19.73 18.01 -23.16
C ALA B 336 -18.45 18.82 -23.17
N THR B 337 -18.52 20.08 -22.74
CA THR B 337 -17.31 20.88 -22.51
C THR B 337 -16.42 20.19 -21.49
N ARG B 338 -15.12 20.12 -21.80
CA ARG B 338 -14.13 19.51 -20.93
C ARG B 338 -13.49 20.50 -19.96
N LYS B 339 -13.78 21.79 -20.13
CA LYS B 339 -13.09 22.88 -19.44
C LYS B 339 -13.92 23.53 -18.32
N ASP B 340 -15.03 22.89 -17.92
CA ASP B 340 -15.91 23.44 -16.89
C ASP B 340 -16.59 22.32 -16.08
N SER B 341 -16.42 22.36 -14.76
CA SER B 341 -17.02 21.39 -13.89
C SER B 341 -18.54 21.57 -13.78
N GLY B 342 -19.04 22.77 -14.00
CA GLY B 342 -20.45 23.09 -13.72
C GLY B 342 -20.68 23.59 -12.31
N TYR B 343 -19.59 23.71 -11.54
CA TYR B 343 -19.57 24.17 -10.16
C TYR B 343 -18.77 25.47 -10.00
N LYS B 344 -19.09 26.22 -8.95
CA LYS B 344 -18.40 27.45 -8.57
C LYS B 344 -17.96 27.29 -7.12
N GLN B 345 -16.83 27.89 -6.74
CA GLN B 345 -16.39 27.89 -5.33
C GLN B 345 -16.71 29.24 -4.68
N ILE B 346 -17.42 29.20 -3.56
CA ILE B 346 -17.84 30.41 -2.82
C ILE B 346 -17.57 30.14 -1.34
N ASP B 347 -16.64 30.90 -0.76
CA ASP B 347 -16.24 30.74 0.66
C ASP B 347 -15.95 29.28 0.99
N GLY B 348 -15.12 28.64 0.18
CA GLY B 348 -14.70 27.24 0.40
C GLY B 348 -15.76 26.15 0.33
N ASN B 349 -16.88 26.44 -0.32
CA ASN B 349 -17.92 25.48 -0.57
C ASN B 349 -18.15 25.40 -2.09
N TYR B 350 -18.55 24.22 -2.56
CA TYR B 350 -18.84 24.03 -3.97
C TYR B 350 -20.34 24.04 -4.19
N TYR B 351 -20.79 24.81 -5.19
CA TYR B 351 -22.21 24.97 -5.52
C TYR B 351 -22.40 24.87 -7.02
N LEU B 352 -23.42 24.15 -7.44
CA LEU B 352 -23.71 23.97 -8.86
C LEU B 352 -24.19 25.26 -9.51
N LYS B 353 -23.62 25.63 -10.65
CA LYS B 353 -23.96 26.88 -11.34
C LYS B 353 -25.19 26.72 -12.19
N LEU B 354 -25.87 27.82 -12.43
CA LEU B 354 -27.01 27.83 -13.33
C LEU B 354 -26.99 29.06 -14.17
N ARG B 355 -27.47 28.93 -15.41
CA ARG B 355 -27.63 30.07 -16.28
C ARG B 355 -29.11 30.24 -16.54
N LYS B 356 -29.63 31.43 -16.23
CA LYS B 356 -31.03 31.78 -16.50
C LYS B 356 -31.21 32.09 -17.98
N GLN B 357 -32.39 31.76 -18.49
CA GLN B 357 -32.77 32.07 -19.88
C GLN B 357 -32.53 33.53 -20.21
N GLY B 358 -31.94 33.79 -21.38
CA GLY B 358 -31.65 35.16 -21.83
C GLY B 358 -30.31 35.75 -21.36
N ASP B 359 -29.72 35.16 -20.31
CA ASP B 359 -28.35 35.48 -19.92
C ASP B 359 -27.34 34.72 -20.80
N THR B 360 -26.13 35.26 -20.88
CA THR B 360 -25.00 34.59 -21.49
C THR B 360 -24.08 33.99 -20.43
N ASP B 361 -23.93 34.67 -19.28
CA ASP B 361 -23.11 34.11 -18.16
C ASP B 361 -23.92 33.22 -17.19
N TYR B 362 -23.24 32.57 -16.26
CA TYR B 362 -23.85 31.74 -15.23
C TYR B 362 -23.86 32.55 -13.95
N ASN B 363 -24.99 33.22 -13.71
CA ASN B 363 -25.11 34.19 -12.63
C ASN B 363 -25.70 33.69 -11.34
N TYR B 364 -26.03 32.40 -11.30
CA TYR B 364 -26.74 31.82 -10.19
C TYR B 364 -26.09 30.55 -9.70
N THR B 365 -26.21 30.31 -8.39
CA THR B 365 -25.85 29.04 -7.78
C THR B 365 -27.02 28.44 -7.00
N ILE B 366 -26.98 27.11 -6.85
CA ILE B 366 -27.85 26.39 -5.89
C ILE B 366 -27.05 26.24 -4.59
N ARG B 367 -27.59 26.77 -3.49
CA ARG B 367 -26.91 26.69 -2.18
C ARG B 367 -27.81 25.97 -1.18
N GLU B 368 -27.63 26.22 0.13
CA GLU B 368 -28.43 25.56 1.19
C GLU B 368 -29.94 25.46 0.87
N ASN B 369 -30.53 24.30 1.23
CA ASN B 369 -31.95 24.01 1.04
C ASN B 369 -32.40 24.04 -0.42
N GLY B 370 -31.45 23.98 -1.35
CA GLY B 370 -31.73 24.16 -2.76
C GLY B 370 -32.10 25.56 -3.18
N THR B 371 -31.84 26.56 -2.34
CA THR B 371 -32.19 27.95 -2.64
C THR B 371 -31.30 28.45 -3.77
N VAL B 372 -31.93 29.01 -4.81
CA VAL B 372 -31.20 29.59 -5.92
C VAL B 372 -30.83 31.02 -5.54
N TYR B 373 -29.53 31.32 -5.65
CA TYR B 373 -28.93 32.61 -5.30
C TYR B 373 -28.49 33.31 -6.57
N ASP B 374 -28.74 34.61 -6.64
CA ASP B 374 -28.07 35.47 -7.60
C ASP B 374 -26.69 35.77 -7.04
N ASP B 375 -25.65 35.25 -7.71
CA ASP B 375 -24.26 35.43 -7.30
C ASP B 375 -23.77 36.88 -7.41
N ARG B 376 -24.40 37.66 -8.29
CA ARG B 376 -24.07 39.07 -8.48
C ARG B 376 -24.38 39.89 -7.21
N THR B 377 -25.61 39.79 -6.74
CA THR B 377 -26.04 40.43 -5.50
C THR B 377 -25.77 39.62 -4.23
N ASN B 378 -25.44 38.34 -4.35
CA ASN B 378 -25.31 37.45 -3.19
C ASN B 378 -26.58 37.32 -2.31
N ARG B 379 -27.74 37.43 -2.95
CA ARG B 379 -29.05 37.36 -2.30
C ARG B 379 -29.75 36.08 -2.74
N PRO B 380 -30.58 35.47 -1.87
CA PRO B 380 -31.44 34.40 -2.34
C PRO B 380 -32.50 34.93 -3.29
N THR B 381 -32.88 34.13 -4.29
CA THR B 381 -34.00 34.43 -5.18
C THR B 381 -35.26 33.71 -4.65
N GLU B 382 -36.38 33.91 -5.33
CA GLU B 382 -37.60 33.18 -5.06
C GLU B 382 -37.54 31.71 -5.59
N PHE B 383 -36.55 31.38 -6.43
CA PHE B 383 -36.45 30.04 -7.02
C PHE B 383 -35.72 29.06 -6.13
N SER B 384 -36.12 27.78 -6.22
CA SER B 384 -35.39 26.71 -5.56
C SER B 384 -35.37 25.44 -6.39
N VAL B 385 -34.42 24.58 -6.06
CA VAL B 385 -34.19 23.32 -6.78
C VAL B 385 -34.35 22.16 -5.80
N ASP B 386 -35.25 21.25 -6.16
CA ASP B 386 -35.57 20.12 -5.27
C ASP B 386 -34.54 18.99 -5.39
N LYS B 387 -34.70 17.99 -4.54
CA LYS B 387 -33.79 16.83 -4.46
C LYS B 387 -33.62 16.02 -5.76
N ASN B 388 -34.63 16.07 -6.64
CA ASN B 388 -34.55 15.55 -8.01
C ASN B 388 -34.28 16.58 -9.11
N PHE B 389 -33.63 17.70 -8.77
CA PHE B 389 -33.25 18.75 -9.74
C PHE B 389 -34.44 19.49 -10.39
N GLY B 390 -35.62 19.38 -9.78
CA GLY B 390 -36.82 20.08 -10.26
C GLY B 390 -36.82 21.50 -9.77
N ILE B 391 -37.36 22.42 -10.57
CA ILE B 391 -37.33 23.87 -10.31
C ILE B 391 -38.67 24.37 -9.72
N LYS B 392 -38.56 25.03 -8.56
CA LYS B 392 -39.69 25.70 -7.93
C LYS B 392 -39.54 27.21 -7.96
N GLN B 393 -40.69 27.88 -7.89
CA GLN B 393 -40.76 29.32 -7.75
C GLN B 393 -41.78 29.60 -6.68
N ASN B 394 -41.35 30.24 -5.58
CA ASN B 394 -42.18 30.46 -4.41
C ASN B 394 -42.76 29.17 -3.87
N GLY B 395 -41.94 28.11 -3.85
CA GLY B 395 -42.36 26.81 -3.32
C GLY B 395 -43.33 26.00 -4.17
N ASN B 396 -43.63 26.46 -5.40
CA ASN B 396 -44.46 25.73 -6.36
C ASN B 396 -43.64 25.34 -7.59
N TYR B 397 -43.92 24.17 -8.14
CA TYR B 397 -43.17 23.64 -9.26
C TYR B 397 -43.45 24.40 -10.54
N LEU B 398 -42.39 24.79 -11.25
CA LEU B 398 -42.50 25.22 -12.62
C LEU B 398 -42.65 23.96 -13.46
N THR B 399 -43.43 24.07 -14.55
CA THR B 399 -43.65 22.96 -15.46
C THR B 399 -43.19 23.27 -16.89
N VAL B 400 -42.93 22.19 -17.63
CA VAL B 400 -42.64 22.22 -19.05
C VAL B 400 -43.46 21.12 -19.66
N GLU B 401 -43.71 21.23 -20.96
CA GLU B 401 -44.35 20.15 -21.71
C GLU B 401 -43.35 19.02 -22.04
N GLN B 402 -43.82 17.78 -21.84
CA GLN B 402 -43.08 16.58 -22.19
C GLN B 402 -43.08 16.36 -23.69
N TYR B 403 -42.01 15.75 -24.19
CA TYR B 403 -41.87 15.45 -25.61
C TYR B 403 -42.20 13.99 -25.87
N SER B 404 -42.79 13.77 -27.05
CA SER B 404 -42.95 12.46 -27.68
C SER B 404 -42.19 12.40 -29.02
N VAL B 405 -41.97 11.18 -29.50
CA VAL B 405 -41.29 10.94 -30.78
C VAL B 405 -42.25 10.25 -31.74
N SER B 406 -42.22 10.66 -33.01
CA SER B 406 -43.08 10.10 -34.08
C SER B 406 -42.25 9.91 -35.37
N PHE B 407 -42.57 8.87 -36.16
CA PHE B 407 -41.84 8.52 -37.42
C PHE B 407 -42.62 8.69 -38.73
N LYS B 412 -38.64 11.24 -38.62
CA LYS B 412 -38.65 11.47 -37.16
C LYS B 412 -38.95 12.90 -36.70
N THR B 413 -39.91 13.04 -35.80
CA THR B 413 -40.20 14.32 -35.14
C THR B 413 -40.29 14.18 -33.61
N GLU B 414 -39.59 15.07 -32.90
CA GLU B 414 -39.71 15.24 -31.45
C GLU B 414 -40.64 16.42 -31.16
N TYR B 415 -41.81 16.16 -30.55
CA TYR B 415 -42.87 17.16 -30.41
C TYR B 415 -43.49 17.17 -29.02
N ARG B 416 -44.01 18.34 -28.62
CA ARG B 416 -44.60 18.52 -27.32
C ARG B 416 -45.98 17.89 -27.27
N ASN B 417 -46.22 17.08 -26.25
CA ASN B 417 -47.39 16.17 -26.21
C ASN B 417 -48.56 16.56 -25.30
N GLY B 418 -48.53 17.75 -24.70
CA GLY B 418 -49.61 18.21 -23.83
C GLY B 418 -49.53 17.86 -22.35
N THR B 419 -48.65 16.94 -21.99
CA THR B 419 -48.48 16.52 -20.60
C THR B 419 -47.47 17.44 -19.99
N LYS B 420 -47.73 17.84 -18.76
CA LYS B 420 -46.86 18.71 -17.97
C LYS B 420 -46.08 17.89 -16.96
N VAL B 421 -44.78 18.17 -16.90
CA VAL B 421 -43.87 17.55 -15.93
C VAL B 421 -43.10 18.68 -15.27
N HIS B 422 -42.47 18.39 -14.13
CA HIS B 422 -41.71 19.43 -13.46
C HIS B 422 -40.60 19.94 -14.37
N MET B 423 -40.41 21.25 -14.38
CA MET B 423 -39.23 21.86 -15.01
C MET B 423 -37.99 21.40 -14.22
N ASN B 424 -36.91 21.05 -14.93
CA ASN B 424 -35.71 20.46 -14.35
C ASN B 424 -34.49 21.12 -14.95
N ILE B 425 -33.46 21.32 -14.13
CA ILE B 425 -32.26 22.00 -14.58
C ILE B 425 -31.46 21.21 -15.62
N PHE B 426 -31.75 19.92 -15.78
CA PHE B 426 -31.13 19.14 -16.83
C PHE B 426 -31.90 19.15 -18.16
N TYR B 427 -32.98 19.93 -18.27
CA TYR B 427 -33.84 19.87 -19.46
C TYR B 427 -33.57 20.99 -20.48
N LYS B 428 -33.97 20.70 -21.70
CA LYS B 428 -33.88 21.58 -22.86
C LYS B 428 -34.64 22.88 -22.67
N ASP B 429 -35.82 22.79 -22.07
CA ASP B 429 -36.71 23.95 -21.92
C ASP B 429 -36.72 24.58 -20.51
N ALA B 430 -35.70 24.34 -19.70
CA ALA B 430 -35.57 24.97 -18.38
C ALA B 430 -35.26 26.49 -18.38
N LEU B 431 -35.86 27.19 -17.43
CA LEU B 431 -35.54 28.57 -17.11
C LEU B 431 -34.15 28.70 -16.52
N PHE B 432 -33.74 27.75 -15.68
CA PHE B 432 -32.34 27.69 -15.20
C PHE B 432 -31.69 26.38 -15.64
N LYS B 433 -30.50 26.47 -16.22
CA LYS B 433 -29.83 25.31 -16.82
C LYS B 433 -28.44 25.17 -16.29
N VAL B 434 -28.05 23.91 -16.07
CA VAL B 434 -26.68 23.58 -15.67
C VAL B 434 -25.75 23.77 -16.85
N VAL B 435 -24.46 23.81 -16.58
CA VAL B 435 -23.44 23.80 -17.65
C VAL B 435 -23.61 22.53 -18.48
N PRO B 436 -23.51 22.63 -19.83
CA PRO B 436 -23.69 21.44 -20.68
C PRO B 436 -22.42 20.58 -20.70
N THR B 437 -22.27 19.86 -19.60
CA THR B 437 -21.21 18.91 -19.45
C THR B 437 -21.81 17.67 -18.77
N ASN B 438 -20.99 16.65 -18.53
CA ASN B 438 -21.42 15.41 -17.84
C ASN B 438 -21.20 15.52 -16.35
N TYR B 439 -22.07 14.86 -15.58
CA TYR B 439 -21.96 14.81 -14.13
C TYR B 439 -22.04 13.36 -13.68
N ILE B 440 -21.68 13.11 -12.44
CA ILE B 440 -21.90 11.80 -11.83
C ILE B 440 -22.87 12.00 -10.66
N ALA B 441 -23.83 11.09 -10.53
CA ALA B 441 -24.80 11.08 -9.42
C ALA B 441 -24.77 9.75 -8.75
N TYR B 442 -24.99 9.76 -7.44
CA TYR B 442 -25.17 8.52 -6.71
C TYR B 442 -26.40 8.56 -5.83
N ILE B 443 -26.96 7.38 -5.63
CA ILE B 443 -28.16 7.13 -4.82
C ILE B 443 -27.84 5.99 -3.85
N SER B 444 -28.53 5.95 -2.71
CA SER B 444 -28.24 4.92 -1.70
C SER B 444 -29.53 4.22 -1.33
N SER B 445 -29.39 2.94 -0.96
CA SER B 445 -30.50 2.09 -0.53
C SER B 445 -30.18 1.41 0.82
N ASN B 446 -31.11 1.49 1.76
CA ASN B 446 -31.01 0.79 3.01
C ASN B 446 -31.73 -0.54 3.05
N ASP B 447 -32.49 -0.86 2.00
CA ASP B 447 -33.25 -2.12 1.94
C ASP B 447 -32.87 -2.96 0.71
N HIS B 448 -31.57 -3.13 0.52
CA HIS B 448 -30.99 -3.91 -0.59
C HIS B 448 -31.73 -3.74 -1.91
N GLY B 449 -31.95 -2.48 -2.26
CA GLY B 449 -32.45 -2.13 -3.58
C GLY B 449 -33.95 -2.07 -3.76
N GLU B 450 -34.71 -2.31 -2.69
CA GLU B 450 -36.17 -2.12 -2.71
C GLU B 450 -36.47 -0.65 -3.02
N SER B 451 -35.83 0.24 -2.27
CA SER B 451 -36.06 1.68 -2.39
C SER B 451 -34.74 2.41 -2.41
N TRP B 452 -34.75 3.61 -3.00
CA TRP B 452 -33.52 4.39 -3.14
C TRP B 452 -33.69 5.86 -2.71
N SER B 453 -32.64 6.41 -2.11
CA SER B 453 -32.58 7.86 -1.82
C SER B 453 -32.64 8.70 -3.12
N ALA B 454 -32.97 9.98 -3.02
CA ALA B 454 -32.82 10.92 -4.14
C ALA B 454 -31.35 11.03 -4.59
N PRO B 455 -31.10 11.42 -5.84
CA PRO B 455 -29.71 11.46 -6.33
C PRO B 455 -28.91 12.62 -5.77
N THR B 456 -27.68 12.34 -5.39
CA THR B 456 -26.71 13.35 -4.97
C THR B 456 -25.73 13.51 -6.13
N LEU B 457 -25.53 14.72 -6.63
CA LEU B 457 -24.47 14.99 -7.62
C LEU B 457 -23.12 15.03 -6.93
N LEU B 458 -22.15 14.42 -7.58
CA LEU B 458 -20.81 14.34 -7.04
C LEU B 458 -20.20 15.74 -7.11
N PRO B 459 -19.40 16.11 -6.09
CA PRO B 459 -18.72 17.40 -6.14
C PRO B 459 -17.58 17.43 -7.18
N PRO B 460 -17.07 18.64 -7.52
CA PRO B 460 -16.07 18.81 -8.59
C PRO B 460 -14.67 18.27 -8.22
N ILE B 461 -14.60 16.96 -8.02
CA ILE B 461 -13.39 16.29 -7.53
C ILE B 461 -12.19 16.36 -8.50
N MET B 462 -12.46 16.49 -9.81
CA MET B 462 -11.41 16.67 -10.82
C MET B 462 -10.86 18.09 -10.88
N GLY B 463 -11.53 19.03 -10.20
CA GLY B 463 -11.19 20.44 -10.25
C GLY B 463 -12.35 21.24 -10.83
N LEU B 464 -12.31 22.54 -10.61
CA LEU B 464 -13.36 23.43 -11.06
C LEU B 464 -13.36 23.61 -12.55
N ASN B 465 -12.19 23.54 -13.16
CA ASN B 465 -12.04 23.76 -14.60
C ASN B 465 -11.98 22.48 -15.42
N ARG B 466 -12.57 21.39 -14.90
CA ARG B 466 -12.64 20.11 -15.59
C ARG B 466 -13.97 19.45 -15.38
N ASN B 467 -14.51 18.86 -16.45
CA ASN B 467 -15.71 18.02 -16.35
C ASN B 467 -15.44 16.80 -15.50
N ALA B 468 -16.52 16.22 -14.97
CA ALA B 468 -16.42 15.02 -14.18
C ALA B 468 -15.94 13.86 -15.05
N PRO B 469 -15.33 12.83 -14.44
CA PRO B 469 -15.03 11.66 -15.22
C PRO B 469 -16.26 10.85 -15.61
N TYR B 470 -16.01 9.83 -16.43
CA TYR B 470 -17.03 8.94 -16.95
C TYR B 470 -16.86 7.60 -16.23
N LEU B 471 -17.96 7.07 -15.72
CA LEU B 471 -17.90 5.84 -14.94
C LEU B 471 -17.51 4.61 -15.76
N GLY B 472 -16.73 3.72 -15.14
CA GLY B 472 -16.45 2.39 -15.69
C GLY B 472 -17.54 1.43 -15.23
N PRO B 473 -18.52 1.10 -16.09
CA PRO B 473 -19.66 0.25 -15.70
C PRO B 473 -19.33 -1.11 -15.04
N GLY B 474 -20.12 -1.46 -14.04
CA GLY B 474 -19.97 -2.72 -13.31
C GLY B 474 -20.07 -2.43 -11.83
N ARG B 475 -19.03 -2.77 -11.08
CA ARG B 475 -19.04 -2.63 -9.63
C ARG B 475 -17.88 -1.83 -9.13
N GLY B 476 -18.02 -1.29 -7.93
CA GLY B 476 -16.90 -0.77 -7.14
C GLY B 476 -16.51 -1.83 -6.12
N ILE B 477 -15.55 -1.51 -5.25
CA ILE B 477 -15.10 -2.44 -4.22
C ILE B 477 -14.78 -1.74 -2.92
N ILE B 478 -14.82 -2.51 -1.83
CA ILE B 478 -14.31 -2.10 -0.52
C ILE B 478 -12.98 -2.81 -0.32
N GLU B 479 -11.88 -2.07 -0.31
CA GLU B 479 -10.58 -2.67 -0.06
C GLU B 479 -10.54 -3.04 1.42
N SER B 480 -10.14 -4.27 1.70
CA SER B 480 -10.39 -4.89 3.01
C SER B 480 -9.49 -4.39 4.12
N SER B 481 -8.24 -4.04 3.82
CA SER B 481 -7.31 -3.55 4.85
C SER B 481 -7.60 -2.14 5.38
N THR B 482 -8.18 -1.28 4.54
CA THR B 482 -8.48 0.10 4.92
C THR B 482 -9.97 0.41 5.03
N GLY B 483 -10.82 -0.45 4.49
CA GLY B 483 -12.23 -0.11 4.28
C GLY B 483 -12.47 1.00 3.26
N ARG B 484 -11.49 1.29 2.40
CA ARG B 484 -11.67 2.32 1.38
C ARG B 484 -12.67 1.89 0.30
N ILE B 485 -13.60 2.77 -0.07
CA ILE B 485 -14.53 2.53 -1.19
C ILE B 485 -13.89 3.06 -2.48
N LEU B 486 -13.92 2.25 -3.53
CA LEU B 486 -13.25 2.58 -4.79
C LEU B 486 -14.20 2.42 -5.96
N ILE B 487 -14.38 3.50 -6.71
CA ILE B 487 -15.30 3.53 -7.85
C ILE B 487 -14.45 3.85 -9.09
N PRO B 488 -14.49 2.97 -10.11
CA PRO B 488 -13.69 3.22 -11.31
C PRO B 488 -14.34 4.22 -12.29
N SER B 489 -13.50 5.11 -12.82
CA SER B 489 -13.90 6.02 -13.89
C SER B 489 -12.71 6.38 -14.79
N TYR B 490 -12.98 7.16 -15.83
CA TYR B 490 -11.98 7.55 -16.81
C TYR B 490 -12.36 8.87 -17.49
N THR B 491 -11.33 9.54 -18.02
CA THR B 491 -11.47 10.85 -18.66
C THR B 491 -11.33 10.81 -20.16
N GLY B 492 -10.82 9.70 -20.72
CA GLY B 492 -10.36 9.65 -22.09
C GLY B 492 -8.84 9.74 -22.24
N LYS B 493 -8.16 10.38 -21.28
CA LYS B 493 -6.68 10.44 -21.18
C LYS B 493 -6.13 9.80 -19.92
N GLU B 494 -6.96 9.62 -18.90
CA GLU B 494 -6.50 9.23 -17.58
C GLU B 494 -7.49 8.26 -16.97
N SER B 495 -7.02 7.46 -16.00
CA SER B 495 -7.90 6.74 -15.12
C SER B 495 -8.24 7.69 -13.97
N ALA B 496 -9.46 7.58 -13.45
CA ALA B 496 -9.92 8.39 -12.34
C ALA B 496 -10.57 7.46 -11.32
N PHE B 497 -9.79 7.14 -10.31
CA PHE B 497 -10.23 6.25 -9.25
C PHE B 497 -10.85 7.04 -8.10
N ILE B 498 -12.17 7.09 -8.12
CA ILE B 498 -12.96 7.84 -7.16
C ILE B 498 -12.96 7.02 -5.88
N TYR B 499 -12.64 7.65 -4.75
CA TYR B 499 -12.60 6.92 -3.48
C TYR B 499 -13.09 7.70 -2.25
N SER B 500 -13.52 6.96 -1.22
CA SER B 500 -13.93 7.52 0.07
C SER B 500 -13.26 6.78 1.21
N ASP B 501 -12.68 7.53 2.13
CA ASP B 501 -12.04 6.96 3.33
C ASP B 501 -12.90 7.17 4.58
N ASP B 502 -14.11 7.68 4.40
CA ASP B 502 -15.01 7.92 5.51
C ASP B 502 -16.36 7.24 5.29
N ASN B 503 -16.30 5.97 4.86
CA ASN B 503 -17.49 5.12 4.61
CA ASN B 503 -17.46 5.12 4.60
C ASN B 503 -18.54 5.79 3.72
N GLY B 504 -18.10 6.57 2.74
CA GLY B 504 -19.01 7.18 1.76
C GLY B 504 -19.61 8.55 2.04
N ALA B 505 -19.23 9.16 3.16
CA ALA B 505 -19.67 10.52 3.47
C ALA B 505 -19.05 11.55 2.52
N SER B 506 -17.79 11.35 2.14
CA SER B 506 -17.07 12.28 1.27
C SER B 506 -16.19 11.53 0.26
N TRP B 507 -15.89 12.18 -0.88
CA TRP B 507 -15.23 11.55 -2.01
C TRP B 507 -14.04 12.37 -2.48
N LYS B 508 -12.99 11.67 -2.88
CA LYS B 508 -11.81 12.25 -3.51
C LYS B 508 -11.52 11.47 -4.79
N VAL B 509 -10.45 11.81 -5.50
CA VAL B 509 -10.06 11.07 -6.68
C VAL B 509 -8.55 10.96 -6.83
N LYS B 510 -8.08 9.78 -7.24
CA LYS B 510 -6.70 9.62 -7.76
C LYS B 510 -6.72 9.56 -9.28
N VAL B 511 -6.15 10.59 -9.91
CA VAL B 511 -6.03 10.68 -11.35
C VAL B 511 -4.67 10.14 -11.77
N VAL B 512 -4.69 9.23 -12.75
CA VAL B 512 -3.50 8.49 -13.18
C VAL B 512 -3.42 8.67 -14.69
N PRO B 513 -2.40 9.41 -15.17
CA PRO B 513 -2.29 9.56 -16.63
C PRO B 513 -1.96 8.23 -17.29
N LEU B 514 -2.61 7.96 -18.44
CA LEU B 514 -2.42 6.70 -19.13
C LEU B 514 -1.46 6.87 -20.29
N PRO B 515 -0.90 5.77 -20.82
CA PRO B 515 0.01 5.84 -21.95
C PRO B 515 -0.58 6.43 -23.23
N SER B 516 -1.91 6.38 -23.36
CA SER B 516 -2.54 6.96 -24.54
C SER B 516 -3.99 7.30 -24.21
N SER B 517 -4.76 7.65 -25.25
CA SER B 517 -6.14 8.03 -25.11
C SER B 517 -7.07 6.82 -24.97
N TRP B 518 -6.97 6.16 -23.81
CA TRP B 518 -7.77 4.97 -23.53
C TRP B 518 -9.15 5.38 -23.06
N SER B 519 -10.17 4.69 -23.56
CA SER B 519 -11.49 4.67 -22.91
C SER B 519 -11.41 3.71 -21.75
N ALA B 520 -10.78 4.15 -20.67
CA ALA B 520 -10.31 3.26 -19.60
C ALA B 520 -11.40 2.79 -18.60
N GLU B 521 -12.49 2.25 -19.17
CA GLU B 521 -13.48 1.50 -18.39
C GLU B 521 -12.74 0.39 -17.63
N ALA B 522 -12.82 0.45 -16.31
CA ALA B 522 -12.10 -0.44 -15.43
C ALA B 522 -12.99 -1.14 -14.39
N GLN B 523 -12.42 -2.21 -13.84
CA GLN B 523 -12.93 -2.89 -12.66
C GLN B 523 -11.73 -3.28 -11.77
N PHE B 524 -11.98 -3.42 -10.48
CA PHE B 524 -10.93 -3.72 -9.49
C PHE B 524 -11.00 -5.17 -8.99
N VAL B 525 -9.85 -5.70 -8.58
CA VAL B 525 -9.81 -6.89 -7.73
C VAL B 525 -8.80 -6.64 -6.64
N GLU B 526 -8.98 -7.32 -5.51
CA GLU B 526 -8.00 -7.35 -4.44
C GLU B 526 -7.24 -8.68 -4.50
N LEU B 527 -5.92 -8.61 -4.56
CA LEU B 527 -5.08 -9.81 -4.57
C LEU B 527 -4.71 -10.25 -3.17
N SER B 528 -4.52 -9.28 -2.27
CA SER B 528 -4.12 -9.49 -0.88
C SER B 528 -4.40 -8.18 -0.13
N PRO B 529 -4.31 -8.18 1.21
CA PRO B 529 -4.63 -6.95 1.94
C PRO B 529 -3.77 -5.76 1.53
N GLY B 530 -4.43 -4.70 1.08
CA GLY B 530 -3.76 -3.48 0.64
C GLY B 530 -3.30 -3.48 -0.80
N VAL B 531 -3.45 -4.61 -1.50
CA VAL B 531 -2.99 -4.76 -2.89
C VAL B 531 -4.17 -4.89 -3.84
N ILE B 532 -4.33 -3.92 -4.73
CA ILE B 532 -5.43 -3.98 -5.71
C ILE B 532 -4.93 -3.81 -7.14
N GLN B 533 -5.69 -4.36 -8.09
CA GLN B 533 -5.39 -4.22 -9.51
C GLN B 533 -6.61 -3.65 -10.21
N ALA B 534 -6.35 -2.78 -11.17
CA ALA B 534 -7.42 -2.22 -11.98
C ALA B 534 -7.17 -2.74 -13.39
N TYR B 535 -8.11 -3.52 -13.91
CA TYR B 535 -8.04 -4.08 -15.24
C TYR B 535 -8.91 -3.22 -16.11
N MET B 536 -8.41 -2.81 -17.29
CA MET B 536 -9.12 -1.83 -18.11
C MET B 536 -8.98 -1.97 -19.61
N ARG B 537 -9.94 -1.35 -20.30
CA ARG B 537 -9.95 -1.22 -21.74
C ARG B 537 -8.88 -0.21 -22.15
N THR B 538 -8.29 -0.40 -23.33
CA THR B 538 -7.30 0.48 -23.90
C THR B 538 -7.65 0.85 -25.33
N ASN B 539 -6.80 1.66 -25.99
CA ASN B 539 -6.90 1.94 -27.44
C ASN B 539 -5.84 1.20 -28.30
N ASN B 540 -5.16 0.21 -27.70
CA ASN B 540 -4.06 -0.49 -28.37
C ASN B 540 -4.33 -1.95 -28.72
N GLY B 541 -5.50 -2.46 -28.35
CA GLY B 541 -5.95 -3.83 -28.68
C GLY B 541 -5.92 -4.82 -27.52
N LYS B 542 -5.29 -4.43 -26.41
CA LYS B 542 -5.05 -5.28 -25.25
C LYS B 542 -5.85 -4.83 -24.01
N ILE B 543 -5.95 -5.72 -23.04
CA ILE B 543 -6.43 -5.36 -21.70
C ILE B 543 -5.22 -4.98 -20.84
N ALA B 544 -5.27 -3.80 -20.24
CA ALA B 544 -4.21 -3.33 -19.34
C ALA B 544 -4.62 -3.63 -17.91
N TYR B 545 -3.63 -3.77 -17.04
CA TYR B 545 -3.87 -3.80 -15.61
C TYR B 545 -2.79 -3.07 -14.85
N LEU B 546 -3.22 -2.25 -13.89
CA LEU B 546 -2.37 -1.41 -13.07
C LEU B 546 -2.50 -1.91 -11.65
N THR B 547 -1.39 -1.94 -10.92
CA THR B 547 -1.34 -2.47 -9.57
C THR B 547 -1.02 -1.34 -8.56
N SER B 548 -1.81 -1.29 -7.47
CA SER B 548 -1.49 -0.50 -6.28
C SER B 548 -1.24 -1.42 -5.09
N LYS B 549 -0.22 -1.11 -4.29
CA LYS B 549 0.10 -1.87 -3.06
C LYS B 549 -0.12 -1.02 -1.81
N ASP B 550 -0.84 0.09 -1.97
CA ASP B 550 -1.21 0.94 -0.83
C ASP B 550 -2.68 1.32 -0.93
N ALA B 551 -3.51 0.32 -1.25
CA ALA B 551 -4.98 0.47 -1.30
C ALA B 551 -5.51 1.56 -2.26
N GLY B 552 -4.74 1.85 -3.32
CA GLY B 552 -5.20 2.73 -4.39
C GLY B 552 -4.58 4.13 -4.43
N THR B 553 -3.75 4.44 -3.43
CA THR B 553 -3.10 5.75 -3.33
C THR B 553 -2.09 6.01 -4.49
N THR B 554 -1.29 5.00 -4.85
CA THR B 554 -0.35 5.11 -5.97
C THR B 554 -0.41 3.85 -6.78
N TRP B 555 -0.16 4.00 -8.10
CA TRP B 555 -0.40 2.96 -9.09
C TRP B 555 0.79 2.72 -9.94
N SER B 556 1.11 1.45 -10.16
CA SER B 556 2.21 1.05 -11.03
C SER B 556 1.97 1.47 -12.47
N ALA B 557 3.00 1.28 -13.28
CA ALA B 557 2.89 1.41 -14.73
C ALA B 557 2.08 0.24 -15.25
N PRO B 558 1.28 0.46 -16.34
CA PRO B 558 0.43 -0.62 -16.87
C PRO B 558 1.18 -1.83 -17.41
N GLU B 559 0.67 -3.02 -17.11
CA GLU B 559 1.08 -4.27 -17.74
C GLU B 559 -0.11 -4.70 -18.61
N TYR B 560 0.08 -5.68 -19.49
CA TYR B 560 -0.99 -6.14 -20.40
C TYR B 560 -1.14 -7.65 -20.38
N LEU B 561 -2.39 -8.11 -20.47
CA LEU B 561 -2.65 -9.55 -20.54
C LEU B 561 -2.18 -10.06 -21.90
N LYS B 562 -1.47 -11.17 -21.89
CA LYS B 562 -0.84 -11.70 -23.10
C LYS B 562 -1.74 -12.55 -23.97
N PHE B 563 -2.91 -12.92 -23.46
CA PHE B 563 -3.79 -13.92 -24.08
C PHE B 563 -5.13 -13.35 -24.60
N VAL B 564 -5.33 -12.03 -24.52
CA VAL B 564 -6.52 -11.40 -25.11
C VAL B 564 -6.03 -10.43 -26.17
N SER B 565 -6.67 -10.49 -27.34
CA SER B 565 -6.32 -9.66 -28.46
C SER B 565 -7.59 -9.19 -29.17
N ASN B 566 -7.86 -7.89 -29.00
CA ASN B 566 -9.10 -7.26 -29.37
C ASN B 566 -8.83 -6.14 -30.36
N PRO B 567 -9.90 -5.58 -30.98
CA PRO B 567 -9.67 -4.43 -31.84
C PRO B 567 -9.19 -3.21 -31.05
N SER B 568 -8.49 -2.30 -31.75
CA SER B 568 -7.93 -1.08 -31.14
C SER B 568 -8.92 -0.31 -30.24
N TYR B 569 -10.17 -0.22 -30.68
CA TYR B 569 -11.22 0.47 -29.90
C TYR B 569 -11.54 -0.16 -28.54
N GLY B 570 -11.44 -1.48 -28.42
CA GLY B 570 -11.59 -2.17 -27.16
C GLY B 570 -13.03 -2.28 -26.73
N THR B 571 -13.21 -2.99 -25.63
CA THR B 571 -14.54 -3.21 -25.05
C THR B 571 -14.38 -3.22 -23.53
N GLN B 572 -15.45 -2.81 -22.85
CA GLN B 572 -15.59 -2.97 -21.42
C GLN B 572 -15.35 -4.46 -21.04
N LEU B 573 -14.86 -4.66 -19.82
CA LEU B 573 -14.70 -6.00 -19.26
C LEU B 573 -15.42 -6.13 -17.90
N SER B 574 -15.52 -7.36 -17.39
CA SER B 574 -15.89 -7.60 -16.00
C SER B 574 -14.83 -8.49 -15.35
N ILE B 575 -14.40 -8.13 -14.14
CA ILE B 575 -13.55 -9.02 -13.36
C ILE B 575 -13.98 -8.90 -11.91
N ILE B 576 -14.09 -10.04 -11.24
CA ILE B 576 -14.52 -10.09 -9.84
C ILE B 576 -13.60 -10.98 -9.02
N ASN B 577 -13.52 -10.70 -7.71
CA ASN B 577 -12.96 -11.67 -6.77
C ASN B 577 -13.98 -12.80 -6.57
N TYR B 578 -13.48 -14.01 -6.31
CA TYR B 578 -14.33 -15.17 -6.03
C TYR B 578 -14.04 -15.67 -4.61
N SER B 579 -15.10 -16.06 -3.89
CA SER B 579 -15.01 -16.32 -2.45
C SER B 579 -14.38 -17.67 -2.09
N GLN B 580 -14.50 -18.65 -2.98
CA GLN B 580 -14.05 -20.00 -2.70
C GLN B 580 -12.71 -20.29 -3.38
N LEU B 581 -11.90 -21.14 -2.74
CA LEU B 581 -10.65 -21.60 -3.33
C LEU B 581 -10.90 -22.44 -4.57
N ILE B 582 -10.05 -22.28 -5.57
CA ILE B 582 -10.02 -23.13 -6.77
C ILE B 582 -8.60 -23.69 -6.84
N ASP B 583 -8.47 -25.01 -6.93
CA ASP B 583 -7.15 -25.69 -6.85
C ASP B 583 -6.34 -25.24 -5.61
N GLY B 584 -7.04 -25.04 -4.49
CA GLY B 584 -6.42 -24.60 -3.25
C GLY B 584 -5.91 -23.17 -3.22
N LYS B 585 -6.32 -22.36 -4.20
CA LYS B 585 -5.82 -21.00 -4.35
C LYS B 585 -6.96 -19.98 -4.42
N LYS B 586 -6.67 -18.77 -3.93
CA LYS B 586 -7.55 -17.64 -4.06
C LYS B 586 -7.70 -17.30 -5.56
N ALA B 587 -8.91 -16.94 -5.99
CA ALA B 587 -9.20 -16.81 -7.43
C ALA B 587 -9.95 -15.55 -7.84
N VAL B 588 -9.70 -15.12 -9.08
CA VAL B 588 -10.46 -14.08 -9.75
C VAL B 588 -11.02 -14.63 -11.04
N ILE B 589 -12.10 -14.02 -11.52
CA ILE B 589 -12.83 -14.47 -12.70
C ILE B 589 -13.03 -13.30 -13.62
N LEU B 590 -12.61 -13.45 -14.88
CA LEU B 590 -12.63 -12.37 -15.87
C LEU B 590 -13.56 -12.71 -17.04
N SER B 591 -14.37 -11.74 -17.46
CA SER B 591 -15.21 -11.86 -18.68
C SER B 591 -14.85 -10.78 -19.68
N THR B 592 -14.59 -11.16 -20.93
CA THR B 592 -14.22 -10.21 -22.02
C THR B 592 -14.45 -10.84 -23.39
N PRO B 593 -14.78 -10.02 -24.41
CA PRO B 593 -14.56 -10.53 -25.77
C PRO B 593 -13.07 -10.73 -26.03
N ASN B 594 -12.75 -11.53 -27.04
CA ASN B 594 -11.38 -11.88 -27.40
C ASN B 594 -11.30 -12.23 -28.86
N SER B 595 -11.25 -11.19 -29.68
CA SER B 595 -11.26 -11.30 -31.14
C SER B 595 -10.82 -9.98 -31.72
N THR B 596 -9.93 -10.02 -32.70
CA THR B 596 -9.55 -8.80 -33.43
C THR B 596 -10.55 -8.50 -34.56
N ASN B 597 -11.53 -9.38 -34.79
CA ASN B 597 -12.53 -9.17 -35.85
C ASN B 597 -13.75 -8.34 -35.41
N GLY B 598 -13.84 -8.00 -34.12
CA GLY B 598 -15.00 -7.31 -33.61
C GLY B 598 -15.26 -7.63 -32.15
N ARG B 599 -16.43 -7.22 -31.69
CA ARG B 599 -16.87 -7.55 -30.34
C ARG B 599 -17.51 -8.92 -30.40
N LYS B 600 -16.64 -9.91 -30.30
CA LYS B 600 -16.95 -11.32 -30.53
C LYS B 600 -16.09 -12.22 -29.61
N HIS B 601 -16.49 -13.49 -29.58
CA HIS B 601 -15.70 -14.55 -28.96
C HIS B 601 -15.50 -14.26 -27.46
N GLY B 602 -16.61 -14.17 -26.76
CA GLY B 602 -16.61 -13.99 -25.32
C GLY B 602 -15.96 -15.15 -24.62
N GLN B 603 -15.18 -14.84 -23.60
CA GLN B 603 -14.54 -15.86 -22.84
C GLN B 603 -14.64 -15.49 -21.39
N ILE B 604 -14.69 -16.53 -20.55
CA ILE B 604 -14.56 -16.39 -19.12
C ILE B 604 -13.24 -17.03 -18.74
N TRP B 605 -12.39 -16.30 -18.03
CA TRP B 605 -11.08 -16.76 -17.61
C TRP B 605 -11.04 -16.85 -16.10
N ILE B 606 -10.46 -17.93 -15.58
CA ILE B 606 -10.19 -18.08 -14.14
C ILE B 606 -8.70 -17.84 -13.94
N GLY B 607 -8.40 -16.94 -13.01
CA GLY B 607 -7.03 -16.62 -12.65
C GLY B 607 -6.80 -16.93 -11.18
N LEU B 608 -5.75 -17.70 -10.91
CA LEU B 608 -5.42 -18.10 -9.56
C LEU B 608 -4.25 -17.29 -9.07
N ILE B 609 -4.41 -16.74 -7.88
CA ILE B 609 -3.43 -15.83 -7.32
C ILE B 609 -2.32 -16.63 -6.65
N ASN B 610 -1.08 -16.28 -6.98
CA ASN B 610 0.11 -16.91 -6.41
C ASN B 610 0.58 -16.14 -5.20
N ASP B 611 1.47 -16.77 -4.44
CA ASP B 611 2.03 -16.18 -3.22
C ASP B 611 2.69 -14.79 -3.43
N ASP B 612 3.35 -14.62 -4.57
CA ASP B 612 3.96 -13.32 -4.95
C ASP B 612 2.98 -12.29 -5.58
N ASN B 613 1.68 -12.58 -5.54
CA ASN B 613 0.63 -11.75 -6.15
C ASN B 613 0.59 -11.68 -7.70
N THR B 614 1.39 -12.48 -8.41
CA THR B 614 1.14 -12.69 -9.84
C THR B 614 -0.04 -13.66 -9.95
N ILE B 615 -0.69 -13.65 -11.12
CA ILE B 615 -1.84 -14.49 -11.38
C ILE B 615 -1.52 -15.56 -12.40
N ASP B 616 -1.88 -16.81 -12.08
CA ASP B 616 -1.84 -17.94 -13.00
C ASP B 616 -3.20 -18.08 -13.73
N TRP B 617 -3.26 -17.64 -14.97
CA TRP B 617 -4.49 -17.65 -15.75
C TRP B 617 -4.70 -19.06 -16.31
N ARG B 618 -5.23 -19.94 -15.46
CA ARG B 618 -5.18 -21.39 -15.68
C ARG B 618 -6.27 -21.95 -16.56
N TYR B 619 -7.47 -21.36 -16.53
CA TYR B 619 -8.61 -21.92 -17.26
C TYR B 619 -9.29 -20.85 -18.07
N HIS B 620 -9.84 -21.24 -19.21
CA HIS B 620 -10.75 -20.38 -19.95
C HIS B 620 -11.88 -21.18 -20.51
N HIS B 621 -12.99 -20.48 -20.72
CA HIS B 621 -14.20 -21.06 -21.26
C HIS B 621 -14.78 -20.12 -22.33
N ASP B 622 -14.95 -20.64 -23.54
CA ASP B 622 -15.64 -19.91 -24.62
C ASP B 622 -17.14 -19.98 -24.43
N VAL B 623 -17.79 -18.82 -24.36
CA VAL B 623 -19.22 -18.73 -24.05
C VAL B 623 -20.09 -19.29 -25.18
N ASP B 624 -19.78 -18.92 -26.41
CA ASP B 624 -20.45 -19.48 -27.58
C ASP B 624 -19.36 -19.59 -28.66
N TYR B 625 -19.75 -19.79 -29.93
CA TYR B 625 -18.76 -19.89 -31.00
C TYR B 625 -18.05 -18.55 -31.25
N SER B 626 -16.88 -18.62 -31.89
CA SER B 626 -15.95 -17.53 -31.87
C SER B 626 -16.42 -16.34 -32.71
N ASN B 627 -17.26 -16.56 -33.71
CA ASN B 627 -17.78 -15.45 -34.51
C ASN B 627 -19.11 -14.87 -34.02
N TYR B 628 -19.61 -15.40 -32.92
CA TYR B 628 -20.85 -14.89 -32.30
C TYR B 628 -20.54 -13.61 -31.50
N GLY B 629 -21.51 -12.70 -31.45
CA GLY B 629 -21.34 -11.38 -30.82
C GLY B 629 -21.22 -11.47 -29.31
N TYR B 630 -20.36 -10.63 -28.76
CA TYR B 630 -20.15 -10.57 -27.31
C TYR B 630 -19.53 -9.22 -27.01
N SER B 631 -20.31 -8.35 -26.38
CA SER B 631 -19.84 -6.99 -26.09
C SER B 631 -19.70 -6.74 -24.56
N TYR B 632 -20.40 -5.77 -24.00
CA TYR B 632 -20.30 -5.50 -22.57
C TYR B 632 -20.86 -6.69 -21.75
N SER B 633 -20.26 -6.94 -20.59
CA SER B 633 -20.58 -8.09 -19.77
C SER B 633 -20.42 -7.79 -18.28
N THR B 634 -21.08 -8.60 -17.46
CA THR B 634 -21.00 -8.46 -16.02
C THR B 634 -21.10 -9.82 -15.35
N LEU B 635 -20.21 -10.04 -14.38
CA LEU B 635 -20.13 -11.26 -13.59
C LEU B 635 -20.57 -11.03 -12.15
N THR B 636 -21.24 -12.02 -11.56
CA THR B 636 -21.39 -12.07 -10.11
C THR B 636 -21.29 -13.50 -9.53
N GLU B 637 -20.78 -13.58 -8.32
CA GLU B 637 -20.82 -14.82 -7.57
C GLU B 637 -22.20 -14.96 -6.95
N LEU B 638 -22.87 -16.07 -7.26
CA LEU B 638 -24.17 -16.35 -6.67
C LEU B 638 -23.98 -16.87 -5.24
N PRO B 639 -24.97 -16.70 -4.34
CA PRO B 639 -24.89 -17.24 -2.98
C PRO B 639 -24.47 -18.71 -2.89
N ASN B 640 -24.97 -19.52 -3.83
CA ASN B 640 -24.56 -20.92 -3.94
C ASN B 640 -23.14 -21.17 -4.50
N HIS B 641 -22.37 -20.10 -4.79
CA HIS B 641 -21.01 -20.14 -5.35
C HIS B 641 -20.92 -20.56 -6.81
N GLU B 642 -22.06 -20.59 -7.51
CA GLU B 642 -22.05 -20.58 -8.96
C GLU B 642 -21.79 -19.14 -9.44
N ILE B 643 -21.71 -18.95 -10.75
CA ILE B 643 -21.37 -17.68 -11.36
C ILE B 643 -22.51 -17.25 -12.26
N GLY B 644 -22.94 -16.00 -12.09
CA GLY B 644 -23.92 -15.41 -12.98
C GLY B 644 -23.25 -14.52 -14.00
N LEU B 645 -23.74 -14.58 -15.24
CA LEU B 645 -23.25 -13.78 -16.32
C LEU B 645 -24.41 -13.16 -17.05
N MET B 646 -24.36 -11.84 -17.20
CA MET B 646 -25.24 -11.14 -18.08
C MET B 646 -24.34 -10.41 -19.07
N PHE B 647 -24.73 -10.42 -20.35
CA PHE B 647 -23.90 -9.84 -21.39
C PHE B 647 -24.69 -9.47 -22.63
N GLU B 648 -24.07 -8.61 -23.44
CA GLU B 648 -24.63 -8.14 -24.68
C GLU B 648 -24.26 -9.18 -25.69
N LYS B 649 -25.20 -10.02 -26.10
CA LYS B 649 -24.92 -11.07 -27.09
C LYS B 649 -25.11 -10.51 -28.52
N PHE B 650 -24.27 -9.53 -28.83
CA PHE B 650 -24.21 -8.90 -30.13
C PHE B 650 -22.96 -8.04 -30.14
N ASP B 651 -22.64 -7.48 -31.30
CA ASP B 651 -21.52 -6.54 -31.43
C ASP B 651 -22.10 -5.14 -31.30
N SER B 652 -21.87 -4.53 -30.13
CA SER B 652 -22.43 -3.19 -29.83
C SER B 652 -21.64 -2.03 -30.44
N TRP B 653 -20.52 -2.31 -31.08
CA TRP B 653 -19.72 -1.30 -31.82
C TRP B 653 -20.16 -1.17 -33.27
N SER B 654 -20.50 -2.30 -33.86
CA SER B 654 -20.90 -2.39 -35.25
C SER B 654 -22.13 -1.54 -35.55
N ARG B 655 -22.05 -0.76 -36.64
CA ARG B 655 -23.18 -0.01 -37.18
C ARG B 655 -24.23 -0.90 -37.81
N ASN B 656 -23.89 -2.16 -38.06
CA ASN B 656 -24.84 -3.13 -38.58
C ASN B 656 -25.75 -3.81 -37.52
N GLU B 657 -25.39 -3.71 -36.24
CA GLU B 657 -26.08 -4.42 -35.15
C GLU B 657 -26.71 -3.43 -34.14
N LEU B 658 -27.05 -2.24 -34.62
CA LEU B 658 -27.79 -1.24 -33.85
C LEU B 658 -29.25 -1.62 -33.71
N HIS B 659 -29.85 -1.14 -32.62
CA HIS B 659 -31.32 -1.12 -32.44
C HIS B 659 -31.95 -2.51 -32.56
N MET B 660 -31.36 -3.47 -31.87
CA MET B 660 -31.89 -4.86 -31.84
C MET B 660 -32.49 -5.19 -30.47
N LYS B 661 -33.61 -5.90 -30.50
CA LYS B 661 -34.34 -6.26 -29.27
C LYS B 661 -33.95 -7.62 -28.70
N ASN B 662 -34.05 -7.75 -27.37
CA ASN B 662 -33.90 -9.04 -26.69
C ASN B 662 -32.59 -9.79 -26.98
N VAL B 663 -31.51 -9.06 -26.81
CA VAL B 663 -30.18 -9.52 -27.13
C VAL B 663 -29.23 -9.41 -25.92
N VAL B 664 -29.77 -9.36 -24.69
CA VAL B 664 -28.91 -9.27 -23.47
C VAL B 664 -29.32 -10.35 -22.46
N PRO B 665 -28.82 -11.59 -22.63
CA PRO B 665 -29.21 -12.70 -21.76
C PRO B 665 -28.43 -12.80 -20.45
N TYR B 666 -29.01 -13.58 -19.53
CA TYR B 666 -28.41 -13.97 -18.26
C TYR B 666 -28.16 -15.46 -18.36
N ILE B 667 -26.97 -15.93 -18.01
CA ILE B 667 -26.64 -17.36 -17.93
C ILE B 667 -25.77 -17.61 -16.70
N THR B 668 -25.63 -18.88 -16.35
CA THR B 668 -24.91 -19.27 -15.15
C THR B 668 -23.95 -20.42 -15.45
N PHE B 669 -22.92 -20.50 -14.63
CA PHE B 669 -21.89 -21.51 -14.76
C PHE B 669 -21.51 -22.01 -13.39
N LYS B 670 -21.15 -23.30 -13.34
CA LYS B 670 -20.45 -23.88 -12.22
C LYS B 670 -18.99 -23.69 -12.53
N ILE B 671 -18.14 -23.72 -11.50
CA ILE B 671 -16.70 -23.59 -11.71
C ILE B 671 -16.23 -24.71 -12.65
N GLU B 672 -16.79 -25.91 -12.49
CA GLU B 672 -16.44 -27.06 -13.30
C GLU B 672 -16.79 -26.88 -14.78
N ASP B 673 -17.85 -26.13 -15.07
CA ASP B 673 -18.17 -25.74 -16.45
C ASP B 673 -17.10 -24.78 -17.02
N LEU B 674 -16.71 -23.79 -16.22
CA LEU B 674 -15.70 -22.80 -16.63
C LEU B 674 -14.29 -23.37 -16.80
N LYS B 675 -14.00 -24.52 -16.18
CA LYS B 675 -12.70 -25.19 -16.39
C LYS B 675 -12.56 -25.82 -17.77
N LYS B 676 -13.66 -25.95 -18.51
CA LYS B 676 -13.65 -26.59 -19.83
C LYS B 676 -13.66 -25.54 -20.92
N ASN B 677 -12.75 -25.61 -21.89
CA ASN B 677 -12.76 -24.67 -23.02
C ASN B 677 -14.14 -24.46 -23.65
#